data_7RBS
#
_entry.id   7RBS
#
_cell.length_a   153.673
_cell.length_b   220.870
_cell.length_c   232.787
_cell.angle_alpha   90.000
_cell.angle_beta   90.000
_cell.angle_gamma   90.000
#
_symmetry.space_group_name_H-M   'C 2 2 21'
#
loop_
_entity.id
_entity.type
_entity.pdbx_description
1 polymer 'Papain-like protease'
2 polymer 'Ubiquitin-like protein ISG15'
3 non-polymer 'ZINC ION'
4 water water
#
loop_
_entity_poly.entity_id
_entity_poly.type
_entity_poly.pdbx_seq_one_letter_code
_entity_poly.pdbx_strand_id
1 'polypeptide(L)'
;SNAEVRTIKVFTTVDNINLHTQVVDMSMTYGQQFGPTYLDGADVTKIKPHNSHEGKTFYVLPNDDTLRVEAFEYYHTTDP
SFLGRYMSALNHTKKWKYPQVNGLTSIKWADNNSYLATALLTLQQIELKFNPPALQDAYYRARAGEAANFCALILAYCNK
TVGELGDVRETMSYLFQHANLDSCKRVLNVVCKTCGQQQTTLKGVEAVMYMGTLSYEQFKKGVQIPCTCGKQATKYLVQQ
ESPFVMMSAPPAQYELKHGTFTCASEYTGNYQCGHYKHITSKETLYCIDGALLTKSSEYKGPITDVFYKENSYTTTIK
;
A,C,E,G,I
2 'polypeptide(L)'
;SNAGWDLTVKMLAGNEFQVSLSSSMSVSELKAQITQKIGVHAFQQRLAVHPSGVALQDRVPLASQGLGPGSTVLLVVDKC
DEPLSILVRNNKGRSSTYEVRLTQTVAHLKQQVSGLEGVQDDLFWLTFEGKPLEDQLPLGEYGLKPLSTVFMNLRLRGG
;
B,D,F,H,J
#
loop_
_chem_comp.id
_chem_comp.type
_chem_comp.name
_chem_comp.formula
ZN non-polymer 'ZINC ION' 'Zn 2'
#
# COMPACT_ATOMS: atom_id res chain seq x y z
N ARG A 6 -73.42 -32.81 25.36
CA ARG A 6 -73.15 -33.95 24.43
C ARG A 6 -71.72 -33.84 23.89
N THR A 7 -71.08 -34.99 23.62
CA THR A 7 -69.61 -35.16 23.40
C THR A 7 -69.32 -36.12 22.24
N ILE A 8 -68.09 -36.10 21.70
CA ILE A 8 -67.53 -37.12 20.75
C ILE A 8 -66.18 -37.61 21.28
N LYS A 9 -65.64 -38.67 20.68
CA LYS A 9 -64.32 -39.26 21.04
C LYS A 9 -63.33 -39.00 19.90
N VAL A 10 -62.18 -38.41 20.24
CA VAL A 10 -61.04 -38.11 19.31
C VAL A 10 -59.77 -38.68 19.91
N PHE A 11 -58.67 -38.64 19.13
CA PHE A 11 -57.30 -38.97 19.59
C PHE A 11 -56.43 -37.72 19.49
N THR A 12 -55.73 -37.40 20.58
CA THR A 12 -54.63 -36.41 20.60
C THR A 12 -53.32 -37.19 20.54
N THR A 13 -52.31 -36.63 19.87
CA THR A 13 -50.96 -37.23 19.74
C THR A 13 -49.94 -36.13 19.46
N VAL A 14 -48.65 -36.48 19.50
CA VAL A 14 -47.54 -35.61 19.03
C VAL A 14 -46.70 -36.36 18.00
N ASP A 15 -46.77 -37.70 17.97
CA ASP A 15 -45.90 -38.57 17.14
C ASP A 15 -46.73 -39.39 16.13
N ASN A 16 -48.05 -39.47 16.31
CA ASN A 16 -48.95 -40.38 15.55
C ASN A 16 -48.60 -41.84 15.86
N ILE A 17 -47.85 -42.08 16.94
CA ILE A 17 -47.52 -43.45 17.44
C ILE A 17 -48.32 -43.66 18.74
N ASN A 18 -48.02 -42.88 19.78
CA ASN A 18 -48.78 -42.89 21.05
C ASN A 18 -50.03 -42.02 20.88
N LEU A 19 -51.17 -42.66 20.57
CA LEU A 19 -52.52 -42.04 20.51
C LEU A 19 -53.14 -42.04 21.91
N HIS A 20 -53.70 -40.91 22.34
CA HIS A 20 -54.36 -40.72 23.66
C HIS A 20 -55.84 -40.45 23.43
N THR A 21 -56.72 -41.30 24.00
CA THR A 21 -58.18 -41.15 23.85
C THR A 21 -58.64 -39.95 24.70
N GLN A 22 -59.38 -39.05 24.06
CA GLN A 22 -59.95 -37.83 24.70
C GLN A 22 -61.44 -37.79 24.38
N VAL A 23 -62.25 -37.32 25.33
CA VAL A 23 -63.70 -37.05 25.14
C VAL A 23 -63.88 -35.53 25.12
N VAL A 24 -64.29 -34.95 23.98
CA VAL A 24 -64.37 -33.47 23.79
C VAL A 24 -65.82 -33.00 23.97
N ASP A 25 -66.02 -32.04 24.86
CA ASP A 25 -67.25 -31.23 24.99
C ASP A 25 -67.39 -30.44 23.68
N MET A 26 -68.51 -30.60 22.96
CA MET A 26 -68.72 -30.02 21.61
C MET A 26 -69.08 -28.53 21.71
N SER A 27 -69.41 -28.04 22.91
CA SER A 27 -69.76 -26.62 23.17
C SER A 27 -68.50 -25.74 23.17
N MET A 28 -67.35 -26.30 23.52
CA MET A 28 -66.05 -25.59 23.66
C MET A 28 -65.21 -25.82 22.40
N THR A 29 -64.32 -24.88 22.06
CA THR A 29 -63.29 -25.05 20.98
C THR A 29 -62.32 -26.16 21.40
N TYR A 30 -61.61 -26.78 20.45
CA TYR A 30 -60.48 -27.70 20.71
C TYR A 30 -59.46 -26.96 21.61
N GLY A 31 -59.19 -25.71 21.25
CA GLY A 31 -58.22 -24.83 21.95
C GLY A 31 -58.52 -24.73 23.43
N GLN A 32 -59.81 -24.70 23.79
CA GLN A 32 -60.30 -24.56 25.18
C GLN A 32 -60.09 -25.85 25.97
N GLN A 33 -59.70 -26.95 25.31
CA GLN A 33 -59.58 -28.29 25.94
C GLN A 33 -58.16 -28.85 25.82
N PHE A 34 -57.43 -28.56 24.74
CA PHE A 34 -56.08 -29.15 24.45
C PHE A 34 -55.00 -28.09 24.17
N GLY A 35 -55.35 -26.80 24.15
CA GLY A 35 -54.47 -25.75 23.63
C GLY A 35 -54.31 -25.89 22.12
N PRO A 36 -53.20 -25.43 21.51
CA PRO A 36 -53.03 -25.49 20.06
C PRO A 36 -53.28 -26.91 19.52
N THR A 37 -54.21 -27.04 18.56
CA THR A 37 -54.69 -28.34 17.99
C THR A 37 -54.75 -28.25 16.46
N TYR A 38 -54.33 -29.33 15.79
CA TYR A 38 -54.12 -29.41 14.32
C TYR A 38 -54.71 -30.73 13.78
N LEU A 39 -55.55 -30.64 12.74
CA LEU A 39 -56.05 -31.78 11.95
C LEU A 39 -55.33 -31.80 10.59
N ASP A 40 -54.36 -32.72 10.44
CA ASP A 40 -53.53 -32.91 9.20
C ASP A 40 -52.95 -31.56 8.76
N GLY A 41 -52.46 -30.75 9.71
CA GLY A 41 -51.78 -29.47 9.43
C GLY A 41 -52.70 -28.27 9.52
N ALA A 42 -54.01 -28.47 9.34
CA ALA A 42 -55.04 -27.42 9.51
C ALA A 42 -55.15 -27.07 11.00
N ASP A 43 -54.97 -25.79 11.35
CA ASP A 43 -55.08 -25.24 12.72
C ASP A 43 -56.56 -25.21 13.13
N VAL A 44 -57.02 -26.16 13.95
CA VAL A 44 -58.45 -26.30 14.38
C VAL A 44 -58.60 -25.86 15.84
N THR A 45 -57.71 -24.98 16.29
CA THR A 45 -57.61 -24.52 17.71
C THR A 45 -58.88 -23.77 18.08
N LYS A 46 -59.31 -22.82 17.25
CA LYS A 46 -60.42 -21.88 17.53
C LYS A 46 -61.72 -22.38 16.87
N ILE A 47 -61.76 -23.64 16.44
CA ILE A 47 -62.91 -24.32 15.76
C ILE A 47 -63.62 -25.21 16.79
N LYS A 48 -64.95 -25.17 16.84
CA LYS A 48 -65.79 -26.09 17.66
C LYS A 48 -65.79 -27.47 17.00
N PRO A 49 -65.80 -28.60 17.75
CA PRO A 49 -65.79 -29.92 17.13
C PRO A 49 -67.01 -30.16 16.22
N HIS A 50 -66.78 -30.58 14.96
CA HIS A 50 -67.82 -31.11 14.03
C HIS A 50 -68.10 -32.57 14.39
N ASN A 51 -69.21 -33.14 13.90
CA ASN A 51 -69.59 -34.56 14.14
C ASN A 51 -68.63 -35.47 13.35
N SER A 52 -68.20 -35.03 12.17
CA SER A 52 -67.32 -35.79 11.24
C SER A 52 -65.90 -35.99 11.82
N HIS A 53 -65.65 -35.57 13.06
CA HIS A 53 -64.33 -35.64 13.73
C HIS A 53 -64.21 -36.90 14.62
N GLU A 54 -65.33 -37.59 14.91
CA GLU A 54 -65.35 -38.82 15.74
C GLU A 54 -64.28 -39.80 15.24
N GLY A 55 -63.40 -40.26 16.12
CA GLY A 55 -62.42 -41.33 15.86
C GLY A 55 -61.16 -40.86 15.13
N LYS A 56 -61.08 -39.59 14.73
CA LYS A 56 -59.93 -39.02 13.98
C LYS A 56 -58.82 -38.58 14.96
N THR A 57 -57.58 -38.53 14.47
CA THR A 57 -56.35 -38.17 15.22
C THR A 57 -56.03 -36.69 15.02
N PHE A 58 -55.72 -35.99 16.12
CA PHE A 58 -55.31 -34.56 16.16
C PHE A 58 -53.93 -34.43 16.81
N TYR A 59 -53.03 -33.66 16.20
CA TYR A 59 -51.74 -33.25 16.81
C TYR A 59 -52.00 -32.09 17.78
N VAL A 60 -51.30 -32.07 18.92
CA VAL A 60 -51.40 -31.01 19.95
C VAL A 60 -49.99 -30.61 20.38
N LEU A 61 -49.84 -29.38 20.88
CA LEU A 61 -48.63 -28.87 21.57
C LEU A 61 -48.35 -29.75 22.78
N PRO A 62 -47.13 -30.32 22.95
CA PRO A 62 -46.77 -30.99 24.20
C PRO A 62 -47.00 -30.04 25.39
N ASN A 63 -47.95 -30.38 26.25
CA ASN A 63 -48.38 -29.53 27.40
C ASN A 63 -48.47 -30.40 28.66
N ASP A 64 -47.72 -31.51 28.72
CA ASP A 64 -47.54 -32.32 29.95
C ASP A 64 -46.34 -33.26 29.76
N ASP A 65 -45.78 -33.76 30.86
CA ASP A 65 -44.47 -34.45 30.91
C ASP A 65 -44.53 -35.75 30.08
N THR A 66 -45.72 -36.33 29.86
CA THR A 66 -45.88 -37.52 28.98
C THR A 66 -45.66 -37.10 27.52
N LEU A 67 -46.49 -36.19 27.01
CA LEU A 67 -46.43 -35.70 25.60
C LEU A 67 -45.02 -35.19 25.27
N ARG A 68 -44.36 -34.52 26.21
CA ARG A 68 -42.98 -33.96 26.06
C ARG A 68 -41.97 -35.10 25.82
N VAL A 69 -42.04 -36.17 26.60
CA VAL A 69 -41.16 -37.37 26.43
C VAL A 69 -41.41 -37.97 25.04
N GLU A 70 -42.68 -38.20 24.70
CA GLU A 70 -43.09 -38.82 23.41
C GLU A 70 -42.56 -38.01 22.23
N ALA A 71 -42.64 -36.68 22.34
CA ALA A 71 -42.33 -35.72 21.26
C ALA A 71 -40.82 -35.70 21.01
N PHE A 72 -40.02 -35.60 22.07
CA PHE A 72 -38.54 -35.57 21.96
C PHE A 72 -38.06 -36.91 21.40
N GLU A 73 -38.64 -38.01 21.87
CA GLU A 73 -38.25 -39.36 21.42
C GLU A 73 -38.47 -39.47 19.90
N TYR A 74 -39.46 -38.76 19.35
CA TYR A 74 -39.81 -38.81 17.90
C TYR A 74 -38.99 -37.79 17.08
N TYR A 75 -38.91 -36.52 17.53
CA TYR A 75 -38.35 -35.39 16.74
C TYR A 75 -36.91 -35.05 17.14
N HIS A 76 -36.45 -35.45 18.32
CA HIS A 76 -35.08 -35.15 18.84
C HIS A 76 -34.92 -33.62 18.96
N THR A 77 -35.97 -32.92 19.37
CA THR A 77 -35.97 -31.46 19.66
C THR A 77 -36.98 -31.16 20.76
N THR A 78 -36.65 -30.23 21.66
CA THR A 78 -37.56 -29.72 22.73
C THR A 78 -38.19 -28.41 22.27
N ASP A 79 -37.75 -27.89 21.11
CA ASP A 79 -38.16 -26.57 20.55
C ASP A 79 -39.68 -26.48 20.57
N PRO A 80 -40.28 -25.55 21.36
CA PRO A 80 -41.74 -25.50 21.52
C PRO A 80 -42.52 -25.10 20.25
N SER A 81 -41.86 -24.43 19.31
CA SER A 81 -42.48 -23.89 18.07
C SER A 81 -42.62 -24.98 16.99
N PHE A 82 -42.00 -26.14 17.17
CA PHE A 82 -41.72 -27.13 16.09
C PHE A 82 -43.01 -27.63 15.43
N LEU A 83 -43.96 -28.16 16.21
CA LEU A 83 -45.25 -28.68 15.67
C LEU A 83 -46.00 -27.56 14.96
N GLY A 84 -45.93 -26.34 15.49
CA GLY A 84 -46.47 -25.13 14.82
C GLY A 84 -45.97 -25.01 13.39
N ARG A 85 -44.64 -24.94 13.22
CA ARG A 85 -43.95 -24.71 11.91
C ARG A 85 -44.08 -25.95 11.02
N TYR A 86 -44.06 -27.14 11.62
CA TYR A 86 -44.20 -28.46 10.93
C TYR A 86 -45.60 -28.56 10.33
N MET A 87 -46.62 -28.42 11.17
CA MET A 87 -48.05 -28.53 10.79
C MET A 87 -48.39 -27.41 9.79
N SER A 88 -47.85 -26.21 9.98
CA SER A 88 -48.09 -25.05 9.07
C SER A 88 -47.54 -25.38 7.68
N ALA A 89 -46.35 -25.98 7.60
CA ALA A 89 -45.71 -26.44 6.35
C ALA A 89 -46.57 -27.54 5.71
N LEU A 90 -46.81 -28.64 6.45
CA LEU A 90 -47.62 -29.80 6.00
C LEU A 90 -48.93 -29.33 5.36
N ASN A 91 -49.58 -28.32 5.95
CA ASN A 91 -50.88 -27.81 5.48
C ASN A 91 -50.78 -27.40 4.01
N HIS A 92 -49.58 -27.00 3.56
CA HIS A 92 -49.28 -26.63 2.15
C HIS A 92 -48.76 -27.86 1.38
N THR A 93 -47.87 -28.68 1.95
CA THR A 93 -47.12 -29.75 1.23
C THR A 93 -48.05 -30.92 0.85
N LYS A 94 -49.17 -31.10 1.56
CA LYS A 94 -50.18 -32.14 1.23
C LYS A 94 -50.92 -31.73 -0.05
N LYS A 95 -50.90 -30.44 -0.40
CA LYS A 95 -51.61 -29.85 -1.57
C LYS A 95 -50.68 -29.77 -2.81
N TRP A 96 -49.39 -30.11 -2.67
CA TRP A 96 -48.47 -30.23 -3.83
C TRP A 96 -48.71 -31.57 -4.54
N LYS A 97 -48.25 -31.71 -5.78
CA LYS A 97 -48.30 -32.96 -6.58
C LYS A 97 -46.90 -33.55 -6.64
N TYR A 98 -46.79 -34.89 -6.61
CA TYR A 98 -45.51 -35.63 -6.45
C TYR A 98 -45.34 -36.63 -7.59
N PRO A 99 -45.01 -36.15 -8.81
CA PRO A 99 -44.77 -37.03 -9.96
C PRO A 99 -43.49 -37.84 -9.84
N GLN A 100 -43.50 -39.06 -10.38
CA GLN A 100 -42.42 -40.08 -10.26
C GLN A 100 -41.82 -40.39 -11.63
N VAL A 101 -40.59 -40.90 -11.63
CA VAL A 101 -39.97 -41.60 -12.79
C VAL A 101 -39.35 -42.90 -12.25
N ASN A 102 -40.07 -44.01 -12.39
CA ASN A 102 -39.64 -45.34 -11.90
C ASN A 102 -39.36 -45.25 -10.40
N GLY A 103 -40.24 -44.59 -9.65
CA GLY A 103 -40.19 -44.52 -8.18
C GLY A 103 -39.39 -43.34 -7.66
N LEU A 104 -38.67 -42.62 -8.52
CA LEU A 104 -37.97 -41.36 -8.16
C LEU A 104 -39.00 -40.23 -8.18
N THR A 105 -39.21 -39.57 -7.03
CA THR A 105 -40.31 -38.61 -6.75
C THR A 105 -39.78 -37.17 -6.72
N SER A 106 -40.25 -36.32 -7.64
CA SER A 106 -40.02 -34.85 -7.68
C SER A 106 -41.26 -34.14 -7.09
N ILE A 107 -41.32 -32.82 -7.25
CA ILE A 107 -42.51 -31.99 -6.89
C ILE A 107 -42.84 -31.07 -8.06
N LYS A 108 -44.08 -31.05 -8.52
CA LYS A 108 -44.61 -30.00 -9.43
C LYS A 108 -44.35 -28.64 -8.77
N TRP A 109 -43.74 -27.71 -9.51
CA TRP A 109 -43.41 -26.36 -9.01
C TRP A 109 -44.63 -25.74 -8.32
N ALA A 110 -44.43 -25.13 -7.16
CA ALA A 110 -45.43 -24.36 -6.39
C ALA A 110 -44.72 -23.68 -5.22
N ASP A 111 -45.04 -22.41 -4.94
CA ASP A 111 -44.52 -21.69 -3.75
C ASP A 111 -42.99 -21.83 -3.69
N ASN A 112 -42.33 -21.60 -4.82
CA ASN A 112 -40.85 -21.45 -4.94
C ASN A 112 -40.14 -22.70 -4.39
N ASN A 113 -40.69 -23.89 -4.65
CA ASN A 113 -40.29 -25.15 -3.99
C ASN A 113 -39.21 -25.90 -4.78
N SER A 114 -38.51 -25.26 -5.74
CA SER A 114 -37.57 -25.95 -6.64
C SER A 114 -36.40 -26.54 -5.82
N TYR A 115 -35.92 -25.82 -4.81
CA TYR A 115 -34.77 -26.23 -3.96
C TYR A 115 -35.17 -27.46 -3.14
N LEU A 116 -36.33 -27.43 -2.49
CA LEU A 116 -36.92 -28.58 -1.76
C LEU A 116 -36.98 -29.80 -2.69
N ALA A 117 -37.51 -29.61 -3.90
CA ALA A 117 -37.71 -30.68 -4.90
C ALA A 117 -36.36 -31.32 -5.23
N THR A 118 -35.36 -30.49 -5.50
CA THR A 118 -33.97 -30.92 -5.81
C THR A 118 -33.40 -31.69 -4.61
N ALA A 119 -33.54 -31.14 -3.39
CA ALA A 119 -33.09 -31.77 -2.14
C ALA A 119 -33.75 -33.15 -2.02
N LEU A 120 -35.08 -33.18 -2.16
CA LEU A 120 -35.94 -34.40 -2.03
C LEU A 120 -35.42 -35.49 -2.99
N LEU A 121 -35.24 -35.13 -4.26
CA LEU A 121 -34.73 -36.04 -5.31
C LEU A 121 -33.35 -36.57 -4.89
N THR A 122 -32.45 -35.67 -4.47
CA THR A 122 -31.07 -36.00 -4.05
C THR A 122 -31.13 -37.05 -2.92
N LEU A 123 -31.95 -36.81 -1.90
CA LEU A 123 -32.06 -37.64 -0.67
C LEU A 123 -32.45 -39.08 -1.04
N GLN A 124 -33.11 -39.28 -2.17
CA GLN A 124 -33.61 -40.61 -2.60
C GLN A 124 -32.51 -41.42 -3.26
N GLN A 125 -31.35 -40.83 -3.53
CA GLN A 125 -30.27 -41.47 -4.35
C GLN A 125 -28.96 -41.57 -3.57
N ILE A 126 -28.93 -41.15 -2.30
CA ILE A 126 -27.72 -41.26 -1.44
C ILE A 126 -28.07 -42.08 -0.21
N GLU A 127 -27.13 -42.90 0.28
CA GLU A 127 -27.33 -43.78 1.45
C GLU A 127 -27.10 -42.95 2.71
N LEU A 128 -28.19 -42.59 3.38
CA LEU A 128 -28.23 -41.65 4.53
C LEU A 128 -29.15 -42.25 5.58
N LYS A 129 -28.73 -42.24 6.85
CA LYS A 129 -29.50 -42.81 7.97
C LYS A 129 -29.78 -41.68 8.99
N PHE A 130 -31.03 -41.25 9.10
CA PHE A 130 -31.46 -40.17 10.02
C PHE A 130 -31.57 -40.71 11.45
N ASN A 131 -31.45 -39.81 12.44
CA ASN A 131 -31.47 -40.14 13.89
C ASN A 131 -32.85 -39.89 14.48
N PRO A 132 -33.50 -38.72 14.27
CA PRO A 132 -34.87 -38.52 14.74
C PRO A 132 -35.75 -39.55 14.04
N PRO A 133 -36.45 -40.44 14.76
CA PRO A 133 -37.36 -41.41 14.14
C PRO A 133 -38.35 -40.77 13.16
N ALA A 134 -38.81 -39.54 13.44
CA ALA A 134 -39.73 -38.74 12.61
C ALA A 134 -39.17 -38.59 11.18
N LEU A 135 -37.89 -38.22 11.05
CA LEU A 135 -37.19 -38.08 9.75
C LEU A 135 -37.01 -39.46 9.09
N GLN A 136 -36.52 -40.47 9.82
CA GLN A 136 -36.31 -41.84 9.27
C GLN A 136 -37.64 -42.39 8.74
N ASP A 137 -38.72 -42.30 9.52
CA ASP A 137 -40.06 -42.82 9.16
C ASP A 137 -40.50 -42.14 7.86
N ALA A 138 -40.47 -40.80 7.83
CA ALA A 138 -40.89 -39.95 6.69
C ALA A 138 -40.02 -40.21 5.45
N TYR A 139 -38.73 -40.48 5.66
CA TYR A 139 -37.68 -40.71 4.63
C TYR A 139 -37.96 -42.00 3.88
N TYR A 140 -38.42 -43.04 4.60
CA TYR A 140 -38.80 -44.36 4.05
C TYR A 140 -40.11 -44.25 3.27
N ARG A 141 -41.01 -43.34 3.66
CA ARG A 141 -42.33 -43.16 3.00
C ARG A 141 -42.18 -42.22 1.81
N ALA A 142 -41.13 -41.39 1.80
CA ALA A 142 -40.81 -40.47 0.69
C ALA A 142 -40.27 -41.28 -0.49
N ARG A 143 -39.42 -42.29 -0.22
CA ARG A 143 -38.84 -43.20 -1.24
C ARG A 143 -39.96 -44.02 -1.91
N ALA A 144 -41.02 -44.30 -1.16
CA ALA A 144 -42.20 -45.09 -1.59
C ALA A 144 -43.19 -44.22 -2.38
N GLY A 145 -43.10 -42.89 -2.29
CA GLY A 145 -43.89 -41.96 -3.14
C GLY A 145 -44.75 -40.97 -2.34
N GLU A 146 -45.14 -41.34 -1.12
CA GLU A 146 -45.94 -40.50 -0.17
C GLU A 146 -44.94 -39.58 0.56
N ALA A 147 -44.60 -38.43 -0.04
CA ALA A 147 -43.41 -37.63 0.33
C ALA A 147 -43.78 -36.24 0.87
N ALA A 148 -45.06 -35.90 0.97
CA ALA A 148 -45.53 -34.55 1.42
C ALA A 148 -45.09 -34.31 2.86
N ASN A 149 -45.10 -35.35 3.68
CA ASN A 149 -44.79 -35.29 5.12
C ASN A 149 -43.29 -35.03 5.30
N PHE A 150 -42.45 -35.75 4.55
CA PHE A 150 -40.97 -35.61 4.59
C PHE A 150 -40.58 -34.17 4.24
N CYS A 151 -41.25 -33.59 3.25
CA CYS A 151 -41.01 -32.19 2.78
C CYS A 151 -41.34 -31.19 3.90
N ALA A 152 -42.43 -31.41 4.63
CA ALA A 152 -42.86 -30.55 5.76
C ALA A 152 -41.85 -30.64 6.90
N LEU A 153 -41.37 -31.85 7.21
CA LEU A 153 -40.31 -32.09 8.23
C LEU A 153 -39.01 -31.41 7.78
N ILE A 154 -38.62 -31.57 6.52
CA ILE A 154 -37.38 -30.93 5.98
C ILE A 154 -37.51 -29.42 6.18
N LEU A 155 -38.66 -28.82 5.87
CA LEU A 155 -38.86 -27.35 5.99
C LEU A 155 -38.71 -26.97 7.46
N ALA A 156 -39.34 -27.71 8.37
CA ALA A 156 -39.35 -27.42 9.82
C ALA A 156 -37.94 -27.53 10.43
N TYR A 157 -37.28 -28.67 10.27
CA TYR A 157 -35.90 -28.96 10.74
C TYR A 157 -34.91 -27.91 10.22
N CYS A 158 -35.07 -27.46 8.98
CA CYS A 158 -34.18 -26.46 8.33
C CYS A 158 -34.60 -25.04 8.73
N ASN A 159 -35.78 -24.93 9.34
CA ASN A 159 -36.36 -23.66 9.87
C ASN A 159 -36.59 -22.71 8.70
N LYS A 160 -37.02 -23.24 7.55
CA LYS A 160 -37.52 -22.47 6.40
C LYS A 160 -39.05 -22.62 6.36
N THR A 161 -39.72 -21.75 5.61
CA THR A 161 -41.21 -21.73 5.43
C THR A 161 -41.55 -21.98 3.96
N VAL A 162 -42.77 -22.47 3.72
CA VAL A 162 -43.34 -22.55 2.35
C VAL A 162 -43.38 -21.13 1.78
N GLY A 163 -42.86 -20.94 0.57
CA GLY A 163 -42.80 -19.62 -0.09
C GLY A 163 -41.38 -19.06 -0.13
N GLU A 164 -40.66 -19.10 0.99
CA GLU A 164 -39.25 -18.62 1.10
C GLU A 164 -38.39 -19.28 0.02
N LEU A 165 -37.54 -18.50 -0.64
CA LEU A 165 -36.47 -19.00 -1.54
C LEU A 165 -35.47 -19.79 -0.69
N GLY A 166 -34.71 -20.69 -1.34
CA GLY A 166 -33.83 -21.65 -0.63
C GLY A 166 -32.59 -22.04 -1.41
N ASP A 167 -31.62 -22.59 -0.67
CA ASP A 167 -30.30 -23.06 -1.17
C ASP A 167 -30.22 -24.56 -0.85
N VAL A 168 -29.95 -25.39 -1.87
CA VAL A 168 -29.90 -26.88 -1.71
C VAL A 168 -28.76 -27.24 -0.77
N ARG A 169 -27.59 -26.61 -0.91
CA ARG A 169 -26.41 -26.93 -0.07
C ARG A 169 -26.68 -26.54 1.39
N GLU A 170 -27.33 -25.39 1.62
CA GLU A 170 -27.68 -24.95 3.00
C GLU A 170 -28.57 -26.04 3.60
N THR A 171 -29.61 -26.46 2.87
CA THR A 171 -30.63 -27.45 3.31
C THR A 171 -29.95 -28.78 3.68
N MET A 172 -29.07 -29.32 2.82
CA MET A 172 -28.35 -30.60 3.09
C MET A 172 -27.46 -30.44 4.32
N SER A 173 -26.83 -29.28 4.48
CA SER A 173 -25.97 -28.93 5.65
C SER A 173 -26.78 -29.01 6.95
N TYR A 174 -28.03 -28.52 6.95
CA TYR A 174 -28.95 -28.51 8.12
C TYR A 174 -29.42 -29.94 8.44
N LEU A 175 -29.79 -30.70 7.40
CA LEU A 175 -30.27 -32.11 7.53
C LEU A 175 -29.13 -33.01 8.03
N PHE A 176 -27.92 -32.86 7.48
CA PHE A 176 -26.78 -33.76 7.77
C PHE A 176 -26.45 -33.74 9.27
N GLN A 177 -26.86 -32.69 9.99
CA GLN A 177 -26.68 -32.56 11.46
C GLN A 177 -27.56 -33.59 12.18
N HIS A 178 -28.66 -34.01 11.55
CA HIS A 178 -29.68 -34.96 12.08
C HIS A 178 -29.45 -36.37 11.52
N ALA A 179 -28.35 -36.59 10.81
CA ALA A 179 -27.98 -37.91 10.22
C ALA A 179 -26.79 -38.50 10.96
N ASN A 180 -26.70 -39.83 11.00
CA ASN A 180 -25.57 -40.58 11.61
C ASN A 180 -24.46 -40.73 10.57
N LEU A 181 -23.43 -39.88 10.68
CA LEU A 181 -22.27 -39.80 9.75
C LEU A 181 -20.98 -40.09 10.52
N ASP A 182 -21.09 -40.84 11.63
CA ASP A 182 -19.97 -41.06 12.59
C ASP A 182 -18.92 -41.98 11.92
N SER A 183 -19.35 -42.94 11.11
CA SER A 183 -18.48 -43.91 10.38
C SER A 183 -17.77 -43.23 9.21
N CYS A 184 -18.19 -42.03 8.82
CA CYS A 184 -17.59 -41.25 7.70
C CYS A 184 -16.26 -40.62 8.15
N LYS A 185 -15.22 -40.78 7.32
CA LYS A 185 -13.83 -40.33 7.62
C LYS A 185 -13.18 -39.86 6.32
N ARG A 186 -12.56 -38.69 6.35
CA ARG A 186 -11.84 -38.09 5.20
C ARG A 186 -10.43 -37.72 5.67
N VAL A 187 -9.39 -38.07 4.90
CA VAL A 187 -7.98 -37.68 5.15
C VAL A 187 -7.46 -36.86 3.96
N LEU A 188 -7.03 -35.63 4.21
CA LEU A 188 -6.49 -34.68 3.20
C LEU A 188 -5.00 -34.44 3.47
N ASN A 189 -4.25 -34.06 2.43
CA ASN A 189 -2.89 -33.48 2.54
C ASN A 189 -2.90 -32.09 1.91
N VAL A 190 -2.50 -31.08 2.67
CA VAL A 190 -2.30 -29.69 2.17
C VAL A 190 -0.79 -29.50 2.01
N VAL A 191 -0.33 -29.15 0.81
CA VAL A 191 1.12 -29.14 0.43
C VAL A 191 1.49 -27.69 0.04
N CYS A 192 1.90 -26.91 1.03
CA CYS A 192 2.53 -25.57 0.89
C CYS A 192 4.01 -25.76 0.57
N LYS A 193 4.74 -24.66 0.38
CA LYS A 193 6.22 -24.70 0.20
C LYS A 193 6.91 -24.06 1.42
N THR A 194 6.12 -23.51 2.37
CA THR A 194 6.61 -22.77 3.56
C THR A 194 6.09 -23.41 4.85
N CYS A 195 4.82 -23.85 4.89
CA CYS A 195 4.22 -24.66 5.98
C CYS A 195 4.72 -26.11 5.91
N GLY A 196 5.18 -26.55 4.72
CA GLY A 196 5.50 -27.95 4.40
C GLY A 196 4.26 -28.73 3.99
N GLN A 197 4.19 -30.01 4.35
CA GLN A 197 3.01 -30.89 4.13
C GLN A 197 2.28 -31.08 5.46
N GLN A 198 0.96 -30.92 5.47
CA GLN A 198 0.09 -31.17 6.66
C GLN A 198 -1.06 -32.11 6.29
N GLN A 199 -1.24 -33.16 7.09
CA GLN A 199 -2.30 -34.19 6.95
C GLN A 199 -3.34 -34.01 8.05
N THR A 200 -4.59 -33.72 7.68
CA THR A 200 -5.74 -33.54 8.60
C THR A 200 -6.76 -34.67 8.38
N THR A 201 -7.26 -35.28 9.47
CA THR A 201 -8.35 -36.30 9.44
C THR A 201 -9.66 -35.64 9.89
N LEU A 202 -10.69 -35.70 9.04
CA LEU A 202 -12.03 -35.12 9.30
C LEU A 202 -13.04 -36.26 9.55
N LYS A 203 -14.08 -35.98 10.34
CA LYS A 203 -15.16 -36.93 10.71
C LYS A 203 -16.52 -36.27 10.48
N GLY A 204 -17.56 -37.07 10.27
CA GLY A 204 -18.96 -36.58 10.16
C GLY A 204 -19.16 -35.67 8.96
N VAL A 205 -19.90 -34.59 9.15
CA VAL A 205 -20.43 -33.73 8.05
C VAL A 205 -19.28 -33.26 7.15
N GLU A 206 -18.14 -32.90 7.75
CA GLU A 206 -16.97 -32.31 7.04
C GLU A 206 -16.28 -33.37 6.17
N ALA A 207 -16.50 -34.65 6.46
CA ALA A 207 -15.87 -35.77 5.74
C ALA A 207 -16.59 -36.01 4.41
N VAL A 208 -17.77 -35.44 4.20
CA VAL A 208 -18.64 -35.72 3.00
C VAL A 208 -18.97 -34.44 2.23
N MET A 209 -18.74 -33.24 2.77
CA MET A 209 -19.00 -31.97 2.03
C MET A 209 -17.70 -31.23 1.77
N TYR A 210 -17.47 -30.81 0.52
CA TYR A 210 -16.38 -29.87 0.14
C TYR A 210 -16.96 -28.79 -0.77
N MET A 211 -16.54 -27.53 -0.55
CA MET A 211 -16.93 -26.35 -1.36
C MET A 211 -15.67 -25.79 -2.04
N GLY A 212 -15.62 -25.77 -3.37
CA GLY A 212 -14.42 -25.34 -4.12
C GLY A 212 -14.35 -25.94 -5.51
N THR A 213 -14.75 -27.20 -5.65
CA THR A 213 -14.77 -27.94 -6.95
C THR A 213 -15.98 -28.89 -6.99
N LEU A 214 -16.54 -29.09 -8.19
CA LEU A 214 -17.61 -30.08 -8.48
C LEU A 214 -16.99 -31.45 -8.76
N SER A 215 -15.78 -31.48 -9.31
CA SER A 215 -15.08 -32.72 -9.72
C SER A 215 -14.60 -33.48 -8.49
N TYR A 216 -14.93 -34.77 -8.40
CA TYR A 216 -14.38 -35.70 -7.38
C TYR A 216 -13.01 -36.15 -7.86
N GLU A 217 -12.86 -36.31 -9.18
CA GLU A 217 -11.61 -36.82 -9.81
C GLU A 217 -10.50 -35.77 -9.67
N GLN A 218 -10.85 -34.48 -9.67
CA GLN A 218 -9.90 -33.36 -9.47
C GLN A 218 -9.43 -33.34 -8.01
N PHE A 219 -10.38 -33.39 -7.06
CA PHE A 219 -10.13 -33.40 -5.60
C PHE A 219 -9.16 -34.54 -5.25
N LYS A 220 -9.17 -35.63 -6.01
CA LYS A 220 -8.33 -36.84 -5.77
C LYS A 220 -6.87 -36.59 -6.21
N LYS A 221 -6.64 -35.74 -7.21
CA LYS A 221 -5.29 -35.49 -7.78
C LYS A 221 -4.85 -34.05 -7.51
N GLY A 222 -5.70 -33.22 -6.89
CA GLY A 222 -5.27 -31.98 -6.22
C GLY A 222 -5.92 -30.72 -6.77
N VAL A 223 -6.30 -29.79 -5.87
CA VAL A 223 -6.91 -28.47 -6.22
C VAL A 223 -6.09 -27.36 -5.53
N GLN A 224 -5.89 -26.24 -6.24
CA GLN A 224 -5.14 -25.07 -5.72
C GLN A 224 -6.08 -24.31 -4.78
N ILE A 225 -5.64 -24.02 -3.55
CA ILE A 225 -6.35 -23.13 -2.60
C ILE A 225 -5.36 -22.09 -2.09
N PRO A 226 -5.82 -20.87 -1.73
CA PRO A 226 -4.95 -19.88 -1.08
C PRO A 226 -4.70 -20.29 0.38
N CYS A 227 -3.44 -20.23 0.82
CA CYS A 227 -3.00 -20.63 2.19
C CYS A 227 -2.78 -19.38 3.06
N THR A 228 -2.63 -19.58 4.38
CA THR A 228 -2.31 -18.53 5.40
C THR A 228 -0.98 -17.85 5.05
N CYS A 229 -0.03 -18.60 4.50
CA CYS A 229 1.37 -18.17 4.21
C CYS A 229 1.46 -17.42 2.88
N GLY A 230 0.42 -16.66 2.50
CA GLY A 230 0.43 -15.78 1.32
C GLY A 230 0.03 -16.51 0.05
N LYS A 231 0.89 -17.39 -0.47
CA LYS A 231 0.76 -17.97 -1.83
C LYS A 231 -0.09 -19.25 -1.80
N GLN A 232 0.02 -20.08 -2.86
CA GLN A 232 -0.94 -21.15 -3.21
C GLN A 232 -0.41 -22.53 -2.81
N ALA A 233 -1.13 -23.20 -1.91
CA ALA A 233 -0.93 -24.63 -1.54
C ALA A 233 -1.78 -25.52 -2.45
N THR A 234 -1.51 -26.82 -2.44
CA THR A 234 -2.31 -27.87 -3.13
C THR A 234 -2.95 -28.75 -2.06
N LYS A 235 -4.30 -28.80 -2.02
CA LYS A 235 -5.10 -29.75 -1.20
C LYS A 235 -5.46 -30.94 -2.07
N TYR A 236 -5.22 -32.17 -1.61
CA TYR A 236 -5.66 -33.39 -2.32
C TYR A 236 -6.15 -34.45 -1.32
N LEU A 237 -6.94 -35.41 -1.83
CA LEU A 237 -7.66 -36.43 -1.03
C LEU A 237 -6.82 -37.71 -0.94
N VAL A 238 -6.54 -38.14 0.29
CA VAL A 238 -5.56 -39.23 0.63
C VAL A 238 -6.34 -40.50 0.94
N GLN A 239 -7.44 -40.38 1.70
CA GLN A 239 -8.35 -41.51 2.01
C GLN A 239 -9.76 -40.98 2.25
N GLN A 240 -10.77 -41.73 1.81
CA GLN A 240 -12.21 -41.38 1.95
C GLN A 240 -12.99 -42.65 2.27
N GLU A 241 -13.74 -42.65 3.38
CA GLU A 241 -14.62 -43.77 3.81
C GLU A 241 -16.01 -43.23 4.13
N SER A 242 -16.90 -43.23 3.14
CA SER A 242 -18.32 -42.82 3.29
C SER A 242 -19.13 -43.44 2.15
N PRO A 243 -20.46 -43.62 2.35
CA PRO A 243 -21.34 -44.13 1.29
C PRO A 243 -21.57 -43.19 0.10
N PHE A 244 -21.36 -41.87 0.30
CA PHE A 244 -21.44 -40.82 -0.75
C PHE A 244 -20.45 -39.71 -0.43
N VAL A 245 -20.24 -38.80 -1.38
CA VAL A 245 -19.56 -37.50 -1.17
C VAL A 245 -20.37 -36.44 -1.91
N MET A 246 -20.44 -35.25 -1.32
CA MET A 246 -21.06 -34.03 -1.90
C MET A 246 -19.94 -33.08 -2.30
N MET A 247 -19.90 -32.66 -3.56
CA MET A 247 -18.89 -31.71 -4.10
C MET A 247 -19.65 -30.49 -4.63
N SER A 248 -19.42 -29.33 -4.01
CA SER A 248 -20.14 -28.08 -4.35
C SER A 248 -19.12 -27.03 -4.79
N ALA A 249 -19.60 -26.01 -5.52
CA ALA A 249 -18.80 -24.87 -6.03
C ALA A 249 -19.77 -23.83 -6.57
N PRO A 250 -19.35 -22.54 -6.64
CA PRO A 250 -20.22 -21.51 -7.20
C PRO A 250 -20.74 -21.92 -8.57
N PRO A 251 -22.02 -21.67 -8.91
CA PRO A 251 -22.58 -22.11 -10.19
C PRO A 251 -21.65 -21.79 -11.36
N ALA A 252 -21.28 -22.82 -12.13
CA ALA A 252 -20.36 -22.75 -13.27
C ALA A 252 -20.85 -23.70 -14.37
N GLN A 253 -20.69 -23.28 -15.62
CA GLN A 253 -20.95 -24.12 -16.81
C GLN A 253 -20.08 -25.38 -16.67
N TYR A 254 -20.71 -26.53 -16.51
CA TYR A 254 -20.05 -27.83 -16.23
C TYR A 254 -20.71 -28.90 -17.10
N GLU A 255 -19.87 -29.78 -17.66
CA GLU A 255 -20.28 -30.96 -18.47
C GLU A 255 -20.43 -32.16 -17.54
N LEU A 256 -21.62 -32.78 -17.53
CA LEU A 256 -21.90 -34.00 -16.75
C LEU A 256 -21.85 -35.21 -17.71
N LYS A 257 -20.88 -36.10 -17.54
CA LYS A 257 -20.72 -37.34 -18.34
C LYS A 257 -21.48 -38.47 -17.62
N HIS A 258 -22.39 -39.13 -18.34
CA HIS A 258 -23.25 -40.24 -17.86
C HIS A 258 -22.39 -41.35 -17.25
N GLY A 259 -22.80 -41.87 -16.09
CA GLY A 259 -22.15 -42.98 -15.38
C GLY A 259 -20.98 -42.54 -14.49
N THR A 260 -20.64 -41.25 -14.46
CA THR A 260 -19.44 -40.73 -13.76
C THR A 260 -19.82 -39.98 -12.48
N PHE A 261 -21.11 -39.97 -12.13
CA PHE A 261 -21.67 -39.26 -10.95
C PHE A 261 -23.06 -39.84 -10.64
N THR A 262 -23.59 -39.57 -9.44
CA THR A 262 -24.90 -40.06 -8.97
C THR A 262 -25.99 -39.08 -9.43
N CYS A 263 -25.93 -37.84 -8.93
CA CYS A 263 -26.87 -36.75 -9.30
C CYS A 263 -26.23 -35.39 -9.02
N ALA A 264 -26.83 -34.31 -9.54
CA ALA A 264 -26.27 -32.93 -9.45
C ALA A 264 -27.39 -31.88 -9.43
N SER A 265 -27.10 -30.71 -8.86
CA SER A 265 -27.99 -29.52 -8.77
C SER A 265 -27.55 -28.49 -9.80
N GLU A 266 -28.47 -28.02 -10.63
CA GLU A 266 -28.24 -26.91 -11.59
C GLU A 266 -28.94 -25.65 -11.06
N TYR A 267 -28.21 -24.53 -11.03
CA TYR A 267 -28.72 -23.21 -10.60
C TYR A 267 -28.61 -22.20 -11.73
N THR A 268 -29.75 -21.67 -12.17
CA THR A 268 -29.88 -20.64 -13.22
C THR A 268 -30.48 -19.39 -12.56
N GLY A 269 -29.67 -18.34 -12.40
CA GLY A 269 -30.06 -17.08 -11.74
C GLY A 269 -28.88 -16.43 -11.05
N ASN A 270 -29.15 -15.65 -10.00
CA ASN A 270 -28.11 -14.86 -9.27
C ASN A 270 -28.36 -15.03 -7.77
N TYR A 271 -27.79 -14.15 -6.94
CA TYR A 271 -27.88 -14.21 -5.45
C TYR A 271 -29.09 -13.39 -4.97
N GLN A 272 -30.01 -13.04 -5.88
CA GLN A 272 -31.31 -12.40 -5.55
C GLN A 272 -32.43 -13.41 -5.82
N CYS A 273 -32.62 -13.76 -7.09
CA CYS A 273 -33.64 -14.73 -7.59
C CYS A 273 -32.91 -15.78 -8.42
N GLY A 274 -33.48 -16.98 -8.51
CA GLY A 274 -32.90 -18.11 -9.26
C GLY A 274 -33.81 -19.32 -9.23
N HIS A 275 -33.41 -20.39 -9.92
CA HIS A 275 -34.23 -21.61 -10.10
C HIS A 275 -33.31 -22.83 -10.21
N TYR A 276 -33.67 -23.91 -9.52
CA TYR A 276 -32.92 -25.17 -9.46
C TYR A 276 -33.55 -26.19 -10.40
N LYS A 277 -32.72 -26.96 -11.10
CA LYS A 277 -33.12 -28.21 -11.80
C LYS A 277 -32.26 -29.32 -11.23
N HIS A 278 -32.77 -30.55 -11.26
CA HIS A 278 -32.03 -31.77 -10.84
C HIS A 278 -31.58 -32.56 -12.07
N ILE A 279 -30.31 -32.96 -12.12
CA ILE A 279 -29.75 -33.86 -13.18
C ILE A 279 -29.26 -35.13 -12.48
N THR A 280 -29.75 -36.29 -12.93
CA THR A 280 -29.41 -37.63 -12.38
C THR A 280 -28.99 -38.55 -13.52
N SER A 281 -28.04 -39.45 -13.25
CA SER A 281 -27.51 -40.43 -14.22
C SER A 281 -28.17 -41.78 -13.96
N LYS A 282 -29.24 -42.08 -14.71
CA LYS A 282 -29.90 -43.41 -14.77
C LYS A 282 -29.35 -44.17 -15.99
N GLU A 283 -30.22 -44.68 -16.87
CA GLU A 283 -29.82 -45.41 -18.11
C GLU A 283 -29.24 -44.40 -19.12
N THR A 284 -29.69 -43.16 -19.03
CA THR A 284 -29.16 -41.95 -19.73
C THR A 284 -29.21 -40.79 -18.73
N LEU A 285 -28.97 -39.56 -19.16
CA LEU A 285 -29.04 -38.36 -18.28
C LEU A 285 -30.47 -37.85 -18.26
N TYR A 286 -31.06 -37.75 -17.06
CA TYR A 286 -32.38 -37.12 -16.82
C TYR A 286 -32.13 -35.68 -16.38
N CYS A 287 -32.92 -34.74 -16.89
CA CYS A 287 -33.04 -33.36 -16.37
C CYS A 287 -34.47 -33.17 -15.85
N ILE A 288 -34.63 -33.13 -14.52
CA ILE A 288 -35.96 -33.05 -13.81
C ILE A 288 -36.16 -31.62 -13.30
N ASP A 289 -36.90 -30.81 -14.06
CA ASP A 289 -37.33 -29.45 -13.68
C ASP A 289 -38.73 -29.54 -13.06
N GLY A 290 -38.80 -29.92 -11.78
CA GLY A 290 -40.08 -30.10 -11.08
C GLY A 290 -40.87 -31.27 -11.64
N ALA A 291 -41.91 -30.99 -12.43
CA ALA A 291 -42.81 -32.01 -13.03
C ALA A 291 -42.30 -32.46 -14.40
N LEU A 292 -41.53 -31.60 -15.08
CA LEU A 292 -41.06 -31.78 -16.48
C LEU A 292 -39.80 -32.68 -16.47
N LEU A 293 -39.76 -33.68 -17.35
CA LEU A 293 -38.59 -34.60 -17.49
C LEU A 293 -38.09 -34.53 -18.93
N THR A 294 -36.77 -34.53 -19.10
CA THR A 294 -36.05 -34.46 -20.41
C THR A 294 -34.85 -35.40 -20.36
N LYS A 295 -34.69 -36.27 -21.36
CA LYS A 295 -33.53 -37.21 -21.44
C LYS A 295 -32.57 -36.70 -22.51
N SER A 296 -31.27 -36.94 -22.30
CA SER A 296 -30.17 -36.62 -23.26
C SER A 296 -28.95 -37.48 -22.94
N SER A 297 -28.19 -37.87 -23.96
CA SER A 297 -26.94 -38.68 -23.82
C SER A 297 -25.83 -37.82 -23.20
N GLU A 298 -25.91 -36.49 -23.37
CA GLU A 298 -24.92 -35.53 -22.81
C GLU A 298 -25.65 -34.32 -22.21
N TYR A 299 -25.00 -33.64 -21.26
CA TYR A 299 -25.56 -32.45 -20.55
C TYR A 299 -24.46 -31.47 -20.18
N LYS A 300 -24.71 -30.19 -20.45
CA LYS A 300 -23.89 -29.03 -20.08
C LYS A 300 -24.85 -27.99 -19.47
N GLY A 301 -24.43 -27.29 -18.42
CA GLY A 301 -25.29 -26.29 -17.73
C GLY A 301 -24.66 -25.80 -16.43
N PRO A 302 -25.26 -24.78 -15.77
CA PRO A 302 -24.69 -24.21 -14.56
C PRO A 302 -24.90 -25.12 -13.33
N ILE A 303 -23.95 -26.01 -13.08
CA ILE A 303 -23.97 -26.98 -11.95
C ILE A 303 -23.34 -26.31 -10.73
N THR A 304 -23.91 -26.54 -9.55
CA THR A 304 -23.43 -25.97 -8.26
C THR A 304 -23.10 -27.09 -7.27
N ASP A 305 -23.82 -28.21 -7.29
CA ASP A 305 -23.62 -29.37 -6.37
C ASP A 305 -23.57 -30.66 -7.20
N VAL A 306 -22.64 -31.57 -6.91
CA VAL A 306 -22.55 -32.92 -7.56
C VAL A 306 -22.30 -34.00 -6.49
N PHE A 307 -23.17 -35.01 -6.43
CA PHE A 307 -23.08 -36.16 -5.49
C PHE A 307 -22.46 -37.34 -6.23
N TYR A 308 -21.52 -38.02 -5.59
CA TYR A 308 -20.87 -39.25 -6.12
C TYR A 308 -21.16 -40.42 -5.17
N LYS A 309 -21.17 -41.63 -5.73
CA LYS A 309 -21.21 -42.92 -4.99
C LYS A 309 -19.78 -43.19 -4.49
N GLU A 310 -19.62 -43.60 -3.23
CA GLU A 310 -18.30 -44.00 -2.66
C GLU A 310 -18.49 -45.14 -1.65
N ASN A 311 -17.41 -45.88 -1.39
CA ASN A 311 -17.36 -46.93 -0.33
CA ASN A 311 -17.34 -46.96 -0.36
C ASN A 311 -16.12 -46.67 0.54
N SER A 312 -14.93 -46.88 -0.02
CA SER A 312 -13.62 -46.72 0.64
C SER A 312 -12.56 -46.52 -0.46
N TYR A 313 -11.93 -45.35 -0.48
CA TYR A 313 -10.87 -44.96 -1.45
C TYR A 313 -9.59 -44.62 -0.68
N THR A 314 -8.47 -45.22 -1.10
CA THR A 314 -7.08 -44.84 -0.69
C THR A 314 -6.33 -44.37 -1.95
N THR A 315 -5.57 -43.29 -1.84
CA THR A 315 -4.82 -42.65 -2.96
C THR A 315 -3.59 -43.50 -3.28
N THR A 316 -2.95 -43.23 -4.43
CA THR A 316 -1.69 -43.87 -4.91
C THR A 316 -0.63 -42.78 -5.19
N ILE A 317 -0.18 -42.08 -4.13
CA ILE A 317 0.73 -40.90 -4.21
C ILE A 317 1.71 -40.98 -3.02
N ALA B 3 -40.73 -44.45 28.47
CA ALA B 3 -40.32 -44.09 29.85
C ALA B 3 -39.57 -42.75 29.86
N GLY B 4 -40.01 -41.83 30.72
CA GLY B 4 -39.23 -40.65 31.18
C GLY B 4 -38.57 -40.92 32.53
N TRP B 5 -37.70 -40.02 32.99
CA TRP B 5 -36.93 -40.17 34.25
C TRP B 5 -36.36 -38.84 34.72
N ASP B 6 -36.10 -38.73 36.01
CA ASP B 6 -35.68 -37.46 36.68
C ASP B 6 -34.23 -37.59 37.17
N LEU B 7 -33.48 -36.50 37.03
CA LEU B 7 -32.04 -36.39 37.43
C LEU B 7 -31.90 -35.27 38.47
N THR B 8 -30.97 -35.44 39.41
CA THR B 8 -30.63 -34.42 40.46
C THR B 8 -29.36 -33.67 40.03
N VAL B 9 -29.43 -32.34 39.98
CA VAL B 9 -28.28 -31.46 39.65
C VAL B 9 -27.80 -30.81 40.95
N LYS B 10 -26.62 -31.21 41.43
CA LYS B 10 -25.91 -30.55 42.56
C LYS B 10 -25.07 -29.41 41.98
N MET B 11 -25.25 -28.19 42.51
CA MET B 11 -24.39 -27.00 42.21
C MET B 11 -23.27 -26.93 43.24
N LEU B 12 -22.23 -26.14 42.98
CA LEU B 12 -21.10 -25.93 43.92
C LEU B 12 -21.45 -24.85 44.95
N ALA B 13 -22.54 -24.10 44.72
CA ALA B 13 -23.20 -23.25 45.74
C ALA B 13 -23.78 -24.13 46.85
N GLY B 14 -23.91 -25.45 46.59
CA GLY B 14 -24.43 -26.46 47.54
C GLY B 14 -25.84 -26.91 47.18
N ASN B 15 -26.62 -26.03 46.54
CA ASN B 15 -28.10 -26.16 46.38
C ASN B 15 -28.44 -27.04 45.17
N GLU B 16 -29.44 -27.91 45.32
CA GLU B 16 -29.87 -28.94 44.34
C GLU B 16 -31.19 -28.51 43.68
N PHE B 17 -31.49 -29.12 42.52
CA PHE B 17 -32.82 -29.07 41.86
C PHE B 17 -32.94 -30.29 40.94
N GLN B 18 -34.12 -30.49 40.35
CA GLN B 18 -34.45 -31.68 39.53
C GLN B 18 -34.84 -31.26 38.10
N VAL B 19 -34.49 -32.10 37.12
CA VAL B 19 -34.77 -31.90 35.67
C VAL B 19 -35.39 -33.19 35.14
N SER B 20 -36.36 -33.06 34.23
CA SER B 20 -37.05 -34.20 33.57
C SER B 20 -36.39 -34.49 32.21
N LEU B 21 -35.99 -35.75 32.00
CA LEU B 21 -35.36 -36.23 30.74
C LEU B 21 -36.20 -37.35 30.13
N SER B 22 -35.86 -37.76 28.90
CA SER B 22 -36.28 -39.03 28.27
C SER B 22 -35.02 -39.83 27.92
N SER B 23 -35.15 -41.13 27.65
CA SER B 23 -34.01 -42.08 27.49
C SER B 23 -33.03 -41.61 26.39
N SER B 24 -33.55 -41.08 25.28
CA SER B 24 -32.76 -40.69 24.07
C SER B 24 -32.00 -39.37 24.30
N MET B 25 -32.15 -38.71 25.45
CA MET B 25 -31.50 -37.41 25.75
C MET B 25 -30.05 -37.63 26.14
N SER B 26 -29.17 -36.77 25.64
CA SER B 26 -27.71 -36.69 25.94
C SER B 26 -27.41 -35.37 26.66
N VAL B 27 -26.15 -34.93 26.61
CA VAL B 27 -25.62 -33.79 27.41
C VAL B 27 -26.27 -32.49 26.94
N SER B 28 -26.43 -32.33 25.62
CA SER B 28 -26.97 -31.10 24.97
C SER B 28 -28.31 -30.72 25.60
N GLU B 29 -29.19 -31.71 25.80
CA GLU B 29 -30.61 -31.51 26.22
C GLU B 29 -30.66 -31.30 27.73
N LEU B 30 -29.79 -31.98 28.48
CA LEU B 30 -29.61 -31.77 29.95
C LEU B 30 -29.21 -30.30 30.16
N LYS B 31 -28.16 -29.85 29.50
CA LYS B 31 -27.65 -28.45 29.55
C LYS B 31 -28.79 -27.49 29.18
N ALA B 32 -29.59 -27.84 28.15
CA ALA B 32 -30.74 -27.03 27.66
C ALA B 32 -31.87 -27.02 28.69
N GLN B 33 -32.02 -28.11 29.46
CA GLN B 33 -33.04 -28.25 30.53
C GLN B 33 -32.57 -27.49 31.78
N ILE B 34 -31.28 -27.52 32.08
CA ILE B 34 -30.66 -26.71 33.18
C ILE B 34 -30.83 -25.23 32.82
N THR B 35 -30.47 -24.83 31.60
CA THR B 35 -30.67 -23.46 31.04
C THR B 35 -32.09 -22.99 31.39
N GLN B 36 -33.08 -23.87 31.18
CA GLN B 36 -34.52 -23.63 31.47
C GLN B 36 -34.71 -23.14 32.92
N LYS B 37 -34.09 -23.82 33.88
CA LYS B 37 -34.44 -23.75 35.33
C LYS B 37 -33.58 -22.70 36.06
N ILE B 38 -32.37 -22.38 35.58
CA ILE B 38 -31.45 -21.42 36.26
C ILE B 38 -30.91 -20.36 35.29
N GLY B 39 -31.30 -20.40 34.00
CA GLY B 39 -30.96 -19.37 33.00
C GLY B 39 -29.47 -19.16 32.84
N VAL B 40 -28.71 -20.24 32.64
CA VAL B 40 -27.24 -20.22 32.37
C VAL B 40 -27.00 -20.83 30.99
N HIS B 41 -26.25 -20.15 30.13
CA HIS B 41 -25.90 -20.66 28.77
C HIS B 41 -25.29 -22.06 28.90
N ALA B 42 -25.73 -22.98 28.04
CA ALA B 42 -25.28 -24.39 27.96
C ALA B 42 -23.75 -24.48 28.02
N PHE B 43 -23.06 -23.60 27.29
CA PHE B 43 -21.60 -23.67 27.06
C PHE B 43 -20.83 -23.27 28.32
N GLN B 44 -21.50 -22.57 29.25
CA GLN B 44 -20.92 -22.08 30.53
C GLN B 44 -21.15 -23.10 31.67
N GLN B 45 -21.64 -24.31 31.36
CA GLN B 45 -21.90 -25.38 32.35
C GLN B 45 -20.87 -26.50 32.21
N ARG B 46 -20.17 -26.84 33.29
CA ARG B 46 -19.32 -28.06 33.37
C ARG B 46 -20.09 -29.11 34.16
N LEU B 47 -20.32 -30.28 33.58
CA LEU B 47 -21.13 -31.37 34.20
C LEU B 47 -20.25 -32.62 34.38
N ALA B 48 -20.42 -33.28 35.53
CA ALA B 48 -19.77 -34.56 35.85
C ALA B 48 -20.66 -35.39 36.79
N VAL B 49 -20.62 -36.71 36.63
CA VAL B 49 -21.27 -37.70 37.55
C VAL B 49 -20.86 -37.35 38.98
N HIS B 50 -21.80 -37.41 39.93
CA HIS B 50 -21.55 -37.21 41.39
C HIS B 50 -21.87 -38.50 42.13
N PRO B 51 -21.03 -38.99 43.07
CA PRO B 51 -19.79 -38.34 43.45
C PRO B 51 -18.52 -38.79 42.71
N SER B 52 -18.62 -39.84 41.87
CA SER B 52 -17.48 -40.44 41.13
C SER B 52 -16.63 -39.33 40.49
N GLY B 53 -17.26 -38.30 39.94
CA GLY B 53 -16.57 -37.12 39.37
C GLY B 53 -15.95 -37.44 38.02
N VAL B 54 -16.60 -38.30 37.22
CA VAL B 54 -16.19 -38.63 35.82
C VAL B 54 -17.02 -37.78 34.85
N ALA B 55 -16.43 -37.39 33.72
CA ALA B 55 -17.01 -36.44 32.75
C ALA B 55 -18.04 -37.15 31.87
N LEU B 56 -18.95 -36.38 31.28
CA LEU B 56 -20.10 -36.88 30.48
C LEU B 56 -19.70 -36.97 29.00
N GLN B 57 -20.11 -38.07 28.35
CA GLN B 57 -19.89 -38.34 26.90
C GLN B 57 -20.88 -37.47 26.10
N ASP B 58 -20.38 -36.75 25.09
CA ASP B 58 -20.99 -35.51 24.56
C ASP B 58 -22.18 -35.80 23.63
N ARG B 59 -22.25 -36.98 22.99
CA ARG B 59 -23.35 -37.30 22.02
C ARG B 59 -24.05 -38.61 22.36
N VAL B 60 -23.40 -39.55 23.05
CA VAL B 60 -24.04 -40.84 23.49
C VAL B 60 -25.05 -40.52 24.59
N PRO B 61 -26.23 -41.20 24.64
CA PRO B 61 -27.28 -40.86 25.60
C PRO B 61 -26.84 -41.05 27.07
N LEU B 62 -27.53 -40.37 27.99
CA LEU B 62 -27.22 -40.36 29.45
C LEU B 62 -27.60 -41.73 30.04
N ALA B 63 -28.71 -42.31 29.57
CA ALA B 63 -29.20 -43.66 29.95
C ALA B 63 -28.17 -44.74 29.58
N SER B 64 -27.49 -44.58 28.43
CA SER B 64 -26.43 -45.49 27.93
C SER B 64 -25.23 -45.50 28.89
N GLN B 65 -24.80 -44.32 29.36
CA GLN B 65 -23.71 -44.15 30.38
C GLN B 65 -24.23 -44.65 31.73
N GLY B 66 -23.53 -44.35 32.82
CA GLY B 66 -23.93 -44.73 34.19
C GLY B 66 -25.34 -44.29 34.52
N LEU B 67 -25.70 -43.04 34.19
CA LEU B 67 -26.83 -42.27 34.76
C LEU B 67 -28.17 -42.96 34.48
N GLY B 68 -28.93 -43.26 35.53
CA GLY B 68 -30.33 -43.71 35.48
C GLY B 68 -31.17 -42.92 36.48
N PRO B 69 -32.47 -43.25 36.68
CA PRO B 69 -33.28 -42.56 37.69
C PRO B 69 -32.65 -42.71 39.08
N GLY B 70 -32.64 -41.61 39.85
CA GLY B 70 -32.14 -41.58 41.24
C GLY B 70 -30.66 -41.24 41.33
N SER B 71 -29.97 -41.12 40.18
CA SER B 71 -28.53 -40.70 40.10
C SER B 71 -28.44 -39.17 40.15
N THR B 72 -27.24 -38.64 40.40
CA THR B 72 -26.96 -37.21 40.67
C THR B 72 -25.79 -36.77 39.78
N VAL B 73 -25.81 -35.50 39.35
CA VAL B 73 -24.77 -34.89 38.48
C VAL B 73 -24.36 -33.54 39.10
N LEU B 74 -23.06 -33.24 39.08
CA LEU B 74 -22.49 -31.96 39.61
C LEU B 74 -22.42 -30.95 38.46
N LEU B 75 -23.00 -29.77 38.65
CA LEU B 75 -22.90 -28.61 37.74
C LEU B 75 -22.05 -27.53 38.42
N VAL B 76 -20.99 -27.08 37.75
CA VAL B 76 -20.24 -25.84 38.12
C VAL B 76 -20.30 -24.89 36.93
N VAL B 77 -20.39 -23.59 37.19
CA VAL B 77 -20.73 -22.53 36.20
C VAL B 77 -19.51 -21.62 35.97
N ASP B 78 -18.91 -21.67 34.78
CA ASP B 78 -17.81 -20.76 34.35
C ASP B 78 -18.39 -19.60 33.53
N LYS B 79 -18.65 -18.47 34.19
CA LYS B 79 -19.20 -17.22 33.61
C LYS B 79 -18.11 -16.46 32.83
N CYS B 80 -16.85 -16.92 32.91
CA CYS B 80 -15.70 -16.23 32.26
C CYS B 80 -16.10 -15.83 30.85
N ASP B 81 -15.96 -14.56 30.50
CA ASP B 81 -16.40 -14.04 29.17
C ASP B 81 -15.31 -13.11 28.61
N GLU B 82 -14.06 -13.58 28.58
CA GLU B 82 -12.90 -12.81 28.06
C GLU B 82 -13.04 -12.68 26.55
N PRO B 83 -12.72 -11.51 25.96
CA PRO B 83 -12.74 -11.34 24.52
C PRO B 83 -11.61 -12.18 23.87
N LEU B 84 -11.85 -12.63 22.64
CA LEU B 84 -10.92 -13.50 21.86
C LEU B 84 -11.00 -13.13 20.38
N SER B 85 -9.92 -13.40 19.63
CA SER B 85 -9.83 -13.21 18.16
C SER B 85 -10.29 -14.49 17.44
N ILE B 86 -11.23 -14.36 16.51
CA ILE B 86 -11.69 -15.45 15.60
C ILE B 86 -11.51 -14.98 14.15
N LEU B 87 -11.26 -15.91 13.23
CA LEU B 87 -11.14 -15.65 11.78
C LEU B 87 -12.48 -15.99 11.09
N VAL B 88 -12.90 -15.16 10.13
CA VAL B 88 -14.11 -15.40 9.28
C VAL B 88 -13.70 -15.27 7.80
N ARG B 89 -13.57 -16.41 7.11
CA ARG B 89 -13.10 -16.53 5.71
C ARG B 89 -14.30 -16.38 4.74
N ASN B 90 -14.13 -15.58 3.68
CA ASN B 90 -15.17 -15.33 2.64
C ASN B 90 -14.95 -16.30 1.48
N ASN B 91 -15.76 -16.16 0.42
CA ASN B 91 -15.76 -17.02 -0.80
C ASN B 91 -14.40 -16.96 -1.50
N LYS B 92 -13.74 -15.78 -1.51
CA LYS B 92 -12.38 -15.58 -2.09
C LYS B 92 -11.36 -16.46 -1.32
N GLY B 93 -11.32 -16.34 0.01
CA GLY B 93 -10.34 -17.02 0.88
C GLY B 93 -9.73 -16.10 1.94
N ARG B 94 -10.01 -14.80 1.89
CA ARG B 94 -9.46 -13.77 2.82
C ARG B 94 -10.12 -13.88 4.19
N SER B 95 -9.47 -14.60 5.11
CA SER B 95 -9.70 -14.54 6.58
C SER B 95 -9.50 -13.10 7.07
N SER B 96 -10.51 -12.50 7.67
CA SER B 96 -10.43 -11.22 8.43
C SER B 96 -10.60 -11.54 9.93
N THR B 97 -9.94 -10.77 10.82
CA THR B 97 -9.95 -11.00 12.30
C THR B 97 -11.00 -10.11 12.96
N TYR B 98 -11.87 -10.71 13.79
CA TYR B 98 -12.94 -10.03 14.57
C TYR B 98 -12.74 -10.34 16.06
N GLU B 99 -12.81 -9.31 16.91
CA GLU B 99 -12.87 -9.45 18.39
C GLU B 99 -14.33 -9.74 18.74
N VAL B 100 -14.57 -10.79 19.52
CA VAL B 100 -15.94 -11.21 19.96
C VAL B 100 -15.84 -11.77 21.38
N ARG B 101 -17.00 -12.00 22.00
CA ARG B 101 -17.17 -12.69 23.31
C ARG B 101 -18.17 -13.84 23.11
N LEU B 102 -17.92 -14.98 23.74
CA LEU B 102 -18.70 -16.22 23.53
C LEU B 102 -20.17 -15.98 23.93
N THR B 103 -20.47 -14.88 24.63
CA THR B 103 -21.86 -14.52 25.06
C THR B 103 -22.61 -13.79 23.95
N GLN B 104 -21.94 -13.12 23.01
CA GLN B 104 -22.64 -12.35 21.95
C GLN B 104 -23.16 -13.34 20.89
N THR B 105 -24.31 -13.01 20.29
CA THR B 105 -25.10 -13.88 19.38
C THR B 105 -24.42 -13.95 18.01
N VAL B 106 -24.62 -15.06 17.29
CA VAL B 106 -24.20 -15.26 15.87
C VAL B 106 -24.69 -14.06 15.03
N ALA B 107 -25.92 -13.59 15.29
CA ALA B 107 -26.57 -12.44 14.60
C ALA B 107 -25.65 -11.21 14.69
N HIS B 108 -25.16 -10.92 15.90
CA HIS B 108 -24.24 -9.79 16.19
C HIS B 108 -22.93 -9.97 15.41
N LEU B 109 -22.47 -11.21 15.21
CA LEU B 109 -21.23 -11.51 14.44
C LEU B 109 -21.49 -11.26 12.96
N LYS B 110 -22.66 -11.61 12.46
CA LYS B 110 -23.03 -11.42 11.03
C LYS B 110 -23.04 -9.91 10.73
N GLN B 111 -23.59 -9.10 11.63
CA GLN B 111 -23.58 -7.61 11.58
C GLN B 111 -22.16 -7.14 11.26
N GLN B 112 -21.18 -7.61 12.03
CA GLN B 112 -19.74 -7.24 11.88
C GLN B 112 -19.24 -7.68 10.50
N VAL B 113 -19.46 -8.96 10.14
CA VAL B 113 -18.99 -9.56 8.86
C VAL B 113 -19.69 -8.86 7.68
N SER B 114 -20.98 -8.55 7.82
CA SER B 114 -21.79 -7.81 6.81
C SER B 114 -21.15 -6.45 6.53
N GLY B 115 -20.72 -5.76 7.59
CA GLY B 115 -20.07 -4.43 7.51
C GLY B 115 -18.74 -4.50 6.78
N LEU B 116 -17.87 -5.43 7.16
CA LEU B 116 -16.47 -5.56 6.65
C LEU B 116 -16.47 -6.10 5.22
N GLU B 117 -17.29 -7.12 4.92
CA GLU B 117 -17.33 -7.78 3.58
C GLU B 117 -18.38 -7.10 2.68
N GLY B 118 -19.18 -6.18 3.23
CA GLY B 118 -20.13 -5.32 2.50
C GLY B 118 -21.23 -6.09 1.80
N VAL B 119 -21.90 -7.00 2.50
CA VAL B 119 -22.98 -7.89 1.98
C VAL B 119 -24.13 -7.91 3.00
N GLN B 120 -25.37 -7.75 2.53
CA GLN B 120 -26.58 -7.77 3.41
C GLN B 120 -26.50 -9.04 4.27
N ASP B 121 -26.87 -8.94 5.56
CA ASP B 121 -26.69 -10.01 6.57
C ASP B 121 -27.45 -11.29 6.14
N ASP B 122 -28.50 -11.17 5.32
CA ASP B 122 -29.44 -12.28 5.01
C ASP B 122 -29.12 -12.88 3.62
N LEU B 123 -27.94 -12.62 3.06
CA LEU B 123 -27.49 -13.20 1.77
C LEU B 123 -26.29 -14.15 1.98
N PHE B 124 -25.89 -14.38 3.23
CA PHE B 124 -24.85 -15.38 3.60
C PHE B 124 -25.23 -16.09 4.90
N TRP B 125 -24.69 -17.30 5.09
CA TRP B 125 -24.77 -18.09 6.35
C TRP B 125 -23.35 -18.51 6.75
N LEU B 126 -23.13 -18.66 8.07
CA LEU B 126 -21.81 -19.04 8.65
C LEU B 126 -21.83 -20.52 9.04
N THR B 127 -20.72 -21.22 8.85
CA THR B 127 -20.49 -22.60 9.37
C THR B 127 -19.22 -22.61 10.21
N PHE B 128 -19.20 -23.44 11.25
CA PHE B 128 -17.95 -23.82 11.98
C PHE B 128 -17.92 -25.35 12.07
N GLU B 129 -16.91 -25.96 11.46
CA GLU B 129 -16.73 -27.43 11.39
C GLU B 129 -17.99 -28.06 10.80
N GLY B 130 -18.51 -27.50 9.70
CA GLY B 130 -19.63 -28.06 8.91
C GLY B 130 -21.00 -27.82 9.52
N LYS B 131 -21.04 -27.37 10.78
CA LYS B 131 -22.28 -27.07 11.54
C LYS B 131 -22.72 -25.65 11.17
N PRO B 132 -23.95 -25.43 10.64
CA PRO B 132 -24.45 -24.07 10.48
C PRO B 132 -24.65 -23.36 11.82
N LEU B 133 -24.28 -22.06 11.87
CA LEU B 133 -24.48 -21.15 13.03
C LEU B 133 -25.87 -20.50 12.92
N GLU B 134 -26.71 -20.66 13.95
CA GLU B 134 -28.10 -20.13 14.00
C GLU B 134 -28.09 -18.75 14.68
N ASP B 135 -28.68 -17.74 14.01
CA ASP B 135 -28.59 -16.29 14.33
C ASP B 135 -28.73 -16.05 15.85
N GLN B 136 -29.77 -16.60 16.48
CA GLN B 136 -30.24 -16.20 17.84
C GLN B 136 -29.36 -16.85 18.93
N LEU B 137 -28.62 -17.91 18.61
CA LEU B 137 -27.75 -18.63 19.59
C LEU B 137 -26.45 -17.87 19.81
N PRO B 138 -25.85 -18.00 21.02
CA PRO B 138 -24.54 -17.40 21.30
C PRO B 138 -23.34 -18.16 20.71
N LEU B 139 -22.27 -17.43 20.42
CA LEU B 139 -21.03 -17.97 19.79
C LEU B 139 -20.48 -19.16 20.58
N GLY B 140 -20.61 -19.14 21.91
CA GLY B 140 -20.06 -20.17 22.81
C GLY B 140 -20.60 -21.55 22.52
N GLU B 141 -21.86 -21.66 22.09
CA GLU B 141 -22.55 -22.93 21.80
C GLU B 141 -21.73 -23.79 20.83
N TYR B 142 -21.05 -23.16 19.87
CA TYR B 142 -20.32 -23.82 18.76
C TYR B 142 -18.85 -24.06 19.13
N GLY B 143 -18.49 -23.80 20.39
CA GLY B 143 -17.17 -24.10 20.97
C GLY B 143 -16.02 -23.46 20.20
N LEU B 144 -16.10 -22.15 19.95
CA LEU B 144 -15.04 -21.37 19.25
C LEU B 144 -13.88 -21.10 20.22
N LYS B 145 -12.66 -21.48 19.80
CA LYS B 145 -11.39 -21.19 20.50
C LYS B 145 -10.83 -19.89 19.92
N PRO B 146 -9.82 -19.28 20.57
CA PRO B 146 -9.06 -18.20 19.94
C PRO B 146 -8.41 -18.68 18.63
N LEU B 147 -8.68 -17.95 17.54
CA LEU B 147 -8.13 -18.13 16.16
C LEU B 147 -8.79 -19.29 15.41
N SER B 148 -9.88 -19.86 15.96
CA SER B 148 -10.83 -20.74 15.23
C SER B 148 -11.31 -20.00 13.97
N THR B 149 -11.60 -20.74 12.90
CA THR B 149 -11.91 -20.19 11.56
C THR B 149 -13.36 -20.51 11.21
N VAL B 150 -14.22 -19.47 11.22
CA VAL B 150 -15.63 -19.52 10.75
C VAL B 150 -15.64 -19.25 9.24
N PHE B 151 -16.35 -20.09 8.46
CA PHE B 151 -16.51 -19.98 6.99
C PHE B 151 -17.80 -19.24 6.66
N MET B 152 -17.70 -18.28 5.73
CA MET B 152 -18.82 -17.50 5.18
C MET B 152 -19.25 -18.16 3.87
N ASN B 153 -20.54 -18.51 3.75
CA ASN B 153 -21.12 -19.20 2.57
C ASN B 153 -22.14 -18.28 1.90
N LEU B 154 -21.96 -18.01 0.61
CA LEU B 154 -22.92 -17.18 -0.18
C LEU B 154 -24.17 -18.02 -0.44
N ARG B 155 -25.33 -17.46 -0.12
CA ARG B 155 -26.64 -18.15 -0.15
C ARG B 155 -27.25 -18.01 -1.55
N LEU B 156 -27.38 -19.13 -2.28
CA LEU B 156 -28.21 -19.23 -3.51
C LEU B 156 -29.68 -19.01 -3.10
N ARG B 157 -30.49 -18.45 -4.00
CA ARG B 157 -31.89 -18.07 -3.71
C ARG B 157 -32.80 -18.71 -4.77
N GLY B 158 -32.98 -20.02 -4.65
CA GLY B 158 -33.74 -20.85 -5.61
C GLY B 158 -35.21 -20.89 -5.29
N GLY B 159 -36.04 -20.52 -6.26
CA GLY B 159 -37.51 -20.67 -6.23
C GLY B 159 -37.98 -21.50 -7.40
N VAL C 5 -67.67 49.06 -24.20
CA VAL C 5 -66.63 47.99 -24.13
C VAL C 5 -66.80 47.04 -25.32
N ARG C 6 -65.70 46.80 -26.05
CA ARG C 6 -65.62 45.95 -27.28
C ARG C 6 -65.00 44.60 -26.91
N THR C 7 -65.39 43.52 -27.60
CA THR C 7 -64.92 42.13 -27.32
C THR C 7 -64.65 41.38 -28.63
N ILE C 8 -63.97 40.23 -28.55
CA ILE C 8 -63.85 39.23 -29.66
C ILE C 8 -63.99 37.82 -29.08
N LYS C 9 -64.34 36.86 -29.94
CA LYS C 9 -64.36 35.41 -29.63
C LYS C 9 -63.01 34.82 -30.04
N VAL C 10 -62.32 34.18 -29.09
CA VAL C 10 -61.05 33.42 -29.29
C VAL C 10 -61.20 32.08 -28.59
N PHE C 11 -60.40 31.09 -28.99
CA PHE C 11 -60.33 29.76 -28.33
C PHE C 11 -59.09 29.72 -27.45
N THR C 12 -59.23 29.27 -26.19
CA THR C 12 -58.12 28.85 -25.30
C THR C 12 -58.00 27.33 -25.35
N THR C 13 -56.81 26.79 -25.09
CA THR C 13 -56.55 25.32 -25.09
C THR C 13 -55.22 25.01 -24.40
N VAL C 14 -54.98 23.72 -24.15
CA VAL C 14 -53.72 23.17 -23.60
C VAL C 14 -53.20 22.03 -24.50
N ASP C 15 -54.04 21.51 -25.40
CA ASP C 15 -53.70 20.34 -26.28
C ASP C 15 -53.89 20.67 -27.77
N ASN C 16 -54.63 21.75 -28.10
CA ASN C 16 -54.97 22.17 -29.49
C ASN C 16 -55.90 21.13 -30.11
N ILE C 17 -56.77 20.55 -29.28
CA ILE C 17 -57.86 19.61 -29.68
C ILE C 17 -59.15 20.09 -29.01
N ASN C 18 -59.13 20.18 -27.68
CA ASN C 18 -60.24 20.72 -26.86
C ASN C 18 -60.07 22.23 -26.79
N LEU C 19 -60.76 22.94 -27.70
CA LEU C 19 -60.79 24.42 -27.80
C LEU C 19 -61.94 24.94 -26.93
N HIS C 20 -61.65 25.84 -25.99
CA HIS C 20 -62.63 26.43 -25.06
C HIS C 20 -62.94 27.85 -25.49
N THR C 21 -64.10 28.06 -26.11
CA THR C 21 -64.56 29.39 -26.62
C THR C 21 -64.55 30.39 -25.45
N GLN C 22 -64.01 31.59 -25.68
CA GLN C 22 -63.87 32.69 -24.69
C GLN C 22 -64.31 34.02 -25.31
N VAL C 23 -64.77 34.95 -24.48
CA VAL C 23 -65.04 36.37 -24.90
C VAL C 23 -64.04 37.26 -24.15
N VAL C 24 -63.18 37.96 -24.86
CA VAL C 24 -62.08 38.77 -24.26
C VAL C 24 -62.42 40.26 -24.38
N ASP C 25 -62.19 41.01 -23.31
CA ASP C 25 -62.29 42.48 -23.26
C ASP C 25 -61.02 43.01 -23.91
N MET C 26 -61.17 43.82 -24.97
CA MET C 26 -60.03 44.30 -25.79
C MET C 26 -59.31 45.46 -25.11
N SER C 27 -59.85 45.98 -23.99
CA SER C 27 -59.24 47.07 -23.18
C SER C 27 -58.28 46.49 -22.12
N MET C 28 -58.24 45.15 -21.98
CA MET C 28 -57.38 44.44 -21.00
C MET C 28 -56.43 43.49 -21.75
N THR C 29 -55.25 43.22 -21.19
CA THR C 29 -54.25 42.27 -21.75
C THR C 29 -54.79 40.84 -21.61
N TYR C 30 -54.35 39.91 -22.46
CA TYR C 30 -54.63 38.46 -22.36
C TYR C 30 -54.21 37.97 -20.97
N GLY C 31 -53.08 38.49 -20.46
CA GLY C 31 -52.59 38.17 -19.10
C GLY C 31 -53.63 38.47 -18.04
N GLN C 32 -54.32 39.62 -18.18
CA GLN C 32 -55.30 40.14 -17.19
C GLN C 32 -56.58 39.30 -17.21
N GLN C 33 -56.70 38.36 -18.14
CA GLN C 33 -57.97 37.61 -18.38
C GLN C 33 -57.73 36.09 -18.30
N PHE C 34 -56.55 35.59 -18.68
CA PHE C 34 -56.22 34.13 -18.72
C PHE C 34 -54.93 33.77 -17.97
N GLY C 35 -54.16 34.75 -17.50
CA GLY C 35 -52.76 34.51 -17.11
C GLY C 35 -51.91 34.18 -18.35
N PRO C 36 -50.79 33.44 -18.21
CA PRO C 36 -49.88 33.24 -19.34
C PRO C 36 -50.64 32.74 -20.57
N THR C 37 -50.49 33.43 -21.71
CA THR C 37 -51.21 33.14 -22.99
C THR C 37 -50.20 33.17 -24.15
N TYR C 38 -50.29 32.19 -25.06
CA TYR C 38 -49.35 32.00 -26.19
C TYR C 38 -50.11 31.83 -27.51
N LEU C 39 -49.62 32.50 -28.57
CA LEU C 39 -50.10 32.34 -29.98
C LEU C 39 -48.95 31.74 -30.81
N ASP C 40 -48.97 30.42 -31.00
CA ASP C 40 -47.92 29.65 -31.74
C ASP C 40 -46.56 29.82 -31.05
N GLY C 41 -46.55 29.84 -29.72
CA GLY C 41 -45.32 29.97 -28.91
C GLY C 41 -44.99 31.43 -28.61
N ALA C 42 -45.62 32.37 -29.33
CA ALA C 42 -45.46 33.83 -29.13
C ALA C 42 -46.18 34.23 -27.84
N ASP C 43 -45.42 34.66 -26.82
CA ASP C 43 -45.97 35.07 -25.50
C ASP C 43 -46.76 36.37 -25.68
N VAL C 44 -48.10 36.28 -25.71
CA VAL C 44 -49.00 37.45 -25.91
C VAL C 44 -49.65 37.82 -24.57
N THR C 45 -49.06 37.38 -23.44
CA THR C 45 -49.56 37.63 -22.07
C THR C 45 -49.79 39.14 -21.85
N LYS C 46 -48.82 39.98 -22.26
CA LYS C 46 -48.78 41.44 -21.98
C LYS C 46 -49.35 42.25 -23.16
N ILE C 47 -49.89 41.57 -24.17
CA ILE C 47 -50.48 42.18 -25.39
C ILE C 47 -52.00 42.23 -25.21
N LYS C 48 -52.64 43.29 -25.71
CA LYS C 48 -54.11 43.42 -25.73
C LYS C 48 -54.64 42.71 -26.97
N PRO C 49 -55.87 42.14 -26.93
CA PRO C 49 -56.45 41.50 -28.12
C PRO C 49 -56.60 42.46 -29.30
N HIS C 50 -56.08 42.07 -30.47
CA HIS C 50 -56.20 42.77 -31.78
C HIS C 50 -57.32 42.11 -32.59
N ASN C 51 -57.98 42.85 -33.50
CA ASN C 51 -59.14 42.33 -34.25
C ASN C 51 -58.78 41.02 -34.95
N SER C 52 -57.62 40.97 -35.61
CA SER C 52 -57.07 39.80 -36.34
C SER C 52 -57.13 38.52 -35.51
N HIS C 53 -57.10 38.62 -34.17
CA HIS C 53 -57.06 37.46 -33.24
C HIS C 53 -58.40 36.71 -33.22
N GLU C 54 -59.50 37.36 -33.58
CA GLU C 54 -60.86 36.75 -33.56
C GLU C 54 -60.81 35.38 -34.26
N GLY C 55 -61.23 34.32 -33.56
CA GLY C 55 -61.41 32.96 -34.12
C GLY C 55 -60.18 32.08 -33.98
N LYS C 56 -59.06 32.64 -33.49
CA LYS C 56 -57.75 31.94 -33.40
C LYS C 56 -57.63 31.20 -32.07
N THR C 57 -56.76 30.18 -32.05
CA THR C 57 -56.46 29.32 -30.88
C THR C 57 -55.24 29.89 -30.14
N PHE C 58 -55.37 30.09 -28.83
CA PHE C 58 -54.28 30.48 -27.89
C PHE C 58 -54.05 29.34 -26.90
N TYR C 59 -52.79 28.99 -26.63
CA TYR C 59 -52.41 28.10 -25.51
C TYR C 59 -52.48 28.90 -24.21
N VAL C 60 -52.87 28.24 -23.11
CA VAL C 60 -52.87 28.84 -21.74
C VAL C 60 -52.27 27.85 -20.74
N LEU C 61 -51.82 28.36 -19.60
CA LEU C 61 -51.41 27.55 -18.42
C LEU C 61 -52.65 26.85 -17.87
N PRO C 62 -52.60 25.53 -17.57
CA PRO C 62 -53.70 24.85 -16.88
C PRO C 62 -53.98 25.51 -15.53
N ASN C 63 -55.17 26.09 -15.35
CA ASN C 63 -55.53 26.95 -14.18
C ASN C 63 -56.96 26.62 -13.71
N ASP C 64 -57.41 25.38 -13.94
CA ASP C 64 -58.72 24.83 -13.49
C ASP C 64 -58.69 23.31 -13.71
N ASP C 65 -59.67 22.59 -13.16
CA ASP C 65 -59.64 21.10 -13.10
C ASP C 65 -59.93 20.53 -14.49
N THR C 66 -60.62 21.27 -15.37
CA THR C 66 -60.92 20.86 -16.78
C THR C 66 -59.62 20.82 -17.59
N LEU C 67 -58.85 21.91 -17.56
CA LEU C 67 -57.59 22.09 -18.33
C LEU C 67 -56.48 21.20 -17.76
N ARG C 68 -56.41 21.06 -16.43
CA ARG C 68 -55.43 20.17 -15.74
C ARG C 68 -55.59 18.74 -16.30
N VAL C 69 -56.83 18.28 -16.46
CA VAL C 69 -57.14 16.91 -16.94
C VAL C 69 -56.64 16.76 -18.38
N GLU C 70 -57.09 17.64 -19.28
CA GLU C 70 -56.73 17.63 -20.72
C GLU C 70 -55.20 17.70 -20.87
N ALA C 71 -54.55 18.52 -20.02
CA ALA C 71 -53.10 18.76 -20.02
C ALA C 71 -52.35 17.46 -19.74
N PHE C 72 -52.65 16.78 -18.62
CA PHE C 72 -51.99 15.50 -18.26
C PHE C 72 -52.30 14.44 -19.32
N GLU C 73 -53.57 14.32 -19.73
CA GLU C 73 -54.05 13.31 -20.71
C GLU C 73 -53.24 13.39 -22.01
N TYR C 74 -52.81 14.60 -22.41
CA TYR C 74 -52.10 14.85 -23.69
C TYR C 74 -50.58 14.79 -23.51
N TYR C 75 -50.03 15.34 -22.43
CA TYR C 75 -48.57 15.50 -22.21
C TYR C 75 -47.99 14.45 -21.25
N HIS C 76 -48.81 13.78 -20.44
CA HIS C 76 -48.38 12.79 -19.41
C HIS C 76 -47.36 13.43 -18.46
N THR C 77 -47.56 14.69 -18.06
CA THR C 77 -46.72 15.38 -17.04
C THR C 77 -47.63 16.26 -16.16
N THR C 78 -47.35 16.27 -14.86
CA THR C 78 -48.04 17.09 -13.84
C THR C 78 -47.31 18.45 -13.74
N ASP C 79 -46.01 18.49 -14.05
CA ASP C 79 -45.15 19.69 -13.95
C ASP C 79 -45.97 20.93 -14.37
N PRO C 80 -46.17 21.93 -13.47
CA PRO C 80 -46.85 23.17 -13.84
C PRO C 80 -46.08 24.04 -14.84
N SER C 81 -44.75 23.95 -14.86
CA SER C 81 -43.86 24.83 -15.68
C SER C 81 -43.64 24.25 -17.08
N PHE C 82 -44.26 23.11 -17.43
CA PHE C 82 -44.05 22.39 -18.72
C PHE C 82 -44.53 23.25 -19.89
N LEU C 83 -45.80 23.64 -19.89
CA LEU C 83 -46.43 24.42 -20.99
C LEU C 83 -45.56 25.64 -21.30
N GLY C 84 -45.03 26.31 -20.28
CA GLY C 84 -44.10 27.46 -20.44
C GLY C 84 -42.85 27.09 -21.22
N ARG C 85 -42.06 26.14 -20.69
CA ARG C 85 -40.74 25.70 -21.23
C ARG C 85 -40.89 25.25 -22.70
N TYR C 86 -42.01 24.59 -23.00
CA TYR C 86 -42.39 24.07 -24.34
C TYR C 86 -42.50 25.25 -25.33
N MET C 87 -43.31 26.26 -24.97
CA MET C 87 -43.59 27.45 -25.81
C MET C 87 -42.28 28.22 -26.03
N SER C 88 -41.44 28.34 -25.00
CA SER C 88 -40.11 29.00 -25.04
C SER C 88 -39.24 28.32 -26.11
N ALA C 89 -39.34 27.00 -26.22
CA ALA C 89 -38.55 26.17 -27.16
C ALA C 89 -39.17 26.25 -28.56
N LEU C 90 -40.49 26.08 -28.67
CA LEU C 90 -41.23 26.10 -29.96
C LEU C 90 -40.99 27.42 -30.67
N ASN C 91 -40.98 28.53 -29.91
CA ASN C 91 -40.74 29.91 -30.40
C ASN C 91 -39.41 29.98 -31.16
N HIS C 92 -38.43 29.14 -30.78
CA HIS C 92 -37.09 29.05 -31.42
C HIS C 92 -37.07 27.96 -32.49
N THR C 93 -37.71 26.80 -32.26
CA THR C 93 -37.58 25.61 -33.14
C THR C 93 -38.28 25.86 -34.48
N LYS C 94 -39.40 26.60 -34.50
CA LYS C 94 -40.17 26.89 -35.74
C LYS C 94 -39.33 27.77 -36.68
N LYS C 95 -38.32 28.47 -36.14
CA LYS C 95 -37.36 29.32 -36.91
C LYS C 95 -36.18 28.50 -37.46
N TRP C 96 -36.00 27.25 -37.00
CA TRP C 96 -35.01 26.31 -37.60
C TRP C 96 -35.54 25.83 -38.95
N LYS C 97 -34.66 25.23 -39.76
CA LYS C 97 -35.01 24.65 -41.09
C LYS C 97 -34.79 23.14 -41.02
N TYR C 98 -35.75 22.36 -41.55
CA TYR C 98 -35.82 20.89 -41.41
C TYR C 98 -35.73 20.22 -42.78
N PRO C 99 -34.53 20.20 -43.40
CA PRO C 99 -34.37 19.65 -44.75
C PRO C 99 -34.46 18.12 -44.80
N GLN C 100 -34.98 17.57 -45.90
CA GLN C 100 -35.13 16.11 -46.13
C GLN C 100 -33.76 15.51 -46.51
N VAL C 101 -33.61 14.18 -46.38
CA VAL C 101 -32.47 13.38 -46.92
C VAL C 101 -33.00 12.00 -47.32
N ASN C 102 -34.00 11.99 -48.22
CA ASN C 102 -34.81 10.82 -48.63
C ASN C 102 -35.62 10.37 -47.41
N GLY C 103 -36.75 11.03 -47.15
CA GLY C 103 -37.69 10.68 -46.06
C GLY C 103 -37.17 11.09 -44.69
N LEU C 104 -35.85 11.01 -44.47
CA LEU C 104 -35.20 11.33 -43.17
C LEU C 104 -35.11 12.86 -43.00
N THR C 105 -35.80 13.38 -41.98
CA THR C 105 -35.87 14.81 -41.64
C THR C 105 -34.74 15.15 -40.64
N SER C 106 -33.68 15.80 -41.12
CA SER C 106 -32.58 16.37 -40.29
C SER C 106 -32.91 17.82 -39.93
N ILE C 107 -31.97 18.54 -39.32
CA ILE C 107 -32.08 19.99 -38.97
C ILE C 107 -30.83 20.72 -39.48
N LYS C 108 -31.01 21.86 -40.15
CA LYS C 108 -29.92 22.82 -40.44
C LYS C 108 -29.30 23.22 -39.10
N TRP C 109 -28.00 22.95 -38.92
CA TRP C 109 -27.23 23.32 -37.71
C TRP C 109 -27.65 24.71 -37.23
N ALA C 110 -27.92 24.87 -35.93
CA ALA C 110 -28.37 26.15 -35.31
C ALA C 110 -28.52 25.95 -33.79
N ASP C 111 -27.99 26.88 -32.99
CA ASP C 111 -28.14 26.92 -31.52
C ASP C 111 -27.68 25.57 -30.93
N ASN C 112 -26.55 25.04 -31.39
CA ASN C 112 -25.91 23.83 -30.82
C ASN C 112 -26.86 22.63 -30.86
N ASN C 113 -27.63 22.46 -31.94
CA ASN C 113 -28.73 21.47 -32.01
C ASN C 113 -28.27 20.12 -32.57
N SER C 114 -26.97 19.88 -32.74
CA SER C 114 -26.43 18.70 -33.46
C SER C 114 -26.91 17.40 -32.80
N TYR C 115 -26.90 17.34 -31.46
CA TYR C 115 -27.35 16.18 -30.65
C TYR C 115 -28.86 15.97 -30.85
N LEU C 116 -29.62 17.06 -30.88
CA LEU C 116 -31.09 17.04 -31.16
C LEU C 116 -31.36 16.49 -32.56
N ALA C 117 -30.54 16.85 -33.55
CA ALA C 117 -30.69 16.39 -34.95
C ALA C 117 -30.41 14.89 -35.01
N THR C 118 -29.30 14.45 -34.41
CA THR C 118 -28.86 13.03 -34.36
C THR C 118 -29.98 12.18 -33.73
N ALA C 119 -30.56 12.67 -32.63
CA ALA C 119 -31.69 12.02 -31.92
C ALA C 119 -32.89 11.94 -32.87
N LEU C 120 -33.30 13.06 -33.43
CA LEU C 120 -34.49 13.17 -34.33
C LEU C 120 -34.37 12.16 -35.48
N LEU C 121 -33.19 12.11 -36.14
CA LEU C 121 -32.89 11.18 -37.25
C LEU C 121 -32.98 9.72 -36.79
N THR C 122 -32.36 9.39 -35.65
CA THR C 122 -32.39 8.05 -34.99
C THR C 122 -33.85 7.61 -34.76
N LEU C 123 -34.67 8.48 -34.14
CA LEU C 123 -36.07 8.18 -33.73
C LEU C 123 -36.92 7.84 -34.95
N GLN C 124 -36.50 8.27 -36.15
CA GLN C 124 -37.24 8.04 -37.41
C GLN C 124 -36.95 6.64 -37.97
N GLN C 125 -35.95 5.92 -37.42
CA GLN C 125 -35.43 4.66 -38.01
C GLN C 125 -35.56 3.47 -37.04
N ILE C 126 -35.97 3.69 -35.78
CA ILE C 126 -36.18 2.59 -34.80
C ILE C 126 -37.67 2.52 -34.45
N GLU C 127 -38.18 1.31 -34.23
CA GLU C 127 -39.60 1.08 -33.86
C GLU C 127 -39.80 1.48 -32.38
N LEU C 128 -40.60 2.51 -32.13
CA LEU C 128 -40.76 3.12 -30.79
C LEU C 128 -42.16 3.73 -30.70
N LYS C 129 -43.02 3.17 -29.85
CA LYS C 129 -44.37 3.72 -29.53
C LYS C 129 -44.23 4.61 -28.28
N PHE C 130 -44.49 5.91 -28.43
CA PHE C 130 -44.55 6.91 -27.33
C PHE C 130 -45.90 6.82 -26.64
N ASN C 131 -45.94 7.04 -25.32
CA ASN C 131 -47.18 6.92 -24.50
C ASN C 131 -47.94 8.25 -24.51
N PRO C 132 -47.29 9.42 -24.27
CA PRO C 132 -47.99 10.70 -24.31
C PRO C 132 -48.53 11.00 -25.71
N PRO C 133 -49.85 11.23 -25.87
CA PRO C 133 -50.43 11.61 -27.16
C PRO C 133 -49.65 12.74 -27.86
N ALA C 134 -49.17 13.72 -27.10
CA ALA C 134 -48.37 14.86 -27.60
C ALA C 134 -47.19 14.36 -28.44
N LEU C 135 -46.43 13.38 -27.94
CA LEU C 135 -45.22 12.84 -28.60
C LEU C 135 -45.61 11.96 -29.80
N GLN C 136 -46.69 11.19 -29.67
CA GLN C 136 -47.25 10.40 -30.80
C GLN C 136 -47.54 11.37 -31.96
N ASP C 137 -48.44 12.32 -31.72
CA ASP C 137 -48.90 13.34 -32.71
C ASP C 137 -47.69 14.06 -33.31
N ALA C 138 -46.76 14.48 -32.45
CA ALA C 138 -45.56 15.27 -32.82
C ALA C 138 -44.63 14.44 -33.72
N TYR C 139 -44.41 13.15 -33.41
CA TYR C 139 -43.50 12.26 -34.18
C TYR C 139 -43.97 12.16 -35.64
N TYR C 140 -45.25 11.84 -35.85
CA TYR C 140 -45.86 11.65 -37.19
C TYR C 140 -45.72 12.92 -38.02
N ARG C 141 -46.02 14.06 -37.41
CA ARG C 141 -45.89 15.41 -38.01
C ARG C 141 -44.42 15.70 -38.32
N ALA C 142 -43.49 15.14 -37.54
CA ALA C 142 -42.02 15.28 -37.72
C ALA C 142 -41.57 14.41 -38.91
N ARG C 143 -41.82 13.11 -38.86
CA ARG C 143 -41.51 12.15 -39.96
C ARG C 143 -41.93 12.80 -41.29
N ALA C 144 -43.12 13.42 -41.30
CA ALA C 144 -43.78 14.01 -42.49
C ALA C 144 -43.21 15.39 -42.85
N GLY C 145 -42.23 15.92 -42.10
CA GLY C 145 -41.37 17.02 -42.58
C GLY C 145 -41.35 18.25 -41.67
N GLU C 146 -42.39 18.46 -40.85
CA GLU C 146 -42.53 19.67 -40.00
C GLU C 146 -42.35 19.26 -38.53
N ALA C 147 -41.10 19.21 -38.08
CA ALA C 147 -40.67 18.57 -36.81
C ALA C 147 -40.41 19.63 -35.73
N ALA C 148 -40.88 20.85 -35.94
CA ALA C 148 -40.68 21.98 -35.00
C ALA C 148 -41.27 21.63 -33.64
N ASN C 149 -42.47 21.04 -33.61
CA ASN C 149 -43.21 20.69 -32.37
C ASN C 149 -42.49 19.55 -31.65
N PHE C 150 -42.06 18.51 -32.38
CA PHE C 150 -41.38 17.31 -31.82
C PHE C 150 -40.11 17.74 -31.09
N CYS C 151 -39.27 18.55 -31.73
CA CYS C 151 -37.97 19.02 -31.17
C CYS C 151 -38.22 19.86 -29.92
N ALA C 152 -39.22 20.74 -29.94
CA ALA C 152 -39.63 21.57 -28.78
C ALA C 152 -40.00 20.66 -27.61
N LEU C 153 -40.75 19.60 -27.87
CA LEU C 153 -41.21 18.64 -26.83
C LEU C 153 -40.00 17.87 -26.28
N ILE C 154 -39.11 17.39 -27.15
CA ILE C 154 -37.90 16.61 -26.75
C ILE C 154 -37.07 17.46 -25.80
N LEU C 155 -36.98 18.76 -26.06
CA LEU C 155 -36.22 19.71 -25.19
C LEU C 155 -36.94 19.82 -23.85
N ALA C 156 -38.27 20.02 -23.88
CA ALA C 156 -39.13 20.22 -22.68
C ALA C 156 -39.08 18.98 -21.77
N TYR C 157 -39.28 17.79 -22.33
CA TYR C 157 -39.30 16.48 -21.61
C TYR C 157 -37.92 16.15 -21.04
N CYS C 158 -36.82 16.52 -21.71
CA CYS C 158 -35.41 16.32 -21.26
C CYS C 158 -34.96 17.45 -20.35
N ASN C 159 -35.80 18.47 -20.17
CA ASN C 159 -35.58 19.65 -19.29
C ASN C 159 -34.33 20.41 -19.76
N LYS C 160 -34.08 20.44 -21.07
CA LYS C 160 -32.96 21.15 -21.72
C LYS C 160 -33.53 22.39 -22.44
N THR C 161 -32.70 23.43 -22.55
CA THR C 161 -33.04 24.74 -23.18
C THR C 161 -32.45 24.79 -24.59
N VAL C 162 -33.13 25.48 -25.51
CA VAL C 162 -32.55 25.82 -26.85
C VAL C 162 -31.21 26.51 -26.60
N GLY C 163 -30.14 26.04 -27.25
CA GLY C 163 -28.78 26.60 -27.09
C GLY C 163 -27.86 25.71 -26.29
N GLU C 164 -28.36 25.06 -25.23
CA GLU C 164 -27.57 24.15 -24.36
C GLU C 164 -26.99 23.01 -25.21
N LEU C 165 -25.71 22.70 -25.02
CA LEU C 165 -25.01 21.48 -25.54
C LEU C 165 -25.70 20.25 -24.96
N GLY C 166 -25.61 19.09 -25.62
CA GLY C 166 -26.37 17.89 -25.25
C GLY C 166 -25.63 16.58 -25.52
N ASP C 167 -26.01 15.53 -24.78
CA ASP C 167 -25.62 14.11 -24.99
C ASP C 167 -26.82 13.42 -25.67
N VAL C 168 -26.57 12.65 -26.73
CA VAL C 168 -27.65 11.89 -27.44
C VAL C 168 -28.16 10.81 -26.49
N ARG C 169 -27.25 10.03 -25.88
CA ARG C 169 -27.61 8.88 -25.01
C ARG C 169 -28.46 9.36 -23.83
N GLU C 170 -28.08 10.48 -23.21
CA GLU C 170 -28.83 11.08 -22.07
C GLU C 170 -30.23 11.49 -22.57
N THR C 171 -30.35 11.96 -23.80
CA THR C 171 -31.67 12.38 -24.38
C THR C 171 -32.55 11.14 -24.52
N MET C 172 -32.04 10.08 -25.15
CA MET C 172 -32.74 8.77 -25.30
C MET C 172 -33.15 8.25 -23.92
N SER C 173 -32.23 8.32 -22.95
CA SER C 173 -32.45 7.84 -21.55
C SER C 173 -33.71 8.49 -20.98
N TYR C 174 -33.89 9.80 -21.20
CA TYR C 174 -35.08 10.58 -20.77
C TYR C 174 -36.31 10.22 -21.63
N LEU C 175 -36.15 10.14 -22.95
CA LEU C 175 -37.29 9.93 -23.88
C LEU C 175 -37.86 8.51 -23.69
N PHE C 176 -37.00 7.52 -23.46
CA PHE C 176 -37.40 6.09 -23.35
C PHE C 176 -38.23 5.89 -22.07
N GLN C 177 -38.24 6.85 -21.15
CA GLN C 177 -39.09 6.82 -19.94
C GLN C 177 -40.55 7.10 -20.33
N HIS C 178 -40.76 7.72 -21.49
CA HIS C 178 -42.09 8.09 -22.05
C HIS C 178 -42.43 7.17 -23.23
N ALA C 179 -41.63 6.13 -23.48
CA ALA C 179 -41.86 5.13 -24.56
C ALA C 179 -42.31 3.81 -23.93
N ASN C 180 -43.19 3.07 -24.62
CA ASN C 180 -43.68 1.76 -24.14
C ASN C 180 -42.61 0.69 -24.45
N LEU C 181 -41.78 0.38 -23.46
CA LEU C 181 -40.74 -0.68 -23.56
C LEU C 181 -41.02 -1.76 -22.50
N ASP C 182 -42.30 -1.98 -22.17
CA ASP C 182 -42.75 -2.91 -21.10
C ASP C 182 -42.43 -4.35 -21.53
N SER C 183 -42.86 -4.75 -22.72
CA SER C 183 -42.63 -6.11 -23.30
C SER C 183 -41.24 -6.19 -23.95
N CYS C 184 -40.25 -5.48 -23.39
CA CYS C 184 -38.82 -5.60 -23.75
C CYS C 184 -38.08 -6.34 -22.63
N LYS C 185 -37.30 -7.37 -23.00
CA LYS C 185 -36.69 -8.34 -22.06
C LYS C 185 -35.29 -8.71 -22.55
N ARG C 186 -34.31 -8.69 -21.65
CA ARG C 186 -32.90 -9.08 -21.90
C ARG C 186 -32.43 -9.99 -20.77
N VAL C 187 -31.69 -11.05 -21.11
CA VAL C 187 -31.09 -12.01 -20.15
C VAL C 187 -29.58 -12.05 -20.39
N LEU C 188 -28.80 -11.66 -19.38
CA LEU C 188 -27.32 -11.57 -19.46
C LEU C 188 -26.70 -12.63 -18.54
N ASN C 189 -25.60 -13.23 -18.98
CA ASN C 189 -24.74 -14.09 -18.13
C ASN C 189 -23.46 -13.34 -17.79
N VAL C 190 -23.11 -13.28 -16.51
CA VAL C 190 -21.83 -12.70 -16.00
C VAL C 190 -21.02 -13.86 -15.40
N VAL C 191 -19.86 -14.18 -15.98
CA VAL C 191 -19.02 -15.37 -15.62
C VAL C 191 -17.74 -14.87 -14.94
N CYS C 192 -17.71 -14.92 -13.62
CA CYS C 192 -16.56 -14.52 -12.74
C CYS C 192 -15.59 -15.70 -12.62
N LYS C 193 -14.87 -15.79 -11.49
CA LYS C 193 -14.14 -17.00 -11.03
C LYS C 193 -14.60 -17.38 -9.62
N THR C 194 -14.95 -16.38 -8.79
CA THR C 194 -15.15 -16.51 -7.32
C THR C 194 -16.64 -16.37 -6.98
N CYS C 195 -17.33 -15.39 -7.60
CA CYS C 195 -18.81 -15.23 -7.59
C CYS C 195 -19.45 -16.47 -8.26
N GLY C 196 -18.79 -17.01 -9.29
CA GLY C 196 -19.26 -18.14 -10.13
C GLY C 196 -19.69 -17.70 -11.51
N GLN C 197 -20.90 -18.09 -11.92
CA GLN C 197 -21.64 -17.56 -13.10
C GLN C 197 -23.01 -17.08 -12.62
N GLN C 198 -23.53 -15.98 -13.16
CA GLN C 198 -24.80 -15.36 -12.70
C GLN C 198 -25.63 -14.84 -13.89
N GLN C 199 -26.88 -15.29 -13.98
CA GLN C 199 -27.86 -14.90 -15.03
C GLN C 199 -28.79 -13.85 -14.43
N THR C 200 -29.02 -12.75 -15.15
CA THR C 200 -29.86 -11.60 -14.75
C THR C 200 -30.88 -11.30 -15.85
N THR C 201 -32.08 -10.90 -15.46
CA THR C 201 -33.20 -10.51 -16.37
C THR C 201 -33.48 -9.01 -16.21
N LEU C 202 -33.47 -8.27 -17.31
CA LEU C 202 -33.73 -6.81 -17.33
C LEU C 202 -34.96 -6.53 -18.20
N LYS C 203 -35.79 -5.58 -17.77
CA LYS C 203 -37.04 -5.17 -18.48
C LYS C 203 -36.98 -3.67 -18.76
N GLY C 204 -37.86 -3.18 -19.64
CA GLY C 204 -37.99 -1.75 -19.95
C GLY C 204 -36.74 -1.18 -20.60
N VAL C 205 -36.33 0.00 -20.15
CA VAL C 205 -35.18 0.77 -20.72
C VAL C 205 -33.92 -0.08 -20.61
N GLU C 206 -33.68 -0.72 -19.46
CA GLU C 206 -32.44 -1.48 -19.14
C GLU C 206 -32.20 -2.61 -20.14
N ALA C 207 -33.23 -3.03 -20.88
CA ALA C 207 -33.20 -4.19 -21.78
C ALA C 207 -32.74 -3.78 -23.19
N VAL C 208 -32.79 -2.49 -23.53
CA VAL C 208 -32.47 -1.99 -24.91
C VAL C 208 -31.11 -1.25 -24.94
N MET C 209 -30.73 -0.59 -23.85
CA MET C 209 -29.49 0.22 -23.77
C MET C 209 -28.38 -0.56 -23.05
N TYR C 210 -27.16 -0.53 -23.58
CA TYR C 210 -25.92 -0.97 -22.90
C TYR C 210 -24.81 0.09 -23.09
N MET C 211 -24.10 0.43 -22.02
CA MET C 211 -22.86 1.26 -22.07
C MET C 211 -21.66 0.34 -21.86
N GLY C 212 -20.70 0.32 -22.80
CA GLY C 212 -19.52 -0.56 -22.71
C GLY C 212 -18.92 -0.91 -24.06
N THR C 213 -19.72 -1.47 -24.98
CA THR C 213 -19.26 -1.88 -26.33
C THR C 213 -20.23 -1.38 -27.40
N LEU C 214 -19.73 -1.08 -28.60
CA LEU C 214 -20.55 -0.63 -29.76
C LEU C 214 -21.07 -1.86 -30.53
N SER C 215 -20.32 -2.98 -30.47
CA SER C 215 -20.55 -4.20 -31.30
C SER C 215 -21.61 -5.09 -30.66
N TYR C 216 -22.75 -5.24 -31.33
CA TYR C 216 -23.86 -6.14 -30.91
C TYR C 216 -23.38 -7.59 -31.03
N GLU C 217 -22.62 -7.88 -32.08
CA GLU C 217 -22.05 -9.23 -32.33
C GLU C 217 -21.10 -9.58 -31.17
N GLN C 218 -20.28 -8.64 -30.70
CA GLN C 218 -19.31 -8.86 -29.59
C GLN C 218 -20.05 -9.15 -28.29
N PHE C 219 -21.08 -8.35 -27.98
CA PHE C 219 -21.98 -8.48 -26.81
C PHE C 219 -22.58 -9.90 -26.77
N LYS C 220 -22.85 -10.49 -27.93
CA LYS C 220 -23.48 -11.83 -28.08
C LYS C 220 -22.49 -12.95 -27.71
N LYS C 221 -21.20 -12.72 -27.98
CA LYS C 221 -20.12 -13.74 -27.83
C LYS C 221 -19.21 -13.39 -26.65
N GLY C 222 -19.45 -12.26 -25.96
CA GLY C 222 -18.85 -11.96 -24.66
C GLY C 222 -17.94 -10.74 -24.67
N VAL C 223 -18.11 -9.85 -23.68
CA VAL C 223 -17.21 -8.69 -23.41
C VAL C 223 -16.62 -8.88 -22.02
N GLN C 224 -15.40 -8.38 -21.81
CA GLN C 224 -14.73 -8.31 -20.49
C GLN C 224 -15.26 -7.09 -19.74
N ILE C 225 -15.56 -7.21 -18.45
CA ILE C 225 -15.95 -6.06 -17.59
C ILE C 225 -15.21 -6.18 -16.26
N PRO C 226 -15.04 -5.07 -15.52
CA PRO C 226 -14.53 -5.13 -14.15
C PRO C 226 -15.60 -5.65 -13.16
N CYS C 227 -15.25 -6.68 -12.38
CA CYS C 227 -16.15 -7.37 -11.41
C CYS C 227 -15.93 -6.80 -10.00
N THR C 228 -16.85 -7.12 -9.08
CA THR C 228 -16.85 -6.70 -7.64
C THR C 228 -15.84 -7.52 -6.84
N CYS C 229 -15.31 -8.61 -7.41
CA CYS C 229 -14.34 -9.54 -6.76
C CYS C 229 -12.89 -9.11 -6.98
N GLY C 230 -12.67 -8.04 -7.75
CA GLY C 230 -11.33 -7.51 -8.09
C GLY C 230 -10.80 -8.10 -9.39
N LYS C 231 -11.20 -9.34 -9.71
CA LYS C 231 -10.94 -10.01 -11.01
C LYS C 231 -11.76 -9.30 -12.10
N GLN C 232 -11.51 -9.62 -13.37
CA GLN C 232 -12.36 -9.15 -14.50
C GLN C 232 -13.20 -10.33 -15.02
N ALA C 233 -14.50 -10.11 -15.18
CA ALA C 233 -15.53 -11.10 -15.56
C ALA C 233 -15.75 -11.07 -17.08
N THR C 234 -16.49 -12.04 -17.60
CA THR C 234 -17.05 -12.05 -18.99
C THR C 234 -18.57 -11.89 -18.90
N LYS C 235 -19.15 -11.04 -19.75
CA LYS C 235 -20.62 -10.76 -19.82
C LYS C 235 -21.07 -10.98 -21.25
N TYR C 236 -22.05 -11.87 -21.47
CA TYR C 236 -22.58 -12.16 -22.84
C TYR C 236 -24.11 -12.24 -22.82
N LEU C 237 -24.70 -11.91 -23.97
CA LEU C 237 -26.16 -11.84 -24.21
C LEU C 237 -26.69 -13.25 -24.49
N VAL C 238 -27.68 -13.67 -23.69
CA VAL C 238 -28.27 -15.04 -23.68
C VAL C 238 -29.62 -15.02 -24.42
N GLN C 239 -30.43 -13.99 -24.21
CA GLN C 239 -31.77 -13.85 -24.84
C GLN C 239 -32.18 -12.37 -24.85
N GLN C 240 -32.59 -11.86 -26.01
CA GLN C 240 -32.98 -10.45 -26.23
C GLN C 240 -34.35 -10.42 -26.93
N GLU C 241 -35.33 -9.71 -26.37
CA GLU C 241 -36.70 -9.59 -26.94
C GLU C 241 -37.09 -8.12 -26.99
N SER C 242 -36.76 -7.46 -28.11
CA SER C 242 -37.07 -6.04 -28.38
C SER C 242 -37.09 -5.78 -29.88
N PRO C 243 -37.69 -4.66 -30.34
CA PRO C 243 -37.63 -4.25 -31.74
C PRO C 243 -36.27 -3.68 -32.18
N PHE C 244 -35.51 -3.11 -31.23
CA PHE C 244 -34.16 -2.54 -31.46
C PHE C 244 -33.29 -2.73 -30.22
N VAL C 245 -31.99 -2.46 -30.36
CA VAL C 245 -31.06 -2.32 -29.21
C VAL C 245 -30.16 -1.13 -29.50
N MET C 246 -29.83 -0.37 -28.46
CA MET C 246 -28.85 0.74 -28.48
C MET C 246 -27.57 0.24 -27.78
N MET C 247 -26.44 0.22 -28.49
CA MET C 247 -25.10 -0.13 -27.96
C MET C 247 -24.28 1.16 -27.93
N SER C 248 -23.90 1.62 -26.74
CA SER C 248 -23.10 2.86 -26.57
C SER C 248 -21.77 2.53 -25.90
N ALA C 249 -20.78 3.39 -26.12
CA ALA C 249 -19.42 3.32 -25.52
C ALA C 249 -18.76 4.69 -25.62
N PRO C 250 -17.72 4.97 -24.81
CA PRO C 250 -16.97 6.22 -24.96
C PRO C 250 -16.45 6.33 -26.40
N PRO C 251 -16.50 7.55 -27.00
CA PRO C 251 -16.14 7.72 -28.40
C PRO C 251 -14.81 7.01 -28.75
N ALA C 252 -14.85 6.08 -29.70
CA ALA C 252 -13.68 5.29 -30.17
C ALA C 252 -13.75 5.13 -31.69
N GLN C 253 -12.60 5.22 -32.37
CA GLN C 253 -12.45 4.94 -33.83
C GLN C 253 -12.98 3.53 -34.11
N TYR C 254 -14.10 3.43 -34.83
CA TYR C 254 -14.86 2.18 -35.11
C TYR C 254 -15.22 2.11 -36.60
N GLU C 255 -15.19 0.91 -37.18
CA GLU C 255 -15.60 0.67 -38.59
C GLU C 255 -17.05 0.19 -38.62
N LEU C 256 -17.92 0.94 -39.29
CA LEU C 256 -19.33 0.57 -39.59
C LEU C 256 -19.41 0.03 -41.02
N LYS C 257 -19.99 -1.17 -41.20
CA LYS C 257 -20.11 -1.85 -42.52
C LYS C 257 -21.57 -1.83 -42.98
N HIS C 258 -21.79 -1.51 -44.26
CA HIS C 258 -23.14 -1.44 -44.91
C HIS C 258 -23.93 -2.70 -44.55
N GLY C 259 -25.18 -2.53 -44.10
CA GLY C 259 -26.17 -3.61 -43.88
C GLY C 259 -26.06 -4.28 -42.52
N THR C 260 -25.05 -3.95 -41.70
CA THR C 260 -24.72 -4.63 -40.42
C THR C 260 -25.27 -3.86 -39.21
N PHE C 261 -25.82 -2.66 -39.41
CA PHE C 261 -26.41 -1.80 -38.34
C PHE C 261 -27.47 -0.88 -38.94
N THR C 262 -28.40 -0.39 -38.13
CA THR C 262 -29.52 0.49 -38.55
C THR C 262 -29.01 1.92 -38.71
N CYS C 263 -28.53 2.55 -37.62
CA CYS C 263 -27.93 3.91 -37.65
C CYS C 263 -27.02 4.10 -36.44
N ALA C 264 -26.17 5.14 -36.46
CA ALA C 264 -25.12 5.39 -35.46
C ALA C 264 -24.94 6.90 -35.21
N SER C 265 -24.47 7.25 -34.01
CA SER C 265 -24.05 8.60 -33.60
C SER C 265 -22.52 8.69 -33.63
N GLU C 266 -21.97 9.72 -34.29
CA GLU C 266 -20.51 10.04 -34.36
C GLU C 266 -20.26 11.27 -33.48
N TYR C 267 -19.26 11.19 -32.60
CA TYR C 267 -18.83 12.31 -31.71
C TYR C 267 -17.37 12.68 -31.98
N THR C 268 -17.15 13.91 -32.45
CA THR C 268 -15.83 14.55 -32.61
C THR C 268 -15.72 15.68 -31.59
N GLY C 269 -14.66 15.65 -30.79
CA GLY C 269 -14.44 16.59 -29.68
C GLY C 269 -14.06 15.86 -28.41
N ASN C 270 -14.30 16.49 -27.27
CA ASN C 270 -13.94 16.00 -25.91
C ASN C 270 -15.17 16.19 -25.01
N TYR C 271 -14.98 16.18 -23.69
CA TYR C 271 -16.07 16.29 -22.69
C TYR C 271 -16.30 17.77 -22.32
N GLN C 272 -15.62 18.69 -22.99
CA GLN C 272 -15.87 20.17 -22.88
C GLN C 272 -16.83 20.58 -23.99
N CYS C 273 -16.40 20.39 -25.24
CA CYS C 273 -17.12 20.75 -26.48
C CYS C 273 -16.91 19.64 -27.51
N GLY C 274 -17.83 19.51 -28.48
CA GLY C 274 -17.78 18.51 -29.55
C GLY C 274 -19.02 18.57 -30.42
N HIS C 275 -19.00 17.86 -31.55
CA HIS C 275 -20.06 17.91 -32.58
C HIS C 275 -20.54 16.49 -32.89
N TYR C 276 -21.86 16.34 -33.07
CA TYR C 276 -22.54 15.07 -33.44
C TYR C 276 -22.84 15.06 -34.94
N LYS C 277 -22.27 14.10 -35.66
CA LYS C 277 -22.74 13.65 -37.00
C LYS C 277 -23.55 12.37 -36.81
N HIS C 278 -24.45 12.07 -37.76
CA HIS C 278 -25.31 10.87 -37.76
C HIS C 278 -25.00 10.01 -39.00
N ILE C 279 -24.76 8.72 -38.81
CA ILE C 279 -24.51 7.75 -39.93
C ILE C 279 -25.68 6.76 -39.98
N THR C 280 -26.05 6.32 -41.18
CA THR C 280 -27.19 5.40 -41.45
C THR C 280 -26.86 4.54 -42.67
N SER C 281 -27.36 3.30 -42.70
CA SER C 281 -27.15 2.31 -43.79
C SER C 281 -28.42 2.20 -44.62
N LYS C 282 -28.36 2.64 -45.88
CA LYS C 282 -29.41 2.45 -46.91
C LYS C 282 -28.82 1.58 -48.03
N GLU C 283 -28.89 2.02 -49.29
CA GLU C 283 -28.23 1.32 -50.43
C GLU C 283 -26.71 1.38 -50.23
N THR C 284 -26.21 2.44 -49.60
CA THR C 284 -24.79 2.61 -49.14
C THR C 284 -24.80 3.38 -47.81
N LEU C 285 -23.64 3.78 -47.29
CA LEU C 285 -23.50 4.49 -45.98
C LEU C 285 -23.62 6.00 -46.17
N TYR C 286 -24.66 6.61 -45.59
CA TYR C 286 -24.86 8.09 -45.53
C TYR C 286 -24.26 8.63 -44.23
N CYS C 287 -23.67 9.83 -44.27
CA CYS C 287 -23.26 10.62 -43.08
C CYS C 287 -23.96 11.97 -43.12
N ILE C 288 -24.90 12.22 -42.20
CA ILE C 288 -25.83 13.39 -42.19
C ILE C 288 -25.40 14.38 -41.11
N ASP C 289 -24.68 15.43 -41.51
CA ASP C 289 -24.15 16.51 -40.64
C ASP C 289 -25.12 17.70 -40.74
N GLY C 290 -26.26 17.63 -40.04
CA GLY C 290 -27.29 18.68 -40.11
C GLY C 290 -27.88 18.75 -41.49
N ALA C 291 -27.56 19.82 -42.24
CA ALA C 291 -28.01 20.05 -43.64
C ALA C 291 -27.06 19.35 -44.62
N LEU C 292 -25.76 19.37 -44.32
CA LEU C 292 -24.65 18.65 -45.03
C LEU C 292 -25.01 17.15 -45.14
N LEU C 293 -24.69 16.52 -46.27
CA LEU C 293 -24.77 15.05 -46.49
C LEU C 293 -23.54 14.60 -47.29
N THR C 294 -22.86 13.55 -46.81
CA THR C 294 -21.75 12.85 -47.53
C THR C 294 -22.14 11.37 -47.61
N LYS C 295 -21.64 10.61 -48.58
CA LYS C 295 -21.94 9.17 -48.70
C LYS C 295 -20.73 8.41 -49.27
N SER C 296 -20.55 7.15 -48.85
CA SER C 296 -19.46 6.25 -49.30
C SER C 296 -19.82 4.79 -49.03
N SER C 297 -19.08 3.85 -49.64
CA SER C 297 -19.30 2.39 -49.53
C SER C 297 -18.86 1.89 -48.15
N GLU C 298 -17.78 2.47 -47.60
CA GLU C 298 -17.22 2.12 -46.28
C GLU C 298 -17.15 3.39 -45.42
N TYR C 299 -17.08 3.23 -44.09
CA TYR C 299 -16.92 4.35 -43.13
C TYR C 299 -16.14 3.89 -41.90
N LYS C 300 -15.30 4.77 -41.35
CA LYS C 300 -14.53 4.58 -40.09
C LYS C 300 -14.39 5.95 -39.42
N GLY C 301 -14.79 6.07 -38.15
CA GLY C 301 -14.83 7.35 -37.41
C GLY C 301 -15.11 7.17 -35.92
N PRO C 302 -15.14 8.25 -35.13
CA PRO C 302 -15.34 8.15 -33.68
C PRO C 302 -16.83 7.98 -33.31
N ILE C 303 -17.26 6.73 -33.14
CA ILE C 303 -18.66 6.32 -32.86
C ILE C 303 -18.86 6.18 -31.34
N THR C 304 -20.04 6.55 -30.85
CA THR C 304 -20.40 6.52 -29.40
C THR C 304 -21.73 5.78 -29.19
N ASP C 305 -22.66 5.81 -30.16
CA ASP C 305 -23.96 5.10 -30.10
C ASP C 305 -24.17 4.36 -31.43
N VAL C 306 -24.51 3.07 -31.39
CA VAL C 306 -24.93 2.29 -32.59
C VAL C 306 -26.28 1.64 -32.28
N PHE C 307 -27.28 1.85 -33.15
CA PHE C 307 -28.62 1.21 -33.04
C PHE C 307 -28.64 0.02 -34.00
N TYR C 308 -29.30 -1.07 -33.60
CA TYR C 308 -29.46 -2.33 -34.37
C TYR C 308 -30.95 -2.70 -34.37
N LYS C 309 -31.46 -3.11 -35.54
CA LYS C 309 -32.77 -3.78 -35.70
C LYS C 309 -32.67 -5.15 -35.00
N GLU C 310 -33.67 -5.49 -34.19
CA GLU C 310 -33.84 -6.82 -33.52
C GLU C 310 -35.33 -7.20 -33.52
N ASN C 311 -35.64 -8.47 -33.22
CA ASN C 311 -37.00 -8.96 -32.90
C ASN C 311 -36.91 -9.89 -31.68
N SER C 312 -36.31 -11.07 -31.87
CA SER C 312 -36.03 -12.09 -30.82
C SER C 312 -34.72 -12.83 -31.16
N TYR C 313 -33.78 -12.87 -30.22
CA TYR C 313 -32.47 -13.58 -30.31
C TYR C 313 -32.30 -14.51 -29.10
N THR C 314 -31.79 -15.72 -29.34
CA THR C 314 -31.37 -16.68 -28.28
C THR C 314 -29.97 -17.23 -28.61
N THR C 315 -29.05 -17.20 -27.64
CA THR C 315 -27.64 -17.65 -27.76
C THR C 315 -27.63 -19.17 -27.93
N THR C 316 -26.56 -19.70 -28.50
CA THR C 316 -26.26 -21.15 -28.62
C THR C 316 -24.90 -21.41 -27.95
N ILE C 317 -24.91 -21.69 -26.64
CA ILE C 317 -23.72 -22.04 -25.78
C ILE C 317 -24.18 -23.01 -24.68
N ALA D 3 -63.79 13.27 -19.71
CA ALA D 3 -63.66 14.03 -18.44
C ALA D 3 -62.65 13.32 -17.52
N GLY D 4 -62.59 13.74 -16.24
CA GLY D 4 -61.79 13.13 -15.17
C GLY D 4 -62.66 12.47 -14.12
N TRP D 5 -62.22 12.46 -12.86
CA TRP D 5 -62.92 11.82 -11.71
C TRP D 5 -62.19 12.12 -10.39
N ASP D 6 -62.92 12.08 -9.27
CA ASP D 6 -62.39 12.39 -7.92
C ASP D 6 -62.25 11.10 -7.10
N LEU D 7 -61.28 11.08 -6.18
CA LEU D 7 -60.90 9.92 -5.32
C LEU D 7 -60.76 10.40 -3.87
N THR D 8 -61.24 9.62 -2.91
CA THR D 8 -61.19 9.93 -1.46
C THR D 8 -59.94 9.27 -0.87
N VAL D 9 -59.12 10.04 -0.14
CA VAL D 9 -57.92 9.55 0.60
C VAL D 9 -58.27 9.57 2.09
N LYS D 10 -58.19 8.40 2.73
CA LYS D 10 -58.37 8.19 4.19
C LYS D 10 -56.97 8.04 4.78
N MET D 11 -56.57 8.93 5.71
CA MET D 11 -55.30 8.82 6.46
C MET D 11 -55.51 7.83 7.61
N LEU D 12 -54.44 7.33 8.23
CA LEU D 12 -54.56 6.49 9.44
C LEU D 12 -54.75 7.39 10.66
N ALA D 13 -54.41 8.68 10.55
CA ALA D 13 -54.74 9.75 11.53
C ALA D 13 -56.25 9.81 11.77
N GLY D 14 -57.07 9.26 10.85
CA GLY D 14 -58.53 9.20 10.95
C GLY D 14 -59.22 10.08 9.91
N ASN D 15 -58.70 11.31 9.71
CA ASN D 15 -59.32 12.39 8.90
C ASN D 15 -59.11 12.15 7.39
N GLU D 16 -60.14 12.47 6.59
CA GLU D 16 -60.23 12.21 5.12
C GLU D 16 -59.98 13.51 4.34
N PHE D 17 -59.87 13.40 3.01
CA PHE D 17 -59.83 14.51 2.02
C PHE D 17 -59.92 13.94 0.61
N GLN D 18 -60.19 14.79 -0.38
CA GLN D 18 -60.46 14.39 -1.79
C GLN D 18 -59.38 14.95 -2.72
N VAL D 19 -59.11 14.22 -3.82
CA VAL D 19 -58.15 14.62 -4.89
C VAL D 19 -58.85 14.47 -6.25
N SER D 20 -58.60 15.40 -7.18
CA SER D 20 -59.07 15.36 -8.59
C SER D 20 -58.05 14.55 -9.41
N LEU D 21 -58.52 13.58 -10.21
CA LEU D 21 -57.65 12.73 -11.08
C LEU D 21 -58.20 12.68 -12.51
N SER D 22 -57.42 12.09 -13.42
CA SER D 22 -57.79 11.81 -14.84
C SER D 22 -57.45 10.34 -15.18
N SER D 23 -58.20 9.74 -16.11
CA SER D 23 -58.19 8.28 -16.40
C SER D 23 -56.76 7.74 -16.44
N SER D 24 -55.86 8.41 -17.18
CA SER D 24 -54.48 7.96 -17.50
C SER D 24 -53.56 8.05 -16.28
N MET D 25 -53.97 8.71 -15.19
CA MET D 25 -53.11 8.93 -13.99
C MET D 25 -52.88 7.61 -13.27
N SER D 26 -51.65 7.43 -12.74
CA SER D 26 -51.20 6.25 -11.95
C SER D 26 -50.82 6.70 -10.53
N VAL D 27 -50.15 5.82 -9.78
CA VAL D 27 -49.84 6.01 -8.33
C VAL D 27 -49.00 7.29 -8.17
N SER D 28 -48.03 7.52 -9.06
CA SER D 28 -47.10 8.69 -9.02
C SER D 28 -47.90 9.99 -8.98
N GLU D 29 -48.97 10.07 -9.76
CA GLU D 29 -49.81 11.30 -9.92
C GLU D 29 -50.73 11.43 -8.70
N LEU D 30 -51.21 10.30 -8.17
CA LEU D 30 -52.02 10.25 -6.93
C LEU D 30 -51.16 10.76 -5.77
N LYS D 31 -49.95 10.21 -5.62
CA LYS D 31 -48.97 10.62 -4.58
C LYS D 31 -48.60 12.09 -4.77
N ALA D 32 -48.30 12.50 -6.00
CA ALA D 32 -47.99 13.89 -6.39
C ALA D 32 -49.13 14.81 -5.92
N GLN D 33 -50.37 14.44 -6.24
CA GLN D 33 -51.60 15.18 -5.83
C GLN D 33 -51.69 15.24 -4.30
N ILE D 34 -51.31 14.17 -3.58
CA ILE D 34 -51.36 14.09 -2.10
C ILE D 34 -50.30 15.05 -1.54
N THR D 35 -49.07 14.98 -2.04
CA THR D 35 -47.94 15.92 -1.72
C THR D 35 -48.51 17.35 -1.66
N GLN D 36 -49.36 17.72 -2.63
CA GLN D 36 -50.02 19.05 -2.71
C GLN D 36 -50.70 19.37 -1.38
N LYS D 37 -51.69 18.57 -0.96
CA LYS D 37 -52.62 18.92 0.14
C LYS D 37 -51.92 18.84 1.50
N ILE D 38 -51.11 17.80 1.76
CA ILE D 38 -50.54 17.53 3.12
C ILE D 38 -49.03 17.78 3.15
N GLY D 39 -48.40 18.11 2.02
CA GLY D 39 -46.96 18.36 1.93
C GLY D 39 -46.14 17.24 2.55
N VAL D 40 -46.12 16.06 1.91
CA VAL D 40 -45.34 14.86 2.31
C VAL D 40 -44.70 14.27 1.06
N HIS D 41 -43.42 13.87 1.14
CA HIS D 41 -42.69 13.23 0.01
C HIS D 41 -43.44 11.96 -0.44
N ALA D 42 -43.45 11.68 -1.75
CA ALA D 42 -44.22 10.58 -2.37
C ALA D 42 -43.69 9.23 -1.88
N PHE D 43 -42.38 9.11 -1.71
CA PHE D 43 -41.71 7.86 -1.25
C PHE D 43 -41.94 7.66 0.25
N GLN D 44 -42.57 8.63 0.93
CA GLN D 44 -42.95 8.52 2.37
C GLN D 44 -44.45 8.21 2.51
N GLN D 45 -45.09 7.70 1.45
CA GLN D 45 -46.55 7.38 1.42
C GLN D 45 -46.76 5.89 1.11
N ARG D 46 -47.34 5.15 2.05
CA ARG D 46 -47.84 3.76 1.84
C ARG D 46 -49.32 3.85 1.44
N LEU D 47 -49.66 3.41 0.21
CA LEU D 47 -51.04 3.48 -0.34
C LEU D 47 -51.57 2.07 -0.60
N ALA D 48 -52.75 1.78 -0.09
CA ALA D 48 -53.52 0.54 -0.37
C ALA D 48 -54.99 0.90 -0.54
N VAL D 49 -55.71 0.11 -1.34
CA VAL D 49 -57.18 0.24 -1.57
C VAL D 49 -57.89 0.06 -0.23
N HIS D 50 -58.92 0.86 0.03
CA HIS D 50 -59.78 0.78 1.25
C HIS D 50 -61.19 0.37 0.82
N PRO D 51 -61.90 -0.50 1.58
CA PRO D 51 -61.33 -1.23 2.72
C PRO D 51 -60.46 -2.47 2.40
N SER D 52 -60.37 -2.88 1.13
CA SER D 52 -59.79 -4.19 0.71
C SER D 52 -58.35 -4.37 1.25
N GLY D 53 -57.50 -3.36 1.13
CA GLY D 53 -56.13 -3.37 1.68
C GLY D 53 -55.11 -3.95 0.73
N VAL D 54 -55.47 -4.17 -0.54
CA VAL D 54 -54.56 -4.74 -1.59
C VAL D 54 -53.71 -3.61 -2.18
N ALA D 55 -52.39 -3.81 -2.24
CA ALA D 55 -51.39 -2.81 -2.68
C ALA D 55 -51.65 -2.41 -4.14
N LEU D 56 -51.43 -1.13 -4.46
CA LEU D 56 -51.59 -0.56 -5.82
C LEU D 56 -50.41 -1.01 -6.69
N GLN D 57 -50.62 -1.06 -8.02
CA GLN D 57 -49.57 -1.38 -9.03
C GLN D 57 -49.02 -0.06 -9.60
N ASP D 58 -47.72 -0.01 -9.86
CA ASP D 58 -46.88 1.22 -9.81
C ASP D 58 -46.93 1.97 -11.15
N ARG D 59 -47.01 1.26 -12.28
CA ARG D 59 -46.98 1.87 -13.64
C ARG D 59 -48.42 2.00 -14.18
N VAL D 60 -49.22 0.92 -14.08
CA VAL D 60 -50.62 0.84 -14.61
C VAL D 60 -51.46 1.94 -13.99
N PRO D 61 -52.36 2.61 -14.75
CA PRO D 61 -53.23 3.66 -14.20
C PRO D 61 -54.30 3.10 -13.24
N LEU D 62 -54.86 3.99 -12.42
CA LEU D 62 -55.77 3.64 -11.29
C LEU D 62 -57.11 3.20 -11.87
N ALA D 63 -57.60 3.90 -12.90
CA ALA D 63 -58.86 3.60 -13.62
C ALA D 63 -58.86 2.15 -14.13
N SER D 64 -57.68 1.59 -14.44
CA SER D 64 -57.46 0.17 -14.83
C SER D 64 -57.82 -0.76 -13.66
N GLN D 65 -57.18 -0.56 -12.51
CA GLN D 65 -57.34 -1.38 -11.28
C GLN D 65 -58.74 -1.11 -10.71
N GLY D 66 -59.00 -1.57 -9.47
CA GLY D 66 -60.32 -1.46 -8.82
C GLY D 66 -60.84 -0.04 -8.76
N LEU D 67 -59.95 0.95 -8.64
CA LEU D 67 -60.28 2.37 -8.31
C LEU D 67 -60.98 3.06 -9.49
N GLY D 68 -62.22 3.51 -9.27
CA GLY D 68 -62.97 4.42 -10.14
C GLY D 68 -63.58 5.55 -9.32
N PRO D 69 -64.53 6.35 -9.85
CA PRO D 69 -65.18 7.38 -9.04
C PRO D 69 -65.99 6.72 -7.91
N GLY D 70 -65.97 7.32 -6.72
CA GLY D 70 -66.69 6.83 -5.52
C GLY D 70 -65.77 6.12 -4.54
N SER D 71 -64.85 5.26 -5.04
CA SER D 71 -63.97 4.38 -4.23
C SER D 71 -63.01 5.20 -3.35
N THR D 72 -62.33 4.53 -2.40
CA THR D 72 -61.45 5.15 -1.37
C THR D 72 -60.08 4.46 -1.37
N VAL D 73 -59.05 5.18 -0.91
CA VAL D 73 -57.65 4.68 -0.83
C VAL D 73 -57.10 5.03 0.56
N LEU D 74 -56.37 4.11 1.20
CA LEU D 74 -55.81 4.29 2.56
C LEU D 74 -54.37 4.83 2.44
N LEU D 75 -54.10 5.98 3.06
CA LEU D 75 -52.76 6.62 3.12
C LEU D 75 -52.17 6.41 4.51
N VAL D 76 -50.87 6.06 4.56
CA VAL D 76 -50.07 5.94 5.82
C VAL D 76 -48.74 6.64 5.58
N VAL D 77 -48.45 7.67 6.37
CA VAL D 77 -47.19 8.47 6.31
C VAL D 77 -46.10 7.73 7.08
N ASP D 78 -44.97 7.44 6.42
CA ASP D 78 -43.78 6.79 7.02
C ASP D 78 -42.57 7.71 6.83
N LYS D 79 -42.30 8.57 7.81
CA LYS D 79 -41.23 9.61 7.75
C LYS D 79 -39.92 9.07 8.34
N CYS D 80 -39.73 7.75 8.37
CA CYS D 80 -38.46 7.13 8.81
C CYS D 80 -37.36 7.49 7.82
N ASP D 81 -36.29 8.15 8.27
CA ASP D 81 -35.18 8.64 7.40
C ASP D 81 -33.84 8.20 7.99
N GLU D 82 -33.66 6.90 8.24
CA GLU D 82 -32.38 6.32 8.71
C GLU D 82 -31.34 6.47 7.61
N PRO D 83 -30.05 6.63 7.95
CA PRO D 83 -28.98 6.57 6.95
C PRO D 83 -28.84 5.15 6.38
N LEU D 84 -28.44 5.05 5.11
CA LEU D 84 -28.13 3.77 4.41
C LEU D 84 -26.89 3.98 3.53
N SER D 85 -26.17 2.90 3.25
CA SER D 85 -25.01 2.87 2.32
C SER D 85 -25.50 2.54 0.92
N ILE D 86 -25.17 3.37 -0.07
CA ILE D 86 -25.39 3.10 -1.52
C ILE D 86 -24.04 3.06 -2.24
N LEU D 87 -24.00 2.41 -3.40
CA LEU D 87 -22.82 2.36 -4.30
C LEU D 87 -23.05 3.31 -5.48
N VAL D 88 -21.99 3.95 -5.96
CA VAL D 88 -22.00 4.81 -7.18
C VAL D 88 -20.81 4.40 -8.04
N ARG D 89 -21.08 3.60 -9.07
CA ARG D 89 -20.07 3.01 -9.99
C ARG D 89 -19.72 4.02 -11.08
N ASN D 90 -18.43 4.25 -11.31
CA ASN D 90 -17.91 5.22 -12.32
C ASN D 90 -17.66 4.50 -13.65
N ASN D 91 -17.27 5.27 -14.66
CA ASN D 91 -16.94 4.83 -16.05
C ASN D 91 -15.83 3.77 -16.05
N LYS D 92 -14.90 3.81 -15.10
CA LYS D 92 -13.77 2.85 -14.98
C LYS D 92 -14.29 1.52 -14.40
N GLY D 93 -15.44 1.53 -13.71
CA GLY D 93 -16.12 0.34 -13.19
C GLY D 93 -15.88 0.12 -11.69
N ARG D 94 -15.30 1.10 -11.00
CA ARG D 94 -14.97 1.04 -9.55
C ARG D 94 -16.11 1.67 -8.73
N SER D 95 -16.94 0.81 -8.13
CA SER D 95 -17.99 1.20 -7.15
C SER D 95 -17.34 1.82 -5.91
N SER D 96 -17.97 2.84 -5.33
CA SER D 96 -17.57 3.50 -4.06
C SER D 96 -18.80 3.62 -3.16
N THR D 97 -18.61 3.65 -1.84
CA THR D 97 -19.69 3.68 -0.82
C THR D 97 -19.94 5.12 -0.37
N TYR D 98 -21.21 5.51 -0.29
CA TYR D 98 -21.68 6.83 0.21
C TYR D 98 -22.81 6.60 1.22
N GLU D 99 -22.65 7.13 2.43
CA GLU D 99 -23.72 7.17 3.45
C GLU D 99 -24.67 8.30 3.06
N VAL D 100 -25.95 8.02 2.84
CA VAL D 100 -26.97 9.04 2.47
C VAL D 100 -28.23 8.79 3.28
N ARG D 101 -29.17 9.73 3.24
CA ARG D 101 -30.57 9.58 3.69
C ARG D 101 -31.46 9.79 2.47
N LEU D 102 -32.69 9.27 2.48
CA LEU D 102 -33.58 9.33 1.29
C LEU D 102 -34.14 10.76 1.13
N THR D 103 -34.03 11.64 2.13
CA THR D 103 -34.61 13.00 2.07
C THR D 103 -33.71 13.96 1.29
N GLN D 104 -32.39 13.69 1.24
CA GLN D 104 -31.42 14.61 0.58
C GLN D 104 -31.47 14.39 -0.94
N THR D 105 -31.21 15.48 -1.69
CA THR D 105 -31.45 15.64 -3.15
C THR D 105 -30.43 14.85 -3.96
N VAL D 106 -30.75 14.58 -5.23
CA VAL D 106 -29.82 13.95 -6.22
C VAL D 106 -28.57 14.82 -6.33
N ALA D 107 -28.75 16.15 -6.34
CA ALA D 107 -27.67 17.17 -6.41
C ALA D 107 -26.69 16.94 -5.25
N HIS D 108 -27.22 16.72 -4.04
CA HIS D 108 -26.43 16.52 -2.81
C HIS D 108 -25.52 15.29 -2.97
N LEU D 109 -26.08 14.17 -3.46
CA LEU D 109 -25.30 12.94 -3.79
C LEU D 109 -24.28 13.30 -4.87
N LYS D 110 -24.75 13.86 -5.99
CA LYS D 110 -23.90 14.29 -7.13
C LYS D 110 -22.69 15.07 -6.60
N GLN D 111 -22.93 15.99 -5.65
CA GLN D 111 -21.89 16.87 -5.06
C GLN D 111 -20.85 16.01 -4.32
N GLN D 112 -21.28 15.02 -3.54
CA GLN D 112 -20.39 14.05 -2.84
C GLN D 112 -19.58 13.25 -3.85
N VAL D 113 -20.23 12.74 -4.91
CA VAL D 113 -19.60 11.92 -5.98
C VAL D 113 -18.57 12.79 -6.70
N SER D 114 -18.91 14.06 -6.94
CA SER D 114 -18.03 15.09 -7.55
C SER D 114 -16.70 15.13 -6.79
N GLY D 115 -16.75 15.23 -5.46
CA GLY D 115 -15.57 15.31 -4.56
C GLY D 115 -14.71 14.06 -4.62
N LEU D 116 -15.34 12.89 -4.52
CA LEU D 116 -14.63 11.57 -4.45
C LEU D 116 -14.01 11.25 -5.82
N GLU D 117 -14.79 11.35 -6.90
CA GLU D 117 -14.40 10.90 -8.26
C GLU D 117 -13.53 11.99 -8.94
N GLY D 118 -13.56 13.22 -8.43
CA GLY D 118 -12.76 14.35 -8.94
C GLY D 118 -13.21 14.81 -10.32
N VAL D 119 -14.52 15.06 -10.48
CA VAL D 119 -15.17 15.50 -11.74
C VAL D 119 -16.24 16.53 -11.39
N GLN D 120 -16.36 17.61 -12.18
CA GLN D 120 -17.41 18.66 -12.01
C GLN D 120 -18.79 18.03 -12.15
N ASP D 121 -19.79 18.52 -11.39
CA ASP D 121 -21.10 17.82 -11.20
C ASP D 121 -22.05 18.09 -12.38
N ASP D 122 -21.65 18.96 -13.31
CA ASP D 122 -22.43 19.25 -14.55
C ASP D 122 -21.75 18.57 -15.76
N LEU D 123 -20.75 17.73 -15.52
CA LEU D 123 -20.04 16.92 -16.57
C LEU D 123 -20.37 15.43 -16.39
N PHE D 124 -21.36 15.09 -15.55
CA PHE D 124 -21.92 13.72 -15.43
C PHE D 124 -23.37 13.77 -14.96
N TRP D 125 -24.09 12.68 -15.19
CA TRP D 125 -25.48 12.40 -14.74
C TRP D 125 -25.52 11.01 -14.11
N LEU D 126 -26.53 10.75 -13.28
CA LEU D 126 -26.67 9.47 -12.54
C LEU D 126 -27.90 8.71 -13.07
N THR D 127 -27.79 7.39 -13.23
CA THR D 127 -28.93 6.49 -13.57
C THR D 127 -29.10 5.43 -12.48
N PHE D 128 -30.34 5.09 -12.17
CA PHE D 128 -30.71 3.90 -11.36
C PHE D 128 -31.75 3.09 -12.15
N GLU D 129 -31.42 1.83 -12.44
CA GLU D 129 -32.28 0.90 -13.23
C GLU D 129 -32.67 1.59 -14.55
N GLY D 130 -31.69 2.22 -15.22
CA GLY D 130 -31.85 2.87 -16.54
C GLY D 130 -32.53 4.24 -16.46
N LYS D 131 -33.05 4.61 -15.29
CA LYS D 131 -33.80 5.88 -15.10
C LYS D 131 -32.83 6.98 -14.70
N PRO D 132 -32.85 8.15 -15.38
CA PRO D 132 -32.01 9.28 -14.98
C PRO D 132 -32.57 9.98 -13.74
N LEU D 133 -31.69 10.39 -12.82
CA LEU D 133 -32.04 11.06 -11.54
C LEU D 133 -31.96 12.58 -11.74
N GLU D 134 -33.07 13.30 -11.55
CA GLU D 134 -33.13 14.77 -11.69
C GLU D 134 -32.65 15.45 -10.39
N ASP D 135 -31.84 16.49 -10.52
CA ASP D 135 -31.02 17.11 -9.43
C ASP D 135 -31.88 17.50 -8.23
N GLN D 136 -33.05 18.08 -8.45
CA GLN D 136 -33.82 18.79 -7.39
C GLN D 136 -34.67 17.81 -6.57
N LEU D 137 -34.82 16.55 -7.02
CA LEU D 137 -35.68 15.54 -6.35
C LEU D 137 -34.92 14.83 -5.24
N PRO D 138 -35.63 14.27 -4.23
CA PRO D 138 -35.00 13.49 -3.16
C PRO D 138 -34.68 12.06 -3.63
N LEU D 139 -33.56 11.50 -3.16
CA LEU D 139 -33.05 10.15 -3.55
C LEU D 139 -34.16 9.11 -3.43
N GLY D 140 -35.04 9.22 -2.43
CA GLY D 140 -36.08 8.23 -2.13
C GLY D 140 -37.10 8.09 -3.25
N GLU D 141 -37.24 9.13 -4.08
CA GLU D 141 -38.18 9.18 -5.23
C GLU D 141 -37.85 8.07 -6.23
N TYR D 142 -36.61 7.57 -6.22
CA TYR D 142 -36.10 6.57 -7.19
C TYR D 142 -35.99 5.19 -6.50
N GLY D 143 -36.69 5.03 -5.38
CA GLY D 143 -36.86 3.75 -4.66
C GLY D 143 -35.54 3.12 -4.26
N LEU D 144 -34.57 3.93 -3.85
CA LEU D 144 -33.21 3.45 -3.47
C LEU D 144 -33.30 2.67 -2.15
N LYS D 145 -32.55 1.57 -2.06
CA LYS D 145 -32.50 0.65 -0.89
C LYS D 145 -31.02 0.47 -0.52
N PRO D 146 -30.70 -0.02 0.70
CA PRO D 146 -29.32 -0.32 1.05
C PRO D 146 -28.58 -1.16 -0.01
N LEU D 147 -27.34 -0.76 -0.32
CA LEU D 147 -26.39 -1.46 -1.22
C LEU D 147 -26.84 -1.42 -2.69
N SER D 148 -27.94 -0.72 -3.00
CA SER D 148 -28.32 -0.34 -4.39
C SER D 148 -27.14 0.36 -5.07
N THR D 149 -26.85 -0.02 -6.32
CA THR D 149 -25.78 0.56 -7.16
C THR D 149 -26.41 1.59 -8.12
N VAL D 150 -26.05 2.86 -7.95
CA VAL D 150 -26.35 3.99 -8.88
C VAL D 150 -25.16 4.14 -9.82
N PHE D 151 -25.41 4.45 -11.10
CA PHE D 151 -24.39 4.51 -12.18
C PHE D 151 -24.06 5.98 -12.53
N MET D 152 -22.78 6.34 -12.43
CA MET D 152 -22.21 7.63 -12.91
C MET D 152 -21.91 7.48 -14.41
N ASN D 153 -22.52 8.35 -15.24
CA ASN D 153 -22.33 8.41 -16.71
C ASN D 153 -21.65 9.73 -17.09
N LEU D 154 -20.60 9.69 -17.91
CA LEU D 154 -19.92 10.91 -18.42
C LEU D 154 -20.80 11.56 -19.49
N ARG D 155 -21.08 12.85 -19.32
CA ARG D 155 -21.93 13.65 -20.25
C ARG D 155 -21.06 14.10 -21.41
N LEU D 156 -21.39 13.65 -22.63
CA LEU D 156 -20.88 14.26 -23.88
C LEU D 156 -21.59 15.61 -24.08
N ARG D 157 -20.90 16.60 -24.64
CA ARG D 157 -21.41 17.98 -24.82
C ARG D 157 -21.40 18.32 -26.30
N GLY D 158 -22.38 17.80 -27.04
CA GLY D 158 -22.54 17.98 -28.49
C GLY D 158 -23.28 19.26 -28.81
N GLY D 159 -22.60 20.18 -29.50
CA GLY D 159 -23.23 21.37 -30.12
C GLY D 159 -23.30 21.20 -31.62
N VAL E 5 24.77 80.60 -14.97
CA VAL E 5 23.69 79.56 -15.12
C VAL E 5 23.88 78.87 -16.48
N ARG E 6 24.83 77.93 -16.56
CA ARG E 6 25.29 77.33 -17.84
C ARG E 6 24.49 76.05 -18.13
N THR E 7 23.67 76.09 -19.20
CA THR E 7 22.76 75.00 -19.64
C THR E 7 23.37 74.26 -20.84
N ILE E 8 22.82 73.10 -21.20
CA ILE E 8 23.00 72.43 -22.52
C ILE E 8 21.67 71.77 -22.91
N LYS E 9 21.53 71.43 -24.20
CA LYS E 9 20.34 70.75 -24.78
C LYS E 9 20.62 69.26 -24.93
N VAL E 10 19.71 68.42 -24.44
CA VAL E 10 19.70 66.93 -24.58
C VAL E 10 18.29 66.49 -24.93
N PHE E 11 18.15 65.24 -25.38
CA PHE E 11 16.83 64.60 -25.68
C PHE E 11 16.52 63.54 -24.60
N THR E 12 15.31 63.59 -24.03
CA THR E 12 14.73 62.51 -23.19
C THR E 12 13.78 61.67 -24.07
N THR E 13 13.74 60.36 -23.84
CA THR E 13 12.85 59.40 -24.54
C THR E 13 12.67 58.15 -23.68
N VAL E 14 11.64 57.35 -23.99
CA VAL E 14 11.43 56.00 -23.40
C VAL E 14 11.65 54.93 -24.47
N ASP E 15 11.59 55.29 -25.76
CA ASP E 15 11.59 54.33 -26.90
C ASP E 15 12.78 54.54 -27.84
N ASN E 16 13.46 55.68 -27.76
CA ASN E 16 14.58 56.09 -28.64
C ASN E 16 14.05 56.32 -30.06
N ILE E 17 12.80 56.76 -30.17
CA ILE E 17 12.14 57.06 -31.47
C ILE E 17 11.45 58.42 -31.34
N ASN E 18 10.54 58.55 -30.36
CA ASN E 18 9.99 59.86 -29.95
C ASN E 18 10.96 60.47 -28.93
N LEU E 19 11.74 61.45 -29.40
CA LEU E 19 12.72 62.25 -28.61
C LEU E 19 12.02 63.53 -28.15
N HIS E 20 12.50 64.12 -27.06
CA HIS E 20 11.92 65.32 -26.38
C HIS E 20 13.07 66.23 -25.95
N THR E 21 13.22 67.40 -26.58
CA THR E 21 14.29 68.39 -26.27
C THR E 21 14.10 68.87 -24.83
N GLN E 22 15.20 68.88 -24.07
CA GLN E 22 15.25 69.43 -22.70
C GLN E 22 16.42 70.42 -22.62
N VAL E 23 16.32 71.41 -21.75
CA VAL E 23 17.44 72.33 -21.39
C VAL E 23 17.84 71.99 -19.96
N VAL E 24 18.97 71.28 -19.78
CA VAL E 24 19.45 70.84 -18.44
C VAL E 24 20.40 71.89 -17.86
N ASP E 25 20.16 72.27 -16.60
CA ASP E 25 21.06 73.04 -15.72
C ASP E 25 22.26 72.14 -15.41
N MET E 26 23.47 72.55 -15.77
CA MET E 26 24.71 71.72 -15.61
C MET E 26 25.20 71.71 -14.15
N SER E 27 24.59 72.53 -13.28
CA SER E 27 24.91 72.62 -11.83
C SER E 27 24.19 71.51 -11.04
N MET E 28 23.12 70.93 -11.59
CA MET E 28 22.29 69.86 -10.95
C MET E 28 22.58 68.53 -11.64
N THR E 29 22.36 67.41 -10.94
CA THR E 29 22.44 66.03 -11.51
C THR E 29 21.23 65.81 -12.43
N TYR E 30 21.35 64.89 -13.40
CA TYR E 30 20.22 64.47 -14.26
C TYR E 30 19.04 64.07 -13.35
N GLY E 31 19.31 63.25 -12.33
CA GLY E 31 18.32 62.75 -11.36
C GLY E 31 17.49 63.86 -10.73
N GLN E 32 18.13 65.00 -10.46
CA GLN E 32 17.51 66.18 -9.80
C GLN E 32 16.57 66.91 -10.77
N GLN E 33 16.62 66.59 -12.08
CA GLN E 33 15.87 67.31 -13.14
C GLN E 33 14.84 66.38 -13.80
N PHE E 34 15.13 65.08 -13.93
CA PHE E 34 14.33 64.11 -14.73
C PHE E 34 13.86 62.89 -13.90
N GLY E 35 14.51 62.61 -12.77
CA GLY E 35 14.42 61.31 -12.08
C GLY E 35 15.37 60.31 -12.71
N PRO E 36 15.20 58.99 -12.48
CA PRO E 36 16.16 58.00 -12.98
C PRO E 36 16.41 58.25 -14.48
N THR E 37 17.68 58.40 -14.85
CA THR E 37 18.13 58.76 -16.22
C THR E 37 19.27 57.83 -16.61
N TYR E 38 19.23 57.29 -17.83
CA TYR E 38 20.22 56.32 -18.36
C TYR E 38 20.77 56.85 -19.68
N LEU E 39 22.07 56.60 -19.93
CA LEU E 39 22.77 56.94 -21.19
C LEU E 39 23.45 55.67 -21.72
N ASP E 40 22.79 54.96 -22.64
CA ASP E 40 23.24 53.68 -23.24
C ASP E 40 23.31 52.61 -22.14
N GLY E 41 22.29 52.56 -21.26
CA GLY E 41 22.21 51.60 -20.15
C GLY E 41 22.97 52.06 -18.92
N ALA E 42 23.87 53.03 -19.07
CA ALA E 42 24.70 53.60 -17.98
C ALA E 42 23.82 54.54 -17.14
N ASP E 43 23.67 54.24 -15.85
CA ASP E 43 22.87 55.04 -14.89
C ASP E 43 23.60 56.37 -14.62
N VAL E 44 23.10 57.48 -15.16
CA VAL E 44 23.71 58.83 -15.03
C VAL E 44 22.85 59.70 -14.10
N THR E 45 22.09 59.07 -13.21
CA THR E 45 21.13 59.73 -12.30
C THR E 45 21.88 60.65 -11.32
N LYS E 46 22.98 60.16 -10.74
CA LYS E 46 23.77 60.86 -9.67
C LYS E 46 24.99 61.57 -10.30
N ILE E 47 24.89 61.93 -11.58
CA ILE E 47 25.95 62.60 -12.38
C ILE E 47 25.38 63.93 -12.87
N LYS E 48 26.22 64.96 -12.96
CA LYS E 48 25.85 66.28 -13.53
C LYS E 48 26.21 66.26 -15.01
N PRO E 49 25.51 67.00 -15.89
CA PRO E 49 25.81 66.99 -17.32
C PRO E 49 27.27 67.41 -17.62
N HIS E 50 28.02 66.56 -18.30
CA HIS E 50 29.34 66.87 -18.94
C HIS E 50 29.06 67.70 -20.21
N ASN E 51 30.10 68.29 -20.81
CA ASN E 51 29.94 69.12 -22.03
C ASN E 51 29.71 68.21 -23.23
N SER E 52 30.25 66.98 -23.19
CA SER E 52 30.20 65.96 -24.28
C SER E 52 28.81 65.32 -24.38
N HIS E 53 27.79 65.88 -23.71
CA HIS E 53 26.41 65.33 -23.64
C HIS E 53 25.46 66.11 -24.55
N GLU E 54 25.92 67.19 -25.18
CA GLU E 54 25.08 68.06 -26.07
C GLU E 54 24.40 67.19 -27.13
N GLY E 55 23.09 67.38 -27.31
CA GLY E 55 22.29 66.79 -28.40
C GLY E 55 22.19 65.28 -28.32
N LYS E 56 22.56 64.68 -27.19
CA LYS E 56 22.52 63.20 -26.97
C LYS E 56 21.17 62.78 -26.37
N THR E 57 20.82 61.52 -26.57
CA THR E 57 19.51 60.91 -26.21
C THR E 57 19.65 60.13 -24.90
N PHE E 58 18.87 60.51 -23.88
CA PHE E 58 18.82 59.87 -22.54
C PHE E 58 17.45 59.21 -22.32
N TYR E 59 17.46 57.98 -21.83
CA TYR E 59 16.25 57.24 -21.41
C TYR E 59 15.85 57.75 -20.01
N VAL E 60 14.56 57.96 -19.78
CA VAL E 60 13.99 58.38 -18.46
C VAL E 60 12.85 57.43 -18.06
N LEU E 61 12.31 57.59 -16.86
CA LEU E 61 11.12 56.85 -16.38
C LEU E 61 9.87 57.42 -17.04
N PRO E 62 8.86 56.59 -17.40
CA PRO E 62 7.63 57.08 -18.02
C PRO E 62 6.70 57.74 -16.99
N ASN E 63 7.01 58.99 -16.60
CA ASN E 63 6.38 59.65 -15.42
C ASN E 63 5.54 60.85 -15.87
N ASP E 64 4.92 60.77 -17.05
CA ASP E 64 3.81 61.67 -17.53
C ASP E 64 2.98 60.90 -18.56
N ASP E 65 1.75 61.33 -18.83
CA ASP E 65 0.76 60.58 -19.64
C ASP E 65 1.24 60.43 -21.09
N THR E 66 2.14 61.31 -21.57
CA THR E 66 2.76 61.23 -22.92
C THR E 66 3.72 60.03 -22.96
N LEU E 67 4.64 59.93 -22.00
CA LEU E 67 5.69 58.87 -21.93
C LEU E 67 5.05 57.52 -21.58
N ARG E 68 4.00 57.50 -20.75
CA ARG E 68 3.22 56.28 -20.40
C ARG E 68 2.66 55.66 -21.69
N VAL E 69 2.07 56.48 -22.56
CA VAL E 69 1.50 56.07 -23.88
C VAL E 69 2.65 55.57 -24.75
N GLU E 70 3.72 56.37 -24.91
CA GLU E 70 4.87 56.04 -25.79
C GLU E 70 5.52 54.73 -25.33
N ALA E 71 5.71 54.57 -24.02
CA ALA E 71 6.41 53.42 -23.39
C ALA E 71 5.58 52.15 -23.61
N PHE E 72 4.26 52.24 -23.37
CA PHE E 72 3.37 51.07 -23.54
C PHE E 72 3.32 50.69 -25.02
N GLU E 73 3.06 51.66 -25.90
CA GLU E 73 2.92 51.43 -27.35
C GLU E 73 4.16 50.73 -27.89
N TYR E 74 5.35 51.01 -27.32
CA TYR E 74 6.64 50.43 -27.79
C TYR E 74 6.92 49.08 -27.11
N TYR E 75 6.71 48.96 -25.80
CA TYR E 75 7.18 47.80 -24.99
C TYR E 75 6.04 46.80 -24.70
N HIS E 76 4.78 47.22 -24.82
CA HIS E 76 3.56 46.40 -24.53
C HIS E 76 3.61 45.91 -23.07
N THR E 77 3.95 46.80 -22.13
CA THR E 77 4.04 46.54 -20.67
C THR E 77 3.87 47.85 -19.88
N THR E 78 3.12 47.80 -18.78
CA THR E 78 2.90 48.91 -17.80
C THR E 78 3.89 48.76 -16.64
N ASP E 79 4.68 47.69 -16.62
CA ASP E 79 5.59 47.33 -15.50
C ASP E 79 6.53 48.50 -15.24
N PRO E 80 6.41 49.18 -14.07
CA PRO E 80 7.23 50.36 -13.79
C PRO E 80 8.73 50.06 -13.62
N SER E 81 9.10 48.79 -13.43
CA SER E 81 10.51 48.36 -13.22
C SER E 81 11.21 48.11 -14.57
N PHE E 82 10.48 48.02 -15.68
CA PHE E 82 10.97 47.46 -16.97
C PHE E 82 12.18 48.24 -17.49
N LEU E 83 12.03 49.55 -17.74
CA LEU E 83 13.11 50.42 -18.24
C LEU E 83 14.40 50.14 -17.46
N GLY E 84 14.32 50.18 -16.13
CA GLY E 84 15.45 49.99 -15.22
C GLY E 84 16.19 48.71 -15.51
N ARG E 85 15.47 47.59 -15.56
CA ARG E 85 16.00 46.21 -15.73
C ARG E 85 16.55 46.05 -17.15
N TYR E 86 15.84 46.62 -18.13
CA TYR E 86 16.30 46.74 -19.54
C TYR E 86 17.66 47.45 -19.58
N MET E 87 17.71 48.72 -19.15
CA MET E 87 18.94 49.57 -19.15
C MET E 87 20.06 48.87 -18.38
N SER E 88 19.75 48.34 -17.19
CA SER E 88 20.67 47.56 -16.32
C SER E 88 21.34 46.44 -17.13
N ALA E 89 20.54 45.65 -17.85
CA ALA E 89 20.99 44.50 -18.68
C ALA E 89 21.81 44.99 -19.87
N LEU E 90 21.38 46.09 -20.50
CA LEU E 90 22.02 46.68 -21.71
C LEU E 90 23.45 47.11 -21.38
N ASN E 91 23.66 47.65 -20.18
CA ASN E 91 24.96 48.15 -19.69
C ASN E 91 26.01 47.03 -19.76
N HIS E 92 25.58 45.77 -19.62
CA HIS E 92 26.43 44.56 -19.67
C HIS E 92 26.49 44.00 -21.10
N THR E 93 25.36 43.96 -21.80
CA THR E 93 25.22 43.28 -23.12
C THR E 93 25.92 44.08 -24.22
N LYS E 94 25.99 45.41 -24.10
CA LYS E 94 26.62 46.29 -25.13
C LYS E 94 28.11 45.97 -25.22
N LYS E 95 28.69 45.37 -24.16
CA LYS E 95 30.13 45.03 -24.04
C LYS E 95 30.36 43.54 -24.38
N TRP E 96 29.31 42.80 -24.76
CA TRP E 96 29.43 41.43 -25.33
C TRP E 96 29.91 41.52 -26.78
N LYS E 97 30.27 40.39 -27.38
CA LYS E 97 30.76 40.30 -28.78
C LYS E 97 29.85 39.36 -29.57
N TYR E 98 29.46 39.77 -30.78
CA TYR E 98 28.42 39.11 -31.62
C TYR E 98 29.01 38.65 -32.95
N PRO E 99 29.78 37.54 -32.98
CA PRO E 99 30.36 37.02 -34.22
C PRO E 99 29.28 36.40 -35.10
N GLN E 100 29.60 36.06 -36.36
CA GLN E 100 28.60 35.65 -37.37
C GLN E 100 28.99 34.34 -38.05
N VAL E 101 27.98 33.67 -38.62
CA VAL E 101 28.08 32.43 -39.47
C VAL E 101 27.08 32.59 -40.63
N ASN E 102 27.33 33.55 -41.53
CA ASN E 102 26.44 33.97 -42.65
C ASN E 102 25.07 34.38 -42.10
N GLY E 103 24.94 35.65 -41.66
CA GLY E 103 23.67 36.23 -41.20
C GLY E 103 23.12 35.54 -39.96
N LEU E 104 23.88 34.62 -39.37
CA LEU E 104 23.62 34.04 -38.02
C LEU E 104 24.50 34.77 -36.99
N THR E 105 23.87 35.57 -36.14
CA THR E 105 24.53 36.33 -35.04
C THR E 105 24.50 35.48 -33.78
N SER E 106 25.65 34.94 -33.38
CA SER E 106 25.87 34.24 -32.10
C SER E 106 26.29 35.25 -31.03
N ILE E 107 26.78 34.78 -29.87
CA ILE E 107 27.41 35.63 -28.81
C ILE E 107 28.65 34.90 -28.28
N LYS E 108 29.76 35.61 -28.16
CA LYS E 108 31.01 35.08 -27.54
C LYS E 108 30.72 34.84 -26.06
N TRP E 109 31.01 33.64 -25.54
CA TRP E 109 30.71 33.24 -24.14
C TRP E 109 31.15 34.32 -23.16
N ALA E 110 30.20 34.78 -22.32
CA ALA E 110 30.39 35.75 -21.22
C ALA E 110 29.15 35.68 -20.31
N ASP E 111 29.35 35.79 -19.00
CA ASP E 111 28.26 36.02 -18.01
C ASP E 111 27.17 34.96 -18.15
N ASN E 112 27.54 33.71 -18.44
CA ASN E 112 26.62 32.55 -18.52
C ASN E 112 25.51 32.82 -19.56
N ASN E 113 25.89 33.27 -20.76
CA ASN E 113 24.94 33.73 -21.82
C ASN E 113 24.69 32.61 -22.84
N SER E 114 25.26 31.43 -22.63
CA SER E 114 25.06 30.22 -23.46
C SER E 114 23.59 30.05 -23.85
N TYR E 115 22.66 30.13 -22.89
CA TYR E 115 21.21 29.92 -23.10
C TYR E 115 20.64 31.05 -23.96
N LEU E 116 21.16 32.27 -23.81
CA LEU E 116 20.73 33.44 -24.61
C LEU E 116 21.24 33.31 -26.04
N ALA E 117 22.52 32.95 -26.21
CA ALA E 117 23.17 32.68 -27.51
C ALA E 117 22.27 31.73 -28.31
N THR E 118 21.92 30.61 -27.69
CA THR E 118 21.12 29.53 -28.33
C THR E 118 19.72 30.04 -28.67
N ALA E 119 19.10 30.83 -27.79
CA ALA E 119 17.76 31.43 -28.00
C ALA E 119 17.83 32.41 -29.16
N LEU E 120 18.87 33.26 -29.17
CA LEU E 120 19.13 34.27 -30.24
C LEU E 120 19.31 33.58 -31.60
N LEU E 121 20.17 32.55 -31.67
CA LEU E 121 20.46 31.77 -32.91
C LEU E 121 19.18 31.10 -33.41
N THR E 122 18.40 30.52 -32.50
CA THR E 122 17.11 29.83 -32.80
C THR E 122 16.12 30.83 -33.39
N LEU E 123 16.01 32.04 -32.83
CA LEU E 123 14.99 33.08 -33.20
C LEU E 123 15.27 33.64 -34.60
N GLN E 124 16.50 33.52 -35.10
CA GLN E 124 16.89 34.02 -36.45
C GLN E 124 16.41 33.05 -37.53
N GLN E 125 16.09 31.81 -37.17
CA GLN E 125 15.88 30.68 -38.12
C GLN E 125 14.43 30.19 -38.16
N ILE E 126 13.56 30.67 -37.27
CA ILE E 126 12.11 30.31 -37.21
C ILE E 126 11.30 31.55 -37.58
N GLU E 127 10.13 31.36 -38.21
CA GLU E 127 9.27 32.46 -38.74
C GLU E 127 8.35 32.92 -37.60
N LEU E 128 8.64 34.09 -37.05
CA LEU E 128 8.02 34.63 -35.81
C LEU E 128 7.86 36.14 -35.96
N LYS E 129 6.65 36.65 -35.76
CA LYS E 129 6.35 38.10 -35.75
C LYS E 129 6.04 38.53 -34.32
N PHE E 130 6.95 39.26 -33.68
CA PHE E 130 6.77 39.88 -32.35
C PHE E 130 5.75 41.01 -32.47
N ASN E 131 4.90 41.20 -31.44
CA ASN E 131 3.88 42.28 -31.38
C ASN E 131 4.51 43.58 -30.88
N PRO E 132 5.28 43.57 -29.77
CA PRO E 132 5.92 44.80 -29.27
C PRO E 132 6.86 45.39 -30.31
N PRO E 133 6.64 46.64 -30.76
CA PRO E 133 7.57 47.29 -31.68
C PRO E 133 9.02 47.21 -31.17
N ALA E 134 9.22 47.26 -29.84
CA ALA E 134 10.54 47.16 -29.18
C ALA E 134 11.29 45.91 -29.66
N LEU E 135 10.60 44.77 -29.71
CA LEU E 135 11.19 43.45 -30.03
C LEU E 135 11.33 43.30 -31.55
N GLN E 136 10.36 43.80 -32.32
CA GLN E 136 10.42 43.86 -33.80
C GLN E 136 11.70 44.61 -34.21
N ASP E 137 11.78 45.90 -33.87
CA ASP E 137 12.92 46.79 -34.22
C ASP E 137 14.22 46.07 -33.86
N ALA E 138 14.30 45.56 -32.64
CA ALA E 138 15.53 45.00 -32.02
C ALA E 138 15.91 43.68 -32.69
N TYR E 139 14.95 42.90 -33.19
CA TYR E 139 15.22 41.63 -33.91
C TYR E 139 15.96 41.94 -35.22
N TYR E 140 15.36 42.76 -36.08
CA TYR E 140 15.91 43.13 -37.42
C TYR E 140 17.31 43.74 -37.22
N ARG E 141 17.48 44.54 -36.16
CA ARG E 141 18.77 45.21 -35.82
C ARG E 141 19.78 44.16 -35.35
N ALA E 142 19.33 43.07 -34.73
CA ALA E 142 20.19 41.99 -34.18
C ALA E 142 20.63 41.06 -35.31
N ARG E 143 19.74 40.79 -36.28
CA ARG E 143 20.02 39.99 -37.51
C ARG E 143 21.24 40.55 -38.22
N ALA E 144 21.42 41.89 -38.17
CA ALA E 144 22.49 42.65 -38.84
C ALA E 144 23.73 42.78 -37.94
N GLY E 145 23.74 42.17 -36.76
CA GLY E 145 24.98 41.97 -35.96
C GLY E 145 25.04 42.79 -34.68
N GLU E 146 24.27 43.88 -34.57
CA GLU E 146 24.14 44.67 -33.31
C GLU E 146 22.95 44.10 -32.50
N ALA E 147 23.22 43.16 -31.60
CA ALA E 147 22.20 42.29 -30.96
C ALA E 147 22.12 42.57 -29.44
N ALA E 148 22.78 43.62 -28.96
CA ALA E 148 22.87 43.93 -27.51
C ALA E 148 21.51 44.41 -27.01
N ASN E 149 20.73 45.09 -27.85
CA ASN E 149 19.40 45.62 -27.47
C ASN E 149 18.42 44.45 -27.33
N PHE E 150 18.41 43.55 -28.31
CA PHE E 150 17.54 42.35 -28.33
C PHE E 150 17.83 41.49 -27.08
N CYS E 151 19.10 41.10 -26.90
CA CYS E 151 19.59 40.27 -25.77
C CYS E 151 19.15 40.87 -24.42
N ALA E 152 19.26 42.19 -24.30
CA ALA E 152 18.87 42.98 -23.10
C ALA E 152 17.35 42.96 -22.93
N LEU E 153 16.61 43.08 -24.03
CA LEU E 153 15.13 43.06 -23.98
C LEU E 153 14.64 41.67 -23.59
N ILE E 154 15.22 40.62 -24.20
CA ILE E 154 14.91 39.20 -23.85
C ILE E 154 15.01 39.05 -22.34
N LEU E 155 16.11 39.52 -21.74
CA LEU E 155 16.39 39.44 -20.28
C LEU E 155 15.29 40.18 -19.50
N ALA E 156 14.99 41.42 -19.88
CA ALA E 156 13.93 42.27 -19.26
C ALA E 156 12.57 41.56 -19.33
N TYR E 157 12.20 40.99 -20.49
CA TYR E 157 10.87 40.37 -20.74
C TYR E 157 10.71 39.03 -20.00
N CYS E 158 11.83 38.33 -19.74
CA CYS E 158 11.87 37.02 -19.04
C CYS E 158 12.05 37.23 -17.53
N ASN E 159 12.37 38.45 -17.12
CA ASN E 159 12.55 38.87 -15.70
C ASN E 159 13.79 38.17 -15.13
N LYS E 160 14.76 37.85 -15.99
CA LYS E 160 16.11 37.37 -15.59
C LYS E 160 17.09 38.54 -15.66
N THR E 161 18.22 38.41 -14.96
CA THR E 161 19.31 39.41 -14.97
C THR E 161 20.56 38.77 -15.57
N VAL E 162 21.48 39.61 -16.07
CA VAL E 162 22.79 39.19 -16.66
C VAL E 162 23.57 38.41 -15.61
N GLY E 163 24.15 37.26 -15.97
CA GLY E 163 24.92 36.39 -15.06
C GLY E 163 24.14 35.16 -14.62
N GLU E 164 22.82 35.28 -14.47
CA GLU E 164 21.90 34.17 -14.06
C GLU E 164 21.98 33.04 -15.09
N LEU E 165 22.05 31.78 -14.63
CA LEU E 165 21.89 30.57 -15.47
C LEU E 165 20.45 30.57 -16.02
N GLY E 166 20.20 29.98 -17.19
CA GLY E 166 18.89 30.05 -17.86
C GLY E 166 18.50 28.74 -18.53
N ASP E 167 17.20 28.58 -18.79
CA ASP E 167 16.59 27.47 -19.59
C ASP E 167 16.10 28.08 -20.90
N VAL E 168 16.49 27.50 -22.04
CA VAL E 168 16.09 27.97 -23.40
C VAL E 168 14.57 27.87 -23.55
N ARG E 169 14.01 26.72 -23.21
CA ARG E 169 12.56 26.43 -23.28
C ARG E 169 11.77 27.47 -22.46
N GLU E 170 12.26 27.85 -21.26
CA GLU E 170 11.57 28.83 -20.38
C GLU E 170 11.59 30.20 -21.06
N THR E 171 12.73 30.57 -21.65
CA THR E 171 12.92 31.85 -22.39
C THR E 171 11.91 31.96 -23.52
N MET E 172 11.80 30.92 -24.35
CA MET E 172 10.89 30.88 -25.52
C MET E 172 9.44 30.90 -25.02
N SER E 173 9.19 30.30 -23.87
CA SER E 173 7.86 30.27 -23.22
C SER E 173 7.42 31.72 -22.95
N TYR E 174 8.32 32.54 -22.39
CA TYR E 174 8.07 33.96 -22.04
C TYR E 174 7.92 34.82 -23.30
N LEU E 175 8.85 34.67 -24.26
CA LEU E 175 8.91 35.51 -25.48
C LEU E 175 7.63 35.29 -26.31
N PHE E 176 7.19 34.05 -26.47
CA PHE E 176 6.05 33.67 -27.34
C PHE E 176 4.77 34.36 -26.86
N GLN E 177 4.70 34.75 -25.58
CA GLN E 177 3.57 35.53 -25.02
C GLN E 177 3.49 36.86 -25.76
N HIS E 178 4.62 37.41 -26.19
CA HIS E 178 4.72 38.70 -26.93
C HIS E 178 4.79 38.45 -28.45
N ALA E 179 4.59 37.20 -28.90
CA ALA E 179 4.58 36.82 -30.33
C ALA E 179 3.13 36.64 -30.80
N ASN E 180 2.84 37.06 -32.03
CA ASN E 180 1.51 36.84 -32.67
C ASN E 180 1.46 35.40 -33.18
N LEU E 181 0.76 34.53 -32.46
CA LEU E 181 0.53 33.12 -32.81
C LEU E 181 -0.99 32.87 -32.83
N ASP E 182 -1.77 33.90 -33.13
CA ASP E 182 -3.26 33.89 -33.09
C ASP E 182 -3.80 32.96 -34.18
N SER E 183 -3.10 32.86 -35.31
CA SER E 183 -3.47 32.03 -36.48
C SER E 183 -2.70 30.71 -36.48
N CYS E 184 -2.08 30.34 -35.36
CA CYS E 184 -1.50 28.99 -35.12
C CYS E 184 -2.57 28.06 -34.52
N LYS E 185 -2.58 26.81 -34.96
CA LYS E 185 -3.66 25.84 -34.65
C LYS E 185 -3.08 24.43 -34.65
N ARG E 186 -3.40 23.66 -33.61
CA ARG E 186 -2.99 22.26 -33.40
C ARG E 186 -4.22 21.47 -32.95
N VAL E 187 -4.53 20.37 -33.63
CA VAL E 187 -5.62 19.43 -33.25
C VAL E 187 -4.99 18.08 -32.89
N LEU E 188 -5.25 17.61 -31.68
CA LEU E 188 -4.66 16.39 -31.08
C LEU E 188 -5.78 15.36 -30.87
N ASN E 189 -5.44 14.08 -30.99
CA ASN E 189 -6.27 12.94 -30.54
C ASN E 189 -5.55 12.24 -29.38
N VAL E 190 -6.22 12.10 -28.23
CA VAL E 190 -5.74 11.31 -27.07
C VAL E 190 -6.64 10.08 -26.95
N VAL E 191 -6.07 8.88 -27.15
CA VAL E 191 -6.79 7.58 -27.16
C VAL E 191 -6.52 6.87 -25.83
N CYS E 192 -7.48 6.91 -24.91
CA CYS E 192 -7.55 6.08 -23.68
C CYS E 192 -8.42 4.85 -23.97
N LYS E 193 -8.51 3.90 -23.03
CA LYS E 193 -9.36 2.68 -23.17
C LYS E 193 -10.60 2.80 -22.27
N THR E 194 -10.63 3.75 -21.34
CA THR E 194 -11.72 3.94 -20.33
C THR E 194 -12.37 5.33 -20.50
N CYS E 195 -11.57 6.39 -20.72
CA CYS E 195 -12.05 7.75 -21.08
C CYS E 195 -12.61 7.75 -22.51
N GLY E 196 -12.17 6.78 -23.35
CA GLY E 196 -12.42 6.74 -24.81
C GLY E 196 -11.33 7.47 -25.57
N GLN E 197 -11.65 7.94 -26.78
CA GLN E 197 -10.79 8.86 -27.58
C GLN E 197 -11.41 10.25 -27.53
N GLN E 198 -10.61 11.30 -27.29
CA GLN E 198 -11.10 12.70 -27.31
C GLN E 198 -10.11 13.59 -28.08
N GLN E 199 -10.68 14.40 -28.99
CA GLN E 199 -9.99 15.38 -29.85
C GLN E 199 -10.03 16.74 -29.15
N THR E 200 -8.89 17.46 -29.14
CA THR E 200 -8.75 18.82 -28.55
C THR E 200 -8.09 19.75 -29.58
N THR E 201 -8.60 20.96 -29.73
CA THR E 201 -8.02 22.05 -30.55
C THR E 201 -7.28 23.04 -29.64
N LEU E 202 -6.03 23.35 -29.97
CA LEU E 202 -5.17 24.32 -29.22
C LEU E 202 -4.85 25.53 -30.13
N LYS E 203 -4.80 26.71 -29.53
CA LYS E 203 -4.53 28.01 -30.22
C LYS E 203 -3.29 28.66 -29.60
N GLY E 204 -2.39 29.17 -30.46
CA GLY E 204 -1.24 29.99 -30.03
C GLY E 204 -0.15 29.14 -29.42
N VAL E 205 0.50 29.69 -28.39
CA VAL E 205 1.72 29.15 -27.71
C VAL E 205 1.61 27.62 -27.57
N GLU E 206 0.45 27.14 -27.16
CA GLU E 206 0.18 25.69 -26.90
C GLU E 206 0.30 24.88 -28.20
N ALA E 207 0.05 25.52 -29.35
CA ALA E 207 -0.04 24.87 -30.68
C ALA E 207 1.36 24.65 -31.27
N VAL E 208 2.39 25.37 -30.78
CA VAL E 208 3.77 25.36 -31.36
C VAL E 208 4.76 24.66 -30.40
N MET E 209 4.41 24.50 -29.12
CA MET E 209 5.32 23.95 -28.09
C MET E 209 4.75 22.64 -27.52
N TYR E 210 5.56 21.59 -27.51
CA TYR E 210 5.26 20.31 -26.82
C TYR E 210 6.51 19.85 -26.05
N MET E 211 6.30 19.30 -24.84
CA MET E 211 7.33 18.63 -24.00
C MET E 211 7.02 17.13 -23.96
N GLY E 212 7.98 16.25 -24.35
CA GLY E 212 7.79 14.80 -24.33
C GLY E 212 8.67 14.05 -25.31
N THR E 213 8.69 14.47 -26.57
CA THR E 213 9.56 13.89 -27.63
C THR E 213 10.25 15.02 -28.40
N LEU E 214 11.45 14.78 -28.92
CA LEU E 214 12.17 15.72 -29.81
C LEU E 214 11.71 15.50 -31.26
N SER E 215 11.17 14.31 -31.58
CA SER E 215 10.85 13.87 -32.96
C SER E 215 9.45 14.33 -33.35
N TYR E 216 9.35 15.19 -34.38
CA TYR E 216 8.07 15.62 -34.99
C TYR E 216 7.39 14.37 -35.59
N GLU E 217 8.16 13.56 -36.32
CA GLU E 217 7.71 12.29 -36.94
C GLU E 217 6.99 11.45 -35.89
N GLN E 218 7.63 11.23 -34.74
CA GLN E 218 7.08 10.41 -33.63
C GLN E 218 5.73 11.00 -33.18
N PHE E 219 5.65 12.32 -33.08
CA PHE E 219 4.44 13.06 -32.60
C PHE E 219 3.28 12.83 -33.57
N LYS E 220 3.57 12.67 -34.87
CA LYS E 220 2.55 12.39 -35.91
C LYS E 220 2.10 10.93 -35.79
N LYS E 221 3.02 10.01 -35.47
CA LYS E 221 2.75 8.55 -35.35
C LYS E 221 2.01 8.25 -34.05
N GLY E 222 2.46 8.85 -32.94
CA GLY E 222 1.89 8.65 -31.59
C GLY E 222 2.97 8.57 -30.53
N VAL E 223 2.71 9.11 -29.33
CA VAL E 223 3.62 9.01 -28.16
C VAL E 223 2.80 8.49 -26.97
N GLN E 224 3.40 7.64 -26.14
CA GLN E 224 2.74 7.09 -24.92
C GLN E 224 2.85 8.15 -23.82
N ILE E 225 1.72 8.62 -23.30
CA ILE E 225 1.65 9.55 -22.14
C ILE E 225 0.84 8.86 -21.03
N PRO E 226 1.14 9.12 -19.74
CA PRO E 226 0.24 8.71 -18.66
C PRO E 226 -1.11 9.45 -18.76
N CYS E 227 -2.22 8.74 -18.57
CA CYS E 227 -3.60 9.29 -18.57
C CYS E 227 -4.13 9.36 -17.12
N THR E 228 -5.10 10.25 -16.86
CA THR E 228 -5.81 10.42 -15.56
C THR E 228 -6.28 9.06 -15.03
N CYS E 229 -6.74 8.17 -15.90
CA CYS E 229 -7.30 6.83 -15.55
C CYS E 229 -6.19 5.79 -15.43
N GLY E 230 -5.06 6.14 -14.79
CA GLY E 230 -4.00 5.19 -14.37
C GLY E 230 -3.18 4.63 -15.53
N LYS E 231 -3.86 4.18 -16.60
CA LYS E 231 -3.22 3.48 -17.75
C LYS E 231 -2.64 4.48 -18.75
N GLN E 232 -1.67 4.03 -19.57
CA GLN E 232 -0.96 4.84 -20.59
C GLN E 232 -1.81 4.94 -21.86
N ALA E 233 -2.04 6.18 -22.32
CA ALA E 233 -2.81 6.53 -23.55
C ALA E 233 -1.83 6.85 -24.68
N THR E 234 -2.30 6.78 -25.93
CA THR E 234 -1.59 7.24 -27.15
C THR E 234 -2.12 8.63 -27.54
N LYS E 235 -1.24 9.62 -27.60
CA LYS E 235 -1.50 10.97 -28.17
C LYS E 235 -0.79 11.06 -29.53
N TYR E 236 -1.49 11.55 -30.56
CA TYR E 236 -0.91 11.82 -31.90
C TYR E 236 -1.54 13.08 -32.50
N LEU E 237 -0.84 13.68 -33.47
CA LEU E 237 -1.13 15.00 -34.08
C LEU E 237 -2.02 14.82 -35.31
N VAL E 238 -3.26 15.33 -35.26
CA VAL E 238 -4.26 15.21 -36.35
C VAL E 238 -3.96 16.28 -37.41
N GLN E 239 -4.04 17.55 -37.01
CA GLN E 239 -3.80 18.71 -37.90
C GLN E 239 -2.87 19.71 -37.20
N GLN E 240 -2.04 20.40 -37.97
CA GLN E 240 -1.17 21.51 -37.51
C GLN E 240 -1.18 22.61 -38.59
N GLU E 241 -1.40 23.86 -38.18
CA GLU E 241 -1.23 25.06 -39.03
C GLU E 241 -0.39 26.07 -38.23
N SER E 242 0.90 26.16 -38.55
CA SER E 242 1.87 27.08 -37.92
C SER E 242 3.14 27.15 -38.76
N PRO E 243 3.84 28.32 -38.77
CA PRO E 243 5.09 28.47 -39.51
C PRO E 243 6.26 27.64 -38.95
N PHE E 244 6.12 27.10 -37.75
CA PHE E 244 7.14 26.26 -37.07
C PHE E 244 6.48 25.46 -35.93
N VAL E 245 7.19 24.44 -35.45
CA VAL E 245 6.90 23.75 -34.17
C VAL E 245 8.20 23.65 -33.37
N MET E 246 8.10 23.80 -32.05
CA MET E 246 9.15 23.47 -31.06
C MET E 246 8.77 22.13 -30.41
N MET E 247 9.67 21.15 -30.48
CA MET E 247 9.51 19.81 -29.85
C MET E 247 10.63 19.65 -28.82
N SER E 248 10.27 19.67 -27.54
CA SER E 248 11.21 19.64 -26.38
C SER E 248 11.05 18.32 -25.62
N ALA E 249 12.12 17.88 -24.96
CA ALA E 249 12.14 16.71 -24.05
C ALA E 249 13.35 16.83 -23.12
N PRO E 250 13.38 16.11 -21.98
CA PRO E 250 14.54 16.19 -21.08
C PRO E 250 15.78 15.71 -21.84
N PRO E 251 16.94 16.38 -21.69
CA PRO E 251 18.12 16.07 -22.49
C PRO E 251 18.39 14.57 -22.58
N ALA E 252 18.48 14.02 -23.79
CA ALA E 252 18.90 12.63 -24.07
C ALA E 252 19.68 12.56 -25.38
N GLN E 253 20.57 11.58 -25.51
CA GLN E 253 21.36 11.31 -26.75
C GLN E 253 20.39 11.14 -27.90
N TYR E 254 20.47 12.02 -28.91
CA TYR E 254 19.55 12.05 -30.08
C TYR E 254 20.39 12.33 -31.33
N GLU E 255 20.15 11.55 -32.40
CA GLU E 255 20.80 11.70 -33.71
C GLU E 255 20.01 12.71 -34.54
N LEU E 256 20.66 13.80 -34.97
CA LEU E 256 20.09 14.83 -35.87
C LEU E 256 20.60 14.56 -37.29
N LYS E 257 19.69 14.41 -38.26
CA LYS E 257 20.00 14.18 -39.71
C LYS E 257 19.87 15.49 -40.48
N HIS E 258 20.87 15.82 -41.31
CA HIS E 258 20.85 16.99 -42.23
C HIS E 258 19.49 17.09 -42.93
N GLY E 259 18.87 18.27 -42.92
CA GLY E 259 17.67 18.61 -43.71
C GLY E 259 16.38 17.98 -43.19
N THR E 260 16.40 17.37 -42.00
CA THR E 260 15.21 16.76 -41.35
C THR E 260 14.68 17.70 -40.25
N PHE E 261 15.34 18.84 -40.03
CA PHE E 261 15.02 19.82 -38.95
C PHE E 261 15.66 21.16 -39.27
N THR E 262 15.13 22.25 -38.68
CA THR E 262 15.66 23.62 -38.81
C THR E 262 16.92 23.75 -37.96
N CYS E 263 16.76 23.77 -36.63
CA CYS E 263 17.86 23.91 -35.63
C CYS E 263 17.45 23.24 -34.32
N ALA E 264 18.43 22.96 -33.45
CA ALA E 264 18.24 22.24 -32.17
C ALA E 264 18.92 23.00 -31.02
N SER E 265 18.81 22.45 -29.81
CA SER E 265 19.53 22.89 -28.58
C SER E 265 20.14 21.65 -27.93
N GLU E 266 21.46 21.66 -27.73
CA GLU E 266 22.19 20.63 -26.98
C GLU E 266 22.45 21.18 -25.57
N TYR E 267 22.15 20.38 -24.54
CA TYR E 267 22.40 20.71 -23.12
C TYR E 267 23.27 19.62 -22.49
N THR E 268 24.50 19.99 -22.15
CA THR E 268 25.46 19.14 -21.40
C THR E 268 25.55 19.70 -19.98
N GLY E 269 25.07 18.92 -19.00
CA GLY E 269 25.05 19.31 -17.57
C GLY E 269 23.95 18.59 -16.81
N ASN E 270 23.45 19.21 -15.74
CA ASN E 270 22.36 18.69 -14.86
C ASN E 270 21.45 19.87 -14.52
N TYR E 271 20.74 19.81 -13.38
CA TYR E 271 19.76 20.85 -12.97
C TYR E 271 20.38 21.80 -11.95
N GLN E 272 21.69 21.69 -11.70
CA GLN E 272 22.50 22.64 -10.89
C GLN E 272 23.20 23.60 -11.84
N CYS E 273 23.96 23.02 -12.79
CA CYS E 273 24.80 23.72 -13.80
C CYS E 273 24.78 22.94 -15.12
N GLY E 274 25.03 23.63 -16.23
CA GLY E 274 25.10 23.06 -17.59
C GLY E 274 25.50 24.09 -18.63
N HIS E 275 25.73 23.63 -19.87
CA HIS E 275 26.16 24.48 -21.01
C HIS E 275 25.36 24.10 -22.25
N TYR E 276 24.82 25.11 -22.94
CA TYR E 276 24.07 24.95 -24.21
C TYR E 276 25.00 25.14 -25.42
N LYS E 277 24.97 24.15 -26.32
CA LYS E 277 25.44 24.33 -27.72
C LYS E 277 24.20 24.40 -28.61
N HIS E 278 24.28 25.10 -29.74
CA HIS E 278 23.23 25.20 -30.78
C HIS E 278 23.66 24.41 -32.02
N ILE E 279 22.78 23.57 -32.57
CA ILE E 279 23.04 22.78 -33.83
C ILE E 279 22.02 23.23 -34.88
N THR E 280 22.50 23.66 -36.06
CA THR E 280 21.65 24.11 -37.20
C THR E 280 22.01 23.31 -38.46
N SER E 281 21.05 23.21 -39.39
CA SER E 281 21.12 22.45 -40.66
C SER E 281 21.14 23.44 -41.84
N LYS E 282 22.29 23.55 -42.51
CA LYS E 282 22.52 24.37 -43.73
C LYS E 282 22.82 23.40 -44.88
N GLU E 283 23.99 23.51 -45.53
CA GLU E 283 24.49 22.53 -46.52
C GLU E 283 24.94 21.26 -45.78
N THR E 284 25.55 21.42 -44.59
CA THR E 284 25.89 20.33 -43.63
C THR E 284 25.38 20.76 -42.25
N LEU E 285 25.80 20.06 -41.18
CA LEU E 285 25.42 20.38 -39.79
C LEU E 285 26.50 21.28 -39.15
N TYR E 286 26.10 22.43 -38.61
CA TYR E 286 26.96 23.38 -37.84
C TYR E 286 26.68 23.19 -36.35
N CYS E 287 27.72 22.99 -35.53
CA CYS E 287 27.63 22.97 -34.05
C CYS E 287 28.24 24.27 -33.49
N ILE E 288 27.38 25.27 -33.23
CA ILE E 288 27.76 26.64 -32.75
C ILE E 288 27.84 26.64 -31.22
N ASP E 289 29.06 26.77 -30.68
CA ASP E 289 29.36 26.87 -29.23
C ASP E 289 29.76 28.32 -28.93
N GLY E 290 28.79 29.24 -28.94
CA GLY E 290 29.02 30.68 -28.74
C GLY E 290 29.75 31.29 -29.92
N ALA E 291 31.09 31.28 -29.90
CA ALA E 291 31.98 31.81 -30.96
C ALA E 291 32.61 30.68 -31.77
N LEU E 292 32.87 29.51 -31.16
CA LEU E 292 33.50 28.33 -31.82
C LEU E 292 32.45 27.70 -32.76
N LEU E 293 32.89 27.21 -33.91
CA LEU E 293 32.00 26.60 -34.95
C LEU E 293 32.62 25.29 -35.45
N THR E 294 31.84 24.20 -35.46
CA THR E 294 32.25 22.84 -35.90
C THR E 294 31.34 22.39 -37.04
N LYS E 295 31.88 21.71 -38.05
CA LYS E 295 31.09 21.10 -39.15
C LYS E 295 31.26 19.58 -39.13
N SER E 296 30.17 18.86 -39.38
CA SER E 296 30.13 17.39 -39.62
C SER E 296 28.92 17.09 -40.51
N SER E 297 28.93 15.95 -41.20
CA SER E 297 27.81 15.46 -42.04
C SER E 297 26.70 14.93 -41.13
N GLU E 298 27.07 14.45 -39.93
CA GLU E 298 26.13 13.86 -38.93
C GLU E 298 26.49 14.35 -37.53
N TYR E 299 25.47 14.49 -36.67
CA TYR E 299 25.57 14.89 -35.24
C TYR E 299 24.81 13.90 -34.35
N LYS E 300 25.38 13.60 -33.18
CA LYS E 300 24.74 12.80 -32.10
C LYS E 300 25.22 13.35 -30.76
N GLY E 301 24.33 14.01 -30.01
CA GLY E 301 24.61 14.56 -28.68
C GLY E 301 23.36 14.57 -27.79
N PRO E 302 23.46 15.09 -26.54
CA PRO E 302 22.28 15.30 -25.69
C PRO E 302 21.43 16.50 -26.15
N ILE E 303 20.27 16.24 -26.75
CA ILE E 303 19.39 17.29 -27.35
C ILE E 303 18.16 17.47 -26.44
N THR E 304 17.67 18.70 -26.30
CA THR E 304 16.53 19.06 -25.41
C THR E 304 15.46 19.85 -26.16
N ASP E 305 15.82 20.59 -27.22
CA ASP E 305 14.87 21.34 -28.08
C ASP E 305 15.22 21.09 -29.56
N VAL E 306 14.28 20.58 -30.36
CA VAL E 306 14.45 20.51 -31.86
C VAL E 306 13.35 21.34 -32.51
N PHE E 307 13.72 22.30 -33.34
CA PHE E 307 12.79 23.17 -34.10
C PHE E 307 12.64 22.62 -35.53
N TYR E 308 11.40 22.53 -35.99
CA TYR E 308 11.02 22.08 -37.34
C TYR E 308 10.26 23.19 -38.05
N LYS E 309 10.39 23.30 -39.37
CA LYS E 309 9.56 24.20 -40.20
C LYS E 309 8.25 23.47 -40.56
N GLU E 310 7.14 24.20 -40.58
CA GLU E 310 5.80 23.68 -40.97
C GLU E 310 5.02 24.82 -41.64
N ASN E 311 3.96 24.47 -42.37
CA ASN E 311 2.98 25.42 -42.94
C ASN E 311 1.58 24.91 -42.63
N SER E 312 1.19 23.80 -43.26
CA SER E 312 -0.06 23.07 -43.00
C SER E 312 0.22 21.57 -43.08
N TYR E 313 -0.28 20.80 -42.11
CA TYR E 313 -0.19 19.33 -42.03
C TYR E 313 -1.54 18.77 -41.61
N THR E 314 -2.04 17.75 -42.31
CA THR E 314 -3.27 16.98 -41.95
C THR E 314 -2.93 15.49 -42.03
N THR E 315 -3.23 14.72 -40.99
CA THR E 315 -2.84 13.29 -40.83
C THR E 315 -3.49 12.45 -41.94
N THR E 316 -3.05 11.20 -42.06
CA THR E 316 -3.60 10.16 -42.97
C THR E 316 -3.92 8.91 -42.14
N ILE E 317 -4.86 9.05 -41.17
CA ILE E 317 -5.34 8.00 -40.22
C ILE E 317 -6.88 7.99 -40.22
N ALA F 3 -2.18 59.66 -29.76
CA ALA F 3 -3.05 58.45 -29.76
C ALA F 3 -3.08 57.83 -28.35
N GLY F 4 -3.42 58.65 -27.36
CA GLY F 4 -3.82 58.23 -25.99
C GLY F 4 -5.15 58.85 -25.61
N TRP F 5 -6.07 58.05 -25.04
CA TRP F 5 -7.50 58.43 -24.84
C TRP F 5 -7.96 58.07 -23.42
N ASP F 6 -9.02 58.75 -22.94
CA ASP F 6 -9.58 58.61 -21.57
C ASP F 6 -10.91 57.85 -21.65
N LEU F 7 -11.17 57.02 -20.65
CA LEU F 7 -12.35 56.13 -20.54
C LEU F 7 -12.98 56.30 -19.15
N THR F 8 -14.30 56.46 -19.08
CA THR F 8 -15.09 56.58 -17.82
C THR F 8 -15.37 55.19 -17.25
N VAL F 9 -15.19 55.01 -15.95
CA VAL F 9 -15.43 53.71 -15.24
C VAL F 9 -16.49 53.94 -14.15
N LYS F 10 -17.74 53.60 -14.46
CA LYS F 10 -18.88 53.62 -13.51
C LYS F 10 -18.86 52.33 -12.68
N MET F 11 -19.08 52.44 -11.37
CA MET F 11 -19.16 51.28 -10.44
C MET F 11 -20.63 51.02 -10.07
N LEU F 12 -20.90 49.89 -9.41
CA LEU F 12 -22.25 49.54 -8.89
C LEU F 12 -22.59 50.44 -7.69
N ALA F 13 -21.59 50.98 -7.00
CA ALA F 13 -21.75 52.00 -5.93
C ALA F 13 -22.33 53.29 -6.51
N GLY F 14 -22.28 53.46 -7.84
CA GLY F 14 -22.78 54.65 -8.57
C GLY F 14 -21.64 55.59 -8.96
N ASN F 15 -20.70 55.84 -8.03
CA ASN F 15 -19.55 56.78 -8.15
C ASN F 15 -18.66 56.39 -9.33
N GLU F 16 -18.19 57.40 -10.09
CA GLU F 16 -17.44 57.24 -11.37
C GLU F 16 -15.99 57.74 -11.19
N PHE F 17 -15.09 57.32 -12.07
CA PHE F 17 -13.72 57.86 -12.21
C PHE F 17 -13.21 57.62 -13.64
N GLN F 18 -12.06 58.23 -13.97
CA GLN F 18 -11.41 58.21 -15.32
C GLN F 18 -10.15 57.32 -15.26
N VAL F 19 -9.77 56.73 -16.41
CA VAL F 19 -8.44 56.08 -16.60
C VAL F 19 -7.95 56.45 -18.00
N SER F 20 -6.65 56.73 -18.13
CA SER F 20 -5.98 57.07 -19.41
C SER F 20 -5.41 55.79 -20.04
N LEU F 21 -5.56 55.64 -21.35
CA LEU F 21 -5.12 54.45 -22.11
C LEU F 21 -4.33 54.86 -23.35
N SER F 22 -3.88 53.87 -24.13
CA SER F 22 -3.33 54.03 -25.51
C SER F 22 -4.05 53.06 -26.44
N SER F 23 -3.96 53.25 -27.77
CA SER F 23 -4.73 52.47 -28.76
C SER F 23 -4.48 50.97 -28.56
N SER F 24 -3.22 50.53 -28.47
CA SER F 24 -2.82 49.10 -28.39
C SER F 24 -3.24 48.47 -27.05
N MET F 25 -3.80 49.24 -26.11
CA MET F 25 -4.10 48.73 -24.73
C MET F 25 -5.38 47.88 -24.77
N SER F 26 -5.34 46.74 -24.07
CA SER F 26 -6.39 45.69 -24.00
C SER F 26 -7.16 45.83 -22.69
N VAL F 27 -8.13 44.93 -22.48
CA VAL F 27 -8.95 44.84 -21.23
C VAL F 27 -8.02 44.54 -20.04
N SER F 28 -6.95 43.79 -20.29
CA SER F 28 -5.93 43.38 -19.27
C SER F 28 -5.30 44.62 -18.61
N GLU F 29 -4.99 45.65 -19.40
CA GLU F 29 -4.30 46.90 -18.96
C GLU F 29 -5.31 47.88 -18.35
N LEU F 30 -6.55 47.89 -18.87
CA LEU F 30 -7.70 48.62 -18.27
C LEU F 30 -7.83 48.19 -16.80
N LYS F 31 -7.96 46.89 -16.55
CA LYS F 31 -8.07 46.30 -15.19
C LYS F 31 -6.85 46.73 -14.36
N ALA F 32 -5.65 46.66 -14.95
CA ALA F 32 -4.37 47.00 -14.29
C ALA F 32 -4.42 48.44 -13.74
N GLN F 33 -5.09 49.35 -14.46
CA GLN F 33 -5.23 50.80 -14.11
C GLN F 33 -6.28 50.97 -12.99
N ILE F 34 -7.34 50.17 -13.02
CA ILE F 34 -8.40 50.16 -11.96
C ILE F 34 -7.73 49.69 -10.65
N THR F 35 -6.92 48.64 -10.74
CA THR F 35 -6.06 48.12 -9.63
C THR F 35 -5.27 49.28 -9.02
N GLN F 36 -4.78 50.20 -9.86
CA GLN F 36 -4.01 51.40 -9.44
C GLN F 36 -4.89 52.31 -8.57
N LYS F 37 -6.09 52.65 -9.05
CA LYS F 37 -6.93 53.73 -8.47
C LYS F 37 -7.65 53.25 -7.22
N ILE F 38 -8.30 52.08 -7.27
CA ILE F 38 -9.22 51.60 -6.19
C ILE F 38 -8.66 50.35 -5.49
N GLY F 39 -7.49 49.85 -5.92
CA GLY F 39 -6.78 48.74 -5.25
C GLY F 39 -7.63 47.49 -5.15
N VAL F 40 -7.93 46.88 -6.31
CA VAL F 40 -8.68 45.60 -6.44
C VAL F 40 -7.99 44.76 -7.51
N HIS F 41 -7.70 43.49 -7.24
CA HIS F 41 -7.07 42.53 -8.20
C HIS F 41 -7.88 42.52 -9.50
N ALA F 42 -7.21 42.26 -10.63
CA ALA F 42 -7.80 42.34 -11.99
C ALA F 42 -8.80 41.19 -12.21
N PHE F 43 -8.59 40.02 -11.60
CA PHE F 43 -9.47 38.84 -11.73
C PHE F 43 -10.76 39.04 -10.91
N GLN F 44 -10.77 40.03 -10.01
CA GLN F 44 -11.91 40.35 -9.11
C GLN F 44 -12.80 41.44 -9.72
N GLN F 45 -12.62 41.75 -11.01
CA GLN F 45 -13.36 42.82 -11.75
C GLN F 45 -14.16 42.18 -12.89
N ARG F 46 -15.48 42.35 -12.87
CA ARG F 46 -16.36 42.12 -14.04
C ARG F 46 -16.52 43.47 -14.77
N LEU F 47 -16.28 43.51 -16.08
CA LEU F 47 -16.39 44.74 -16.89
C LEU F 47 -17.36 44.52 -18.06
N ALA F 48 -18.28 45.45 -18.26
CA ALA F 48 -19.19 45.52 -19.42
C ALA F 48 -19.25 46.95 -19.96
N VAL F 49 -19.61 47.10 -21.25
CA VAL F 49 -19.84 48.40 -21.94
C VAL F 49 -21.16 48.98 -21.43
N HIS F 50 -21.10 50.13 -20.75
CA HIS F 50 -22.29 50.91 -20.31
C HIS F 50 -22.74 51.81 -21.46
N PRO F 51 -24.05 51.95 -21.77
CA PRO F 51 -25.13 51.16 -21.16
C PRO F 51 -25.47 49.82 -21.83
N SER F 52 -24.99 49.57 -23.06
CA SER F 52 -25.38 48.40 -23.90
C SER F 52 -25.16 47.08 -23.15
N GLY F 53 -24.25 47.06 -22.17
CA GLY F 53 -24.02 45.91 -21.27
C GLY F 53 -23.36 44.75 -21.99
N VAL F 54 -22.78 44.98 -23.18
CA VAL F 54 -22.08 43.92 -23.98
C VAL F 54 -20.72 43.64 -23.31
N ALA F 55 -20.24 42.39 -23.37
CA ALA F 55 -19.00 41.93 -22.72
C ALA F 55 -17.77 42.41 -23.51
N LEU F 56 -16.58 42.27 -22.91
CA LEU F 56 -15.28 42.74 -23.46
C LEU F 56 -14.43 41.51 -23.85
N GLN F 57 -13.75 41.60 -25.00
CA GLN F 57 -12.88 40.51 -25.55
C GLN F 57 -11.46 40.72 -25.02
N ASP F 58 -10.70 39.63 -24.86
CA ASP F 58 -9.62 39.50 -23.84
C ASP F 58 -8.26 40.01 -24.33
N ARG F 59 -7.86 39.67 -25.57
CA ARG F 59 -6.50 39.95 -26.10
C ARG F 59 -6.54 41.14 -27.10
N VAL F 60 -7.66 41.31 -27.82
CA VAL F 60 -7.90 42.42 -28.79
C VAL F 60 -7.98 43.73 -28.01
N PRO F 61 -7.52 44.88 -28.58
CA PRO F 61 -7.56 46.15 -27.86
C PRO F 61 -8.94 46.82 -27.88
N LEU F 62 -9.15 47.76 -26.95
CA LEU F 62 -10.47 48.37 -26.65
C LEU F 62 -10.87 49.30 -27.81
N ALA F 63 -9.88 49.94 -28.44
CA ALA F 63 -10.06 50.86 -29.61
C ALA F 63 -10.64 50.09 -30.81
N SER F 64 -10.48 48.76 -30.85
CA SER F 64 -10.98 47.86 -31.93
C SER F 64 -12.46 47.53 -31.69
N GLN F 65 -12.87 47.33 -30.44
CA GLN F 65 -14.27 47.07 -30.03
C GLN F 65 -15.02 48.41 -30.05
N GLY F 66 -16.18 48.49 -29.39
CA GLY F 66 -17.03 49.70 -29.35
C GLY F 66 -16.29 50.91 -28.80
N LEU F 67 -15.36 50.70 -27.86
CA LEU F 67 -14.84 51.74 -26.92
C LEU F 67 -13.89 52.72 -27.63
N GLY F 68 -14.17 54.01 -27.49
CA GLY F 68 -13.25 55.12 -27.77
C GLY F 68 -13.36 56.19 -26.69
N PRO F 69 -12.76 57.38 -26.87
CA PRO F 69 -12.94 58.48 -25.91
C PRO F 69 -14.41 58.92 -25.84
N GLY F 70 -14.90 59.24 -24.64
CA GLY F 70 -16.30 59.66 -24.39
C GLY F 70 -17.14 58.51 -23.87
N SER F 71 -16.95 57.30 -24.41
CA SER F 71 -17.69 56.07 -24.01
C SER F 71 -17.37 55.70 -22.55
N THR F 72 -18.20 54.85 -21.94
CA THR F 72 -18.19 54.47 -20.52
C THR F 72 -18.13 52.95 -20.40
N VAL F 73 -17.71 52.44 -19.24
CA VAL F 73 -17.62 50.98 -18.92
C VAL F 73 -18.15 50.78 -17.49
N LEU F 74 -18.91 49.71 -17.24
CA LEU F 74 -19.46 49.38 -15.90
C LEU F 74 -18.53 48.39 -15.20
N LEU F 75 -18.07 48.74 -14.00
CA LEU F 75 -17.20 47.91 -13.14
C LEU F 75 -18.04 47.32 -12.01
N VAL F 76 -18.01 45.99 -11.88
CA VAL F 76 -18.65 45.22 -10.78
C VAL F 76 -17.55 44.42 -10.07
N VAL F 77 -17.34 44.72 -8.78
CA VAL F 77 -16.35 44.03 -7.90
C VAL F 77 -17.02 42.76 -7.36
N ASP F 78 -16.34 41.62 -7.47
CA ASP F 78 -16.75 40.30 -6.91
C ASP F 78 -15.55 39.74 -6.14
N LYS F 79 -15.48 40.00 -4.83
CA LYS F 79 -14.33 39.62 -3.98
C LYS F 79 -14.44 38.16 -3.51
N CYS F 80 -15.38 37.37 -4.07
CA CYS F 80 -15.55 35.95 -3.70
C CYS F 80 -14.20 35.24 -3.79
N ASP F 81 -13.78 34.60 -2.70
CA ASP F 81 -12.46 33.93 -2.58
C ASP F 81 -12.65 32.57 -1.89
N GLU F 82 -13.71 31.83 -2.24
CA GLU F 82 -13.96 30.44 -1.80
C GLU F 82 -12.73 29.60 -2.16
N PRO F 83 -12.32 28.62 -1.32
CA PRO F 83 -11.26 27.69 -1.69
C PRO F 83 -11.69 26.82 -2.88
N LEU F 84 -10.73 26.19 -3.56
CA LEU F 84 -10.99 25.28 -4.70
C LEU F 84 -9.78 24.34 -4.87
N SER F 85 -10.02 23.14 -5.41
CA SER F 85 -9.00 22.08 -5.60
C SER F 85 -8.45 22.15 -7.03
N ILE F 86 -7.15 22.45 -7.19
CA ILE F 86 -6.46 22.41 -8.51
C ILE F 86 -5.36 21.34 -8.46
N LEU F 87 -5.06 20.77 -9.63
CA LEU F 87 -4.02 19.74 -9.86
C LEU F 87 -2.71 20.42 -10.27
N VAL F 88 -1.56 19.82 -9.93
CA VAL F 88 -0.21 20.24 -10.43
C VAL F 88 0.55 18.98 -10.85
N ARG F 89 0.76 18.84 -12.16
CA ARG F 89 1.33 17.64 -12.83
C ARG F 89 2.84 17.79 -12.94
N ASN F 90 3.61 16.81 -12.44
CA ASN F 90 5.10 16.86 -12.44
C ASN F 90 5.65 16.15 -13.68
N ASN F 91 6.97 16.28 -13.89
CA ASN F 91 7.77 15.63 -14.95
C ASN F 91 7.28 14.19 -15.22
N LYS F 92 7.10 13.38 -14.17
CA LYS F 92 6.71 11.94 -14.27
C LYS F 92 5.28 11.80 -14.80
N GLY F 93 4.44 12.81 -14.61
CA GLY F 93 3.04 12.83 -15.09
C GLY F 93 2.05 12.52 -13.98
N ARG F 94 2.49 12.49 -12.72
CA ARG F 94 1.61 12.30 -11.53
C ARG F 94 0.99 13.64 -11.13
N SER F 95 -0.30 13.81 -11.43
CA SER F 95 -1.17 14.93 -10.96
C SER F 95 -1.54 14.70 -9.49
N SER F 96 -1.07 15.57 -8.59
CA SER F 96 -1.42 15.60 -7.14
C SER F 96 -2.35 16.80 -6.87
N THR F 97 -3.29 16.67 -5.93
CA THR F 97 -4.37 17.67 -5.67
C THR F 97 -3.95 18.62 -4.54
N TYR F 98 -3.92 19.93 -4.83
CA TYR F 98 -3.62 21.01 -3.86
C TYR F 98 -4.88 21.84 -3.65
N GLU F 99 -5.18 22.22 -2.40
CA GLU F 99 -6.29 23.14 -2.04
C GLU F 99 -5.70 24.55 -1.98
N VAL F 100 -6.36 25.51 -2.65
CA VAL F 100 -5.88 26.92 -2.78
C VAL F 100 -7.08 27.87 -2.84
N ARG F 101 -6.79 29.16 -2.75
CA ARG F 101 -7.71 30.30 -2.97
C ARG F 101 -7.11 31.17 -4.07
N LEU F 102 -7.94 31.84 -4.88
CA LEU F 102 -7.48 32.58 -6.09
C LEU F 102 -6.70 33.83 -5.69
N THR F 103 -6.71 34.24 -4.41
CA THR F 103 -6.04 35.48 -3.93
C THR F 103 -4.61 35.19 -3.44
N GLN F 104 -4.22 33.93 -3.22
CA GLN F 104 -2.85 33.60 -2.75
C GLN F 104 -1.93 33.45 -3.98
N THR F 105 -0.64 33.70 -3.78
CA THR F 105 0.37 33.94 -4.83
C THR F 105 0.85 32.62 -5.43
N VAL F 106 1.43 32.70 -6.62
CA VAL F 106 2.14 31.58 -7.31
C VAL F 106 3.23 31.06 -6.37
N ALA F 107 3.89 31.97 -5.64
CA ALA F 107 4.98 31.68 -4.69
C ALA F 107 4.47 30.73 -3.62
N HIS F 108 3.28 31.01 -3.08
CA HIS F 108 2.59 30.17 -2.07
C HIS F 108 2.44 28.76 -2.64
N LEU F 109 1.86 28.63 -3.84
CA LEU F 109 1.60 27.33 -4.51
C LEU F 109 2.91 26.56 -4.67
N LYS F 110 3.95 27.23 -5.19
CA LYS F 110 5.29 26.62 -5.43
C LYS F 110 5.87 26.10 -4.11
N GLN F 111 5.66 26.82 -3.01
CA GLN F 111 6.11 26.41 -1.65
C GLN F 111 5.42 25.09 -1.30
N GLN F 112 4.11 24.97 -1.57
CA GLN F 112 3.32 23.72 -1.37
C GLN F 112 3.90 22.61 -2.24
N VAL F 113 4.14 22.90 -3.52
CA VAL F 113 4.59 21.89 -4.54
C VAL F 113 6.04 21.47 -4.22
N SER F 114 6.89 22.41 -3.79
CA SER F 114 8.30 22.18 -3.39
C SER F 114 8.35 21.09 -2.31
N GLY F 115 7.52 21.24 -1.26
CA GLY F 115 7.40 20.31 -0.14
C GLY F 115 6.96 18.92 -0.59
N LEU F 116 5.82 18.83 -1.29
CA LEU F 116 5.18 17.54 -1.67
C LEU F 116 6.09 16.74 -2.61
N GLU F 117 6.61 17.37 -3.67
CA GLU F 117 7.34 16.69 -4.78
C GLU F 117 8.82 16.50 -4.41
N GLY F 118 9.32 17.25 -3.41
CA GLY F 118 10.68 17.08 -2.85
C GLY F 118 11.75 17.71 -3.73
N VAL F 119 11.44 18.86 -4.35
CA VAL F 119 12.30 19.59 -5.33
C VAL F 119 12.44 21.04 -4.86
N GLN F 120 13.67 21.54 -4.74
CA GLN F 120 14.01 22.94 -4.39
C GLN F 120 13.17 23.88 -5.26
N ASP F 121 12.67 25.00 -4.70
CA ASP F 121 11.54 25.77 -5.28
C ASP F 121 11.96 26.54 -6.54
N ASP F 122 13.25 26.85 -6.71
CA ASP F 122 13.76 27.63 -7.88
C ASP F 122 14.54 26.69 -8.81
N LEU F 123 14.21 25.39 -8.79
CA LEU F 123 14.65 24.37 -9.79
C LEU F 123 13.45 23.93 -10.64
N PHE F 124 12.32 24.63 -10.56
CA PHE F 124 11.13 24.38 -11.41
C PHE F 124 10.31 25.65 -11.59
N TRP F 125 9.56 25.70 -12.69
CA TRP F 125 8.60 26.77 -13.05
C TRP F 125 7.25 26.14 -13.40
N LEU F 126 6.17 26.88 -13.16
CA LEU F 126 4.78 26.42 -13.37
C LEU F 126 4.21 27.11 -14.62
N THR F 127 3.38 26.39 -15.37
CA THR F 127 2.63 26.91 -16.55
C THR F 127 1.18 26.49 -16.45
N PHE F 128 0.27 27.35 -16.92
CA PHE F 128 -1.16 27.05 -17.16
C PHE F 128 -1.48 27.48 -18.60
N GLU F 129 -1.88 26.52 -19.43
CA GLU F 129 -2.25 26.76 -20.85
C GLU F 129 -1.11 27.53 -21.52
N GLY F 130 0.13 27.08 -21.31
CA GLY F 130 1.33 27.59 -22.01
C GLY F 130 1.92 28.84 -21.36
N LYS F 131 1.13 29.57 -20.57
CA LYS F 131 1.55 30.85 -19.94
C LYS F 131 2.33 30.53 -18.68
N PRO F 132 3.59 31.02 -18.52
CA PRO F 132 4.35 30.81 -17.30
C PRO F 132 3.78 31.65 -16.15
N LEU F 133 3.77 31.09 -14.93
CA LEU F 133 3.21 31.76 -13.71
C LEU F 133 4.35 32.49 -12.99
N GLU F 134 4.23 33.81 -12.84
CA GLU F 134 5.21 34.67 -12.13
C GLU F 134 4.89 34.63 -10.63
N ASP F 135 5.93 34.54 -9.80
CA ASP F 135 5.86 34.11 -8.36
C ASP F 135 4.95 35.03 -7.53
N GLN F 136 5.03 36.35 -7.73
CA GLN F 136 4.44 37.35 -6.81
C GLN F 136 2.99 37.69 -7.22
N LEU F 137 2.46 37.09 -8.29
CA LEU F 137 1.09 37.37 -8.78
C LEU F 137 0.10 36.39 -8.15
N PRO F 138 -1.17 36.81 -7.90
CA PRO F 138 -2.21 35.91 -7.41
C PRO F 138 -2.63 34.87 -8.47
N LEU F 139 -2.92 33.65 -8.03
CA LEU F 139 -3.35 32.51 -8.88
C LEU F 139 -4.49 32.96 -9.81
N GLY F 140 -5.46 33.71 -9.26
CA GLY F 140 -6.69 34.13 -9.95
C GLY F 140 -6.42 34.93 -11.21
N GLU F 141 -5.26 35.59 -11.27
CA GLU F 141 -4.80 36.42 -12.42
C GLU F 141 -4.60 35.56 -13.67
N TYR F 142 -4.50 34.23 -13.52
CA TYR F 142 -4.25 33.26 -14.63
C TYR F 142 -5.54 32.49 -14.91
N GLY F 143 -6.67 32.95 -14.38
CA GLY F 143 -8.04 32.44 -14.64
C GLY F 143 -8.17 30.95 -14.36
N LEU F 144 -7.67 30.47 -13.23
CA LEU F 144 -7.76 29.03 -12.84
C LEU F 144 -9.20 28.70 -12.44
N LYS F 145 -9.70 27.55 -12.91
CA LYS F 145 -11.03 26.98 -12.54
C LYS F 145 -10.79 25.80 -11.59
N PRO F 146 -11.85 25.29 -10.92
CA PRO F 146 -11.74 24.04 -10.15
C PRO F 146 -11.31 22.84 -11.02
N LEU F 147 -10.33 22.07 -10.54
CA LEU F 147 -9.75 20.85 -11.19
C LEU F 147 -8.99 21.23 -12.48
N SER F 148 -8.57 22.50 -12.64
CA SER F 148 -7.55 22.94 -13.64
C SER F 148 -6.24 22.18 -13.41
N THR F 149 -5.49 21.89 -14.47
CA THR F 149 -4.15 21.24 -14.38
C THR F 149 -3.06 22.28 -14.66
N VAL F 150 -2.22 22.55 -13.66
CA VAL F 150 -0.97 23.37 -13.75
C VAL F 150 0.19 22.40 -13.93
N PHE F 151 1.11 22.71 -14.84
CA PHE F 151 2.27 21.84 -15.21
C PHE F 151 3.53 22.35 -14.50
N MET F 152 4.18 21.46 -13.75
CA MET F 152 5.50 21.68 -13.12
C MET F 152 6.58 21.31 -14.14
N ASN F 153 7.48 22.25 -14.46
CA ASN F 153 8.54 22.11 -15.49
C ASN F 153 9.91 22.22 -14.82
N LEU F 154 10.74 21.19 -14.93
CA LEU F 154 12.12 21.19 -14.38
C LEU F 154 12.94 22.23 -15.14
N ARG F 155 13.61 23.11 -14.41
CA ARG F 155 14.43 24.23 -14.96
C ARG F 155 15.85 23.74 -15.21
N LEU F 156 16.25 23.65 -16.48
CA LEU F 156 17.67 23.48 -16.90
C LEU F 156 18.43 24.74 -16.52
N ARG F 157 19.67 24.58 -16.05
CA ARG F 157 20.50 25.68 -15.51
C ARG F 157 21.70 25.86 -16.45
N GLY F 158 21.47 26.55 -17.57
CA GLY F 158 22.43 26.71 -18.66
C GLY F 158 23.16 28.04 -18.55
N GLY F 159 24.49 27.99 -18.55
CA GLY F 159 25.37 29.18 -18.60
C GLY F 159 26.48 28.96 -19.60
N VAL G 5 70.01 22.49 44.99
CA VAL G 5 69.23 22.05 43.79
C VAL G 5 70.20 21.38 42.81
N ARG G 6 69.67 20.46 42.01
CA ARG G 6 70.29 19.89 40.79
C ARG G 6 69.39 20.21 39.59
N THR G 7 69.95 20.60 38.45
CA THR G 7 69.22 20.82 37.17
C THR G 7 69.91 20.03 36.05
N ILE G 8 69.16 19.71 35.00
CA ILE G 8 69.72 19.22 33.71
C ILE G 8 69.11 20.05 32.57
N LYS G 9 69.79 20.10 31.42
CA LYS G 9 69.30 20.77 30.19
C LYS G 9 68.63 19.72 29.30
N VAL G 10 67.41 20.00 28.86
CA VAL G 10 66.64 19.16 27.91
C VAL G 10 66.03 20.05 26.83
N PHE G 11 65.45 19.44 25.80
CA PHE G 11 64.72 20.14 24.72
C PHE G 11 63.24 19.72 24.76
N THR G 12 62.33 20.70 24.68
CA THR G 12 60.88 20.49 24.46
C THR G 12 60.54 20.84 23.00
N THR G 13 59.52 20.18 22.45
CA THR G 13 59.04 20.43 21.07
C THR G 13 57.59 19.94 20.90
N VAL G 14 57.00 20.27 19.76
CA VAL G 14 55.72 19.68 19.26
C VAL G 14 55.95 18.99 17.91
N ASP G 15 56.96 19.40 17.13
CA ASP G 15 57.20 18.90 15.74
C ASP G 15 58.48 18.05 15.66
N ASN G 16 59.34 18.10 16.68
CA ASN G 16 60.66 17.40 16.72
C ASN G 16 61.55 17.95 15.60
N ILE G 17 61.31 19.19 15.18
CA ILE G 17 62.15 19.96 14.22
C ILE G 17 62.63 21.24 14.91
N ASN G 18 61.72 22.01 15.50
CA ASN G 18 62.06 23.17 16.37
C ASN G 18 62.08 22.70 17.83
N LEU G 19 63.29 22.42 18.34
CA LEU G 19 63.57 22.10 19.76
C LEU G 19 63.71 23.40 20.53
N HIS G 20 63.38 23.40 21.82
CA HIS G 20 63.45 24.58 22.72
C HIS G 20 64.18 24.19 24.01
N THR G 21 65.30 24.85 24.31
CA THR G 21 66.12 24.58 25.53
C THR G 21 65.28 24.87 26.78
N GLN G 22 65.31 23.94 27.74
CA GLN G 22 64.71 24.11 29.08
C GLN G 22 65.75 23.67 30.11
N VAL G 23 65.76 24.34 31.27
CA VAL G 23 66.50 23.91 32.49
C VAL G 23 65.45 23.34 33.45
N VAL G 24 65.53 22.05 33.79
CA VAL G 24 64.51 21.38 34.64
C VAL G 24 65.11 21.09 36.02
N ASP G 25 64.31 21.31 37.06
CA ASP G 25 64.62 20.95 38.47
C ASP G 25 64.50 19.43 38.60
N MET G 26 65.56 18.75 39.05
CA MET G 26 65.58 17.26 39.17
C MET G 26 64.69 16.82 40.33
N SER G 27 64.26 17.76 41.19
CA SER G 27 63.45 17.48 42.41
C SER G 27 61.95 17.53 42.10
N MET G 28 61.56 17.99 40.91
CA MET G 28 60.14 18.12 40.47
C MET G 28 59.90 17.25 39.24
N THR G 29 58.67 16.73 39.09
CA THR G 29 58.23 15.95 37.89
C THR G 29 58.27 16.85 36.66
N TYR G 30 58.30 16.29 35.45
CA TYR G 30 58.26 17.06 34.18
C TYR G 30 56.94 17.84 34.13
N GLY G 31 55.85 17.17 34.52
CA GLY G 31 54.48 17.73 34.57
C GLY G 31 54.42 18.98 35.44
N GLN G 32 55.19 19.00 36.54
CA GLN G 32 55.21 20.13 37.49
C GLN G 32 55.88 21.35 36.87
N GLN G 33 56.58 21.19 35.75
CA GLN G 33 57.36 22.28 35.08
C GLN G 33 56.82 22.58 33.68
N PHE G 34 56.35 21.55 32.95
CA PHE G 34 55.97 21.63 31.51
C PHE G 34 54.48 21.36 31.27
N GLY G 35 53.79 20.69 32.19
CA GLY G 35 52.50 20.02 31.90
C GLY G 35 52.75 18.71 31.15
N PRO G 36 51.72 18.10 30.53
CA PRO G 36 51.90 16.79 29.91
C PRO G 36 53.18 16.75 29.06
N THR G 37 54.03 15.77 29.33
CA THR G 37 55.36 15.57 28.69
C THR G 37 55.49 14.10 28.26
N TYR G 38 56.03 13.87 27.06
CA TYR G 38 56.13 12.52 26.44
C TYR G 38 57.55 12.31 25.91
N LEU G 39 58.09 11.11 26.09
CA LEU G 39 59.44 10.72 25.63
C LEU G 39 59.30 9.54 24.67
N ASP G 40 59.27 9.82 23.36
CA ASP G 40 59.10 8.78 22.31
C ASP G 40 57.79 8.04 22.59
N GLY G 41 56.73 8.79 22.92
CA GLY G 41 55.37 8.27 23.14
C GLY G 41 55.07 7.97 24.60
N ALA G 42 56.09 7.62 25.40
CA ALA G 42 55.99 7.26 26.83
C ALA G 42 55.64 8.50 27.66
N ASP G 43 54.50 8.47 28.37
CA ASP G 43 54.05 9.57 29.25
C ASP G 43 54.96 9.62 30.49
N VAL G 44 55.67 10.74 30.67
CA VAL G 44 56.64 10.96 31.79
C VAL G 44 56.21 12.20 32.58
N THR G 45 54.96 12.62 32.44
CA THR G 45 54.37 13.80 33.12
C THR G 45 54.66 13.71 34.62
N LYS G 46 54.58 12.51 35.21
CA LYS G 46 54.67 12.27 36.67
C LYS G 46 56.01 11.59 37.03
N ILE G 47 57.00 11.67 36.14
CA ILE G 47 58.38 11.16 36.37
C ILE G 47 59.28 12.38 36.66
N LYS G 48 60.24 12.23 37.59
CA LYS G 48 61.32 13.21 37.87
C LYS G 48 62.44 13.00 36.85
N PRO G 49 63.15 14.07 36.41
CA PRO G 49 64.27 13.91 35.49
C PRO G 49 65.38 13.03 36.09
N HIS G 50 65.93 12.13 35.27
CA HIS G 50 67.16 11.33 35.58
C HIS G 50 68.38 12.05 34.99
N ASN G 51 69.59 11.64 35.33
CA ASN G 51 70.84 12.20 34.73
C ASN G 51 70.99 11.68 33.30
N SER G 52 70.45 10.50 33.01
CA SER G 52 70.43 9.87 31.66
C SER G 52 69.60 10.69 30.66
N HIS G 53 68.81 11.66 31.16
CA HIS G 53 67.82 12.45 30.37
C HIS G 53 68.49 13.70 29.78
N GLU G 54 69.74 13.99 30.15
CA GLU G 54 70.48 15.20 29.69
C GLU G 54 70.43 15.25 28.15
N GLY G 55 69.77 16.27 27.61
CA GLY G 55 69.78 16.59 26.18
C GLY G 55 68.80 15.75 25.38
N LYS G 56 67.89 15.03 26.04
CA LYS G 56 66.80 14.29 25.35
C LYS G 56 65.76 15.31 24.89
N THR G 57 64.99 14.95 23.86
CA THR G 57 63.89 15.77 23.29
C THR G 57 62.57 15.22 23.81
N PHE G 58 61.79 16.04 24.49
CA PHE G 58 60.45 15.71 25.06
C PHE G 58 59.39 16.44 24.25
N TYR G 59 58.28 15.76 23.91
CA TYR G 59 57.05 16.41 23.36
C TYR G 59 56.28 17.03 24.53
N VAL G 60 55.61 18.14 24.26
CA VAL G 60 54.76 18.89 25.23
C VAL G 60 53.50 19.36 24.51
N LEU G 61 52.46 19.78 25.24
CA LEU G 61 51.23 20.35 24.65
C LEU G 61 51.53 21.76 24.15
N PRO G 62 50.97 22.15 22.98
CA PRO G 62 51.21 23.48 22.42
C PRO G 62 50.47 24.55 23.23
N ASN G 63 51.12 25.02 24.30
CA ASN G 63 50.51 25.89 25.35
C ASN G 63 51.18 27.27 25.37
N ASP G 64 51.59 27.78 24.21
CA ASP G 64 51.99 29.21 24.02
C ASP G 64 52.01 29.50 22.51
N ASP G 65 51.98 30.78 22.15
CA ASP G 65 51.74 31.25 20.76
C ASP G 65 52.85 30.72 19.83
N THR G 66 54.02 30.37 20.38
CA THR G 66 55.17 29.84 19.58
C THR G 66 54.91 28.37 19.22
N LEU G 67 54.59 27.55 20.22
CA LEU G 67 54.30 26.10 20.03
C LEU G 67 53.03 25.92 19.18
N ARG G 68 52.00 26.76 19.39
CA ARG G 68 50.71 26.71 18.63
C ARG G 68 51.01 26.85 17.14
N VAL G 69 51.76 27.89 16.76
CA VAL G 69 52.26 28.13 15.38
C VAL G 69 52.95 26.85 14.88
N GLU G 70 54.00 26.40 15.56
CA GLU G 70 54.86 25.24 15.14
C GLU G 70 54.01 23.97 14.98
N ALA G 71 53.05 23.76 15.89
CA ALA G 71 52.18 22.58 15.97
C ALA G 71 51.26 22.54 14.75
N PHE G 72 50.59 23.66 14.46
CA PHE G 72 49.66 23.76 13.31
C PHE G 72 50.44 23.57 12.01
N GLU G 73 51.56 24.27 11.84
CA GLU G 73 52.34 24.27 10.57
C GLU G 73 52.79 22.84 10.25
N TYR G 74 53.00 22.00 11.27
CA TYR G 74 53.52 20.62 11.09
C TYR G 74 52.36 19.65 10.88
N TYR G 75 51.29 19.75 11.68
CA TYR G 75 50.20 18.74 11.79
C TYR G 75 48.92 19.16 11.06
N HIS G 76 48.74 20.46 10.80
CA HIS G 76 47.55 21.04 10.12
C HIS G 76 46.29 20.70 10.94
N THR G 77 46.31 20.97 12.24
CA THR G 77 45.18 20.73 13.17
C THR G 77 45.32 21.67 14.39
N THR G 78 44.21 22.28 14.81
CA THR G 78 44.09 23.14 16.01
C THR G 78 43.69 22.28 17.22
N ASP G 79 43.22 21.04 16.98
CA ASP G 79 42.63 20.14 18.01
C ASP G 79 43.62 19.98 19.15
N PRO G 80 43.26 20.39 20.39
CA PRO G 80 44.17 20.26 21.54
C PRO G 80 44.54 18.82 21.90
N SER G 81 43.60 17.88 21.73
CA SER G 81 43.76 16.45 22.09
C SER G 81 44.74 15.74 21.14
N PHE G 82 45.05 16.32 19.98
CA PHE G 82 45.73 15.64 18.85
C PHE G 82 47.05 15.00 19.33
N LEU G 83 47.92 15.80 19.95
CA LEU G 83 49.27 15.34 20.36
C LEU G 83 49.15 14.18 21.36
N GLY G 84 48.29 14.32 22.37
CA GLY G 84 48.00 13.23 23.32
C GLY G 84 47.70 11.95 22.58
N ARG G 85 46.70 11.99 21.71
CA ARG G 85 46.17 10.83 20.97
C ARG G 85 47.28 10.24 20.10
N TYR G 86 48.09 11.10 19.47
CA TYR G 86 49.27 10.73 18.64
C TYR G 86 50.23 9.87 19.49
N MET G 87 50.71 10.44 20.59
CA MET G 87 51.72 9.82 21.49
C MET G 87 51.16 8.51 22.04
N SER G 88 49.91 8.49 22.51
CA SER G 88 49.21 7.27 23.00
C SER G 88 49.40 6.14 21.98
N ALA G 89 49.08 6.42 20.72
CA ALA G 89 49.26 5.51 19.58
C ALA G 89 50.74 5.12 19.46
N LEU G 90 51.62 6.12 19.35
CA LEU G 90 53.07 5.93 19.06
C LEU G 90 53.67 4.93 20.06
N ASN G 91 53.23 4.97 21.31
CA ASN G 91 53.78 4.11 22.41
C ASN G 91 53.61 2.64 22.03
N HIS G 92 52.49 2.30 21.36
CA HIS G 92 52.17 0.93 20.90
C HIS G 92 52.83 0.65 19.55
N THR G 93 52.73 1.56 18.58
CA THR G 93 53.09 1.31 17.15
C THR G 93 54.61 1.13 17.01
N LYS G 94 55.40 1.67 17.93
CA LYS G 94 56.89 1.57 17.91
C LYS G 94 57.31 0.16 18.34
N LYS G 95 56.41 -0.63 18.93
CA LYS G 95 56.69 -2.04 19.35
C LYS G 95 56.27 -3.03 18.25
N TRP G 96 55.49 -2.59 17.26
CA TRP G 96 55.05 -3.42 16.11
C TRP G 96 56.27 -3.69 15.22
N LYS G 97 56.24 -4.77 14.43
CA LYS G 97 57.30 -5.11 13.43
C LYS G 97 56.83 -4.68 12.03
N TYR G 98 57.74 -4.19 11.22
CA TYR G 98 57.48 -3.61 9.87
C TYR G 98 58.34 -4.33 8.84
N PRO G 99 58.03 -5.59 8.49
CA PRO G 99 58.76 -6.30 7.44
C PRO G 99 58.41 -5.72 6.07
N GLN G 100 59.38 -5.74 5.15
CA GLN G 100 59.22 -5.27 3.75
C GLN G 100 58.78 -6.44 2.87
N VAL G 101 58.07 -6.13 1.79
CA VAL G 101 57.77 -7.05 0.65
C VAL G 101 57.70 -6.20 -0.61
N ASN G 102 58.63 -6.37 -1.56
CA ASN G 102 58.69 -5.57 -2.82
C ASN G 102 58.94 -4.09 -2.49
N GLY G 103 59.74 -3.80 -1.46
CA GLY G 103 60.00 -2.43 -1.00
C GLY G 103 58.74 -1.78 -0.45
N LEU G 104 57.74 -2.59 -0.11
CA LEU G 104 56.48 -2.17 0.53
C LEU G 104 56.51 -2.62 2.00
N THR G 105 56.33 -1.67 2.92
CA THR G 105 56.32 -1.88 4.38
C THR G 105 54.93 -2.36 4.81
N SER G 106 54.86 -3.61 5.28
CA SER G 106 53.66 -4.22 5.91
C SER G 106 53.73 -3.99 7.43
N ILE G 107 52.86 -4.65 8.18
CA ILE G 107 52.92 -4.70 9.67
C ILE G 107 52.64 -6.14 10.09
N LYS G 108 53.52 -6.74 10.88
CA LYS G 108 53.23 -8.05 11.55
C LYS G 108 51.94 -7.85 12.34
N TRP G 109 50.99 -8.79 12.22
CA TRP G 109 49.67 -8.71 12.91
C TRP G 109 49.90 -8.47 14.41
N ALA G 110 49.18 -7.51 14.97
CA ALA G 110 49.19 -7.12 16.40
C ALA G 110 48.10 -6.07 16.64
N ASP G 111 47.36 -6.17 17.74
CA ASP G 111 46.40 -5.15 18.22
C ASP G 111 45.44 -4.74 17.09
N ASN G 112 44.93 -5.73 16.35
CA ASN G 112 43.83 -5.61 15.35
C ASN G 112 44.22 -4.64 14.22
N ASN G 113 45.50 -4.64 13.83
CA ASN G 113 46.10 -3.63 12.90
C ASN G 113 45.94 -4.08 11.44
N SER G 114 45.20 -5.16 11.19
CA SER G 114 44.94 -5.71 9.83
C SER G 114 44.61 -4.56 8.85
N TYR G 115 43.62 -3.73 9.16
CA TYR G 115 43.11 -2.65 8.28
C TYR G 115 44.17 -1.56 8.09
N LEU G 116 44.96 -1.29 9.12
CA LEU G 116 46.07 -0.31 9.08
C LEU G 116 47.17 -0.80 8.11
N ALA G 117 47.56 -2.07 8.22
CA ALA G 117 48.57 -2.72 7.34
C ALA G 117 48.19 -2.49 5.88
N THR G 118 46.93 -2.73 5.54
CA THR G 118 46.37 -2.60 4.17
C THR G 118 46.47 -1.15 3.68
N ALA G 119 46.02 -0.19 4.50
CA ALA G 119 46.07 1.26 4.20
C ALA G 119 47.52 1.70 3.98
N LEU G 120 48.40 1.34 4.91
CA LEU G 120 49.87 1.59 4.85
C LEU G 120 50.40 1.10 3.49
N LEU G 121 50.20 -0.19 3.20
CA LEU G 121 50.68 -0.88 1.96
C LEU G 121 50.15 -0.15 0.72
N THR G 122 48.87 0.22 0.72
CA THR G 122 48.18 0.88 -0.43
C THR G 122 48.81 2.25 -0.71
N LEU G 123 49.06 3.03 0.35
CA LEU G 123 49.57 4.43 0.27
C LEU G 123 50.96 4.45 -0.39
N GLN G 124 51.68 3.33 -0.35
CA GLN G 124 53.04 3.17 -0.91
C GLN G 124 52.98 2.89 -2.42
N GLN G 125 51.79 2.70 -2.99
CA GLN G 125 51.61 2.24 -4.40
C GLN G 125 50.70 3.18 -5.20
N ILE G 126 50.17 4.25 -4.60
CA ILE G 126 49.37 5.28 -5.32
C ILE G 126 50.06 6.63 -5.13
N GLU G 127 50.05 7.47 -6.19
CA GLU G 127 50.71 8.80 -6.21
C GLU G 127 49.82 9.79 -5.45
N LEU G 128 50.09 9.94 -4.16
CA LEU G 128 49.35 10.81 -3.21
C LEU G 128 50.34 11.72 -2.49
N LYS G 129 50.15 13.04 -2.60
CA LYS G 129 51.02 14.05 -1.93
C LYS G 129 50.22 14.67 -0.77
N PHE G 130 50.64 14.38 0.47
CA PHE G 130 49.99 14.87 1.72
C PHE G 130 50.39 16.32 1.95
N ASN G 131 49.49 17.11 2.53
CA ASN G 131 49.67 18.57 2.77
C ASN G 131 50.35 18.82 4.12
N PRO G 132 49.90 18.21 5.24
CA PRO G 132 50.60 18.35 6.52
C PRO G 132 52.02 17.82 6.40
N PRO G 133 53.04 18.67 6.67
CA PRO G 133 54.44 18.23 6.68
C PRO G 133 54.72 17.01 7.56
N ALA G 134 54.00 16.86 8.69
CA ALA G 134 54.12 15.70 9.61
C ALA G 134 53.92 14.39 8.83
N LEU G 135 52.95 14.39 7.91
CA LEU G 135 52.51 13.17 7.16
C LEU G 135 53.49 12.89 6.01
N GLN G 136 53.96 13.93 5.31
CA GLN G 136 55.03 13.81 4.28
C GLN G 136 56.23 13.11 4.92
N ASP G 137 56.78 13.73 5.97
CA ASP G 137 58.03 13.31 6.65
C ASP G 137 57.88 11.86 7.07
N ALA G 138 56.77 11.54 7.73
CA ALA G 138 56.47 10.20 8.30
C ALA G 138 56.23 9.17 7.19
N TYR G 139 55.68 9.60 6.04
CA TYR G 139 55.42 8.72 4.88
C TYR G 139 56.74 8.28 4.24
N TYR G 140 57.63 9.23 3.94
CA TYR G 140 58.94 8.98 3.27
C TYR G 140 59.81 8.11 4.18
N ARG G 141 59.68 8.30 5.50
CA ARG G 141 60.30 7.43 6.53
C ARG G 141 59.75 6.01 6.39
N ALA G 142 58.42 5.87 6.40
CA ALA G 142 57.66 4.60 6.36
C ALA G 142 58.08 3.78 5.13
N ARG G 143 58.26 4.47 3.99
CA ARG G 143 58.60 3.85 2.67
C ARG G 143 59.99 3.21 2.74
N ALA G 144 60.62 3.19 3.93
CA ALA G 144 61.95 2.59 4.17
C ALA G 144 62.03 1.94 5.56
N GLY G 145 60.92 1.40 6.07
CA GLY G 145 60.90 0.50 7.24
C GLY G 145 60.51 1.19 8.54
N GLU G 146 60.58 2.53 8.60
CA GLU G 146 60.45 3.32 9.86
C GLU G 146 59.04 3.93 9.94
N ALA G 147 58.02 3.07 9.85
CA ALA G 147 56.60 3.46 9.66
C ALA G 147 55.87 3.59 11.00
N ALA G 148 56.55 3.36 12.12
CA ALA G 148 55.97 3.48 13.48
C ALA G 148 55.23 4.82 13.58
N ASN G 149 55.89 5.92 13.22
CA ASN G 149 55.34 7.30 13.33
C ASN G 149 54.13 7.44 12.42
N PHE G 150 54.26 6.99 11.18
CA PHE G 150 53.19 7.11 10.14
C PHE G 150 51.90 6.46 10.66
N CYS G 151 52.00 5.20 11.09
CA CYS G 151 50.85 4.41 11.60
C CYS G 151 50.16 5.16 12.73
N ALA G 152 50.96 5.70 13.66
CA ALA G 152 50.47 6.41 14.87
C ALA G 152 49.84 7.75 14.48
N LEU G 153 50.42 8.47 13.52
CA LEU G 153 49.80 9.70 12.93
C LEU G 153 48.45 9.35 12.29
N ILE G 154 48.40 8.29 11.47
CA ILE G 154 47.17 7.85 10.74
C ILE G 154 46.04 7.66 11.77
N LEU G 155 46.30 6.90 12.82
CA LEU G 155 45.33 6.65 13.92
C LEU G 155 44.90 7.99 14.52
N ALA G 156 45.83 8.92 14.75
CA ALA G 156 45.55 10.26 15.31
C ALA G 156 44.61 11.05 14.38
N TYR G 157 44.89 11.05 13.08
CA TYR G 157 44.13 11.82 12.08
C TYR G 157 42.75 11.18 11.84
N CYS G 158 42.60 9.89 12.15
CA CYS G 158 41.34 9.11 11.94
C CYS G 158 40.53 9.05 13.24
N ASN G 159 41.05 9.65 14.30
CA ASN G 159 40.46 9.64 15.66
C ASN G 159 40.18 8.19 16.07
N LYS G 160 41.04 7.27 15.65
CA LYS G 160 40.97 5.83 16.00
C LYS G 160 42.07 5.50 17.00
N THR G 161 41.91 4.40 17.73
CA THR G 161 42.80 3.95 18.84
C THR G 161 43.35 2.57 18.54
N VAL G 162 44.66 2.38 18.77
CA VAL G 162 45.32 1.03 18.73
C VAL G 162 44.38 0.04 19.43
N GLY G 163 44.12 -1.10 18.79
CA GLY G 163 43.25 -2.16 19.32
C GLY G 163 41.87 -2.19 18.66
N GLU G 164 41.34 -1.03 18.26
CA GLU G 164 40.01 -0.89 17.58
C GLU G 164 40.04 -1.59 16.23
N LEU G 165 38.96 -2.29 15.87
CA LEU G 165 38.70 -2.80 14.49
C LEU G 165 38.50 -1.60 13.56
N GLY G 166 38.72 -1.76 12.26
CA GLY G 166 38.73 -0.62 11.32
C GLY G 166 38.31 -1.00 9.91
N ASP G 167 38.09 0.01 9.08
CA ASP G 167 37.64 -0.09 7.66
C ASP G 167 38.67 0.66 6.80
N VAL G 168 39.16 0.03 5.74
CA VAL G 168 40.22 0.62 4.86
C VAL G 168 39.65 1.84 4.13
N ARG G 169 38.48 1.70 3.51
CA ARG G 169 37.78 2.79 2.77
C ARG G 169 37.49 3.99 3.69
N GLU G 170 37.21 3.74 4.97
CA GLU G 170 36.93 4.81 5.96
C GLU G 170 38.23 5.51 6.32
N THR G 171 39.29 4.75 6.57
CA THR G 171 40.65 5.27 6.87
C THR G 171 41.09 6.18 5.71
N MET G 172 40.95 5.70 4.47
CA MET G 172 41.34 6.45 3.24
C MET G 172 40.53 7.75 3.15
N SER G 173 39.22 7.67 3.42
CA SER G 173 38.30 8.82 3.39
C SER G 173 38.82 9.95 4.28
N TYR G 174 39.27 9.62 5.50
CA TYR G 174 39.80 10.57 6.51
C TYR G 174 41.11 11.18 5.98
N LEU G 175 42.04 10.34 5.52
CA LEU G 175 43.39 10.74 5.06
C LEU G 175 43.32 11.69 3.86
N PHE G 176 42.46 11.39 2.88
CA PHE G 176 42.38 12.16 1.60
C PHE G 176 41.93 13.61 1.87
N GLN G 177 41.45 13.90 3.08
CA GLN G 177 41.12 15.29 3.51
C GLN G 177 42.42 16.07 3.73
N HIS G 178 43.53 15.36 3.95
CA HIS G 178 44.87 15.93 4.21
C HIS G 178 45.79 15.67 3.01
N ALA G 179 45.23 15.36 1.83
CA ALA G 179 45.97 15.18 0.56
C ALA G 179 45.55 16.25 -0.43
N ASN G 180 46.47 16.71 -1.28
CA ASN G 180 46.18 17.67 -2.37
C ASN G 180 45.61 16.88 -3.56
N LEU G 181 44.29 16.95 -3.71
CA LEU G 181 43.52 16.35 -4.82
C LEU G 181 42.78 17.46 -5.58
N ASP G 182 43.18 18.72 -5.38
CA ASP G 182 42.60 19.93 -6.02
C ASP G 182 42.44 19.70 -7.53
N SER G 183 43.49 19.27 -8.22
CA SER G 183 43.51 19.06 -9.69
C SER G 183 43.13 17.61 -10.02
N CYS G 184 42.14 17.06 -9.32
CA CYS G 184 41.48 15.76 -9.64
C CYS G 184 40.07 16.03 -10.16
N LYS G 185 39.71 15.40 -11.28
CA LYS G 185 38.50 15.71 -12.07
C LYS G 185 37.87 14.40 -12.53
N ARG G 186 36.56 14.25 -12.31
CA ARG G 186 35.72 13.12 -12.75
C ARG G 186 34.45 13.69 -13.35
N VAL G 187 34.11 13.27 -14.57
CA VAL G 187 32.84 13.63 -15.25
C VAL G 187 32.06 12.33 -15.48
N LEU G 188 30.84 12.28 -14.93
CA LEU G 188 29.90 11.15 -15.03
C LEU G 188 28.71 11.59 -15.87
N ASN G 189 28.14 10.65 -16.65
CA ASN G 189 26.76 10.72 -17.18
C ASN G 189 25.91 9.72 -16.40
N VAL G 190 24.71 10.15 -15.98
CA VAL G 190 23.62 9.26 -15.49
C VAL G 190 22.51 9.34 -16.53
N VAL G 191 22.11 8.20 -17.12
CA VAL G 191 21.08 8.12 -18.21
C VAL G 191 19.86 7.37 -17.68
N CYS G 192 18.79 8.10 -17.36
CA CYS G 192 17.43 7.59 -17.07
C CYS G 192 16.60 7.60 -18.37
N LYS G 193 15.28 7.45 -18.28
CA LYS G 193 14.33 7.68 -19.42
C LYS G 193 13.12 8.47 -18.92
N THR G 194 13.24 9.13 -17.77
CA THR G 194 12.29 10.14 -17.24
C THR G 194 13.08 11.37 -16.77
N CYS G 195 14.15 11.17 -15.99
CA CYS G 195 15.16 12.21 -15.66
C CYS G 195 15.85 12.68 -16.96
N GLY G 196 16.07 11.76 -17.91
CA GLY G 196 16.84 11.97 -19.15
C GLY G 196 18.32 11.63 -18.96
N GLN G 197 19.22 12.43 -19.55
CA GLN G 197 20.69 12.32 -19.38
C GLN G 197 21.20 13.49 -18.53
N GLN G 198 21.97 13.20 -17.48
CA GLN G 198 22.56 14.21 -16.58
C GLN G 198 24.07 13.99 -16.50
N GLN G 199 24.85 15.04 -16.75
CA GLN G 199 26.33 15.07 -16.65
C GLN G 199 26.70 15.89 -15.41
N THR G 200 27.64 15.39 -14.60
CA THR G 200 28.11 16.05 -13.35
C THR G 200 29.63 15.99 -13.29
N THR G 201 30.27 17.09 -12.91
CA THR G 201 31.74 17.19 -12.71
C THR G 201 32.02 17.13 -11.21
N LEU G 202 32.88 16.20 -10.79
CA LEU G 202 33.30 15.99 -9.38
C LEU G 202 34.76 16.42 -9.21
N LYS G 203 35.12 16.87 -8.00
CA LYS G 203 36.47 17.37 -7.64
C LYS G 203 36.87 16.80 -6.28
N GLY G 204 38.16 16.50 -6.11
CA GLY G 204 38.73 16.05 -4.83
C GLY G 204 38.47 14.57 -4.60
N VAL G 205 38.20 14.19 -3.35
CA VAL G 205 37.90 12.78 -2.95
C VAL G 205 36.77 12.23 -3.83
N GLU G 206 35.75 13.04 -4.12
CA GLU G 206 34.54 12.63 -4.90
C GLU G 206 34.92 12.14 -6.31
N ALA G 207 36.09 12.55 -6.81
CA ALA G 207 36.60 12.26 -8.17
C ALA G 207 37.47 11.01 -8.18
N VAL G 208 37.95 10.51 -7.03
CA VAL G 208 38.87 9.33 -6.98
C VAL G 208 38.17 8.12 -6.34
N MET G 209 37.26 8.36 -5.39
CA MET G 209 36.51 7.28 -4.69
C MET G 209 35.17 7.06 -5.39
N TYR G 210 34.80 5.80 -5.63
CA TYR G 210 33.43 5.35 -5.97
C TYR G 210 33.10 4.13 -5.11
N MET G 211 31.82 3.92 -4.80
CA MET G 211 31.28 2.73 -4.06
C MET G 211 30.13 2.14 -4.88
N GLY G 212 30.22 0.87 -5.26
CA GLY G 212 29.19 0.20 -6.07
C GLY G 212 29.73 -0.94 -6.92
N THR G 213 30.94 -0.79 -7.47
CA THR G 213 31.59 -1.76 -8.39
C THR G 213 33.11 -1.70 -8.19
N LEU G 214 33.80 -2.83 -8.40
CA LEU G 214 35.28 -2.94 -8.25
C LEU G 214 35.97 -2.71 -9.60
N SER G 215 35.31 -3.08 -10.70
CA SER G 215 35.86 -2.97 -12.08
C SER G 215 35.86 -1.51 -12.54
N TYR G 216 37.02 -1.02 -12.97
CA TYR G 216 37.18 0.33 -13.59
C TYR G 216 36.69 0.23 -15.04
N GLU G 217 36.90 -0.93 -15.68
CA GLU G 217 36.36 -1.23 -17.03
C GLU G 217 34.84 -1.12 -16.99
N GLN G 218 34.21 -1.71 -15.98
CA GLN G 218 32.72 -1.74 -15.86
C GLN G 218 32.21 -0.30 -15.73
N PHE G 219 32.90 0.53 -14.96
CA PHE G 219 32.54 1.94 -14.66
C PHE G 219 32.63 2.78 -15.95
N LYS G 220 33.51 2.40 -16.87
CA LYS G 220 33.74 3.06 -18.18
C LYS G 220 32.64 2.65 -19.17
N LYS G 221 32.11 1.44 -19.03
CA LYS G 221 31.08 0.82 -19.91
C LYS G 221 29.67 1.12 -19.39
N GLY G 222 29.51 1.31 -18.08
CA GLY G 222 28.24 1.70 -17.44
C GLY G 222 27.82 0.71 -16.36
N VAL G 223 27.21 1.20 -15.30
CA VAL G 223 26.69 0.36 -14.17
C VAL G 223 25.22 0.71 -13.94
N GLN G 224 24.45 -0.26 -13.44
CA GLN G 224 23.03 -0.09 -13.04
C GLN G 224 23.02 0.51 -11.62
N ILE G 225 22.13 1.49 -11.39
CA ILE G 225 21.93 2.13 -10.07
C ILE G 225 20.44 2.37 -9.86
N PRO G 226 19.94 2.39 -8.59
CA PRO G 226 18.58 2.84 -8.32
C PRO G 226 18.50 4.38 -8.38
N CYS G 227 17.62 4.92 -9.24
CA CYS G 227 17.45 6.37 -9.48
C CYS G 227 16.40 6.94 -8.50
N THR G 228 16.26 8.27 -8.47
CA THR G 228 15.28 9.01 -7.62
C THR G 228 13.84 8.78 -8.12
N CYS G 229 13.68 8.50 -9.43
CA CYS G 229 12.36 8.30 -10.10
C CYS G 229 11.82 6.88 -9.85
N GLY G 230 12.47 6.11 -8.95
CA GLY G 230 12.07 4.73 -8.59
C GLY G 230 12.77 3.69 -9.46
N LYS G 231 12.87 3.96 -10.77
CA LYS G 231 13.37 3.01 -11.80
C LYS G 231 14.91 3.02 -11.84
N GLN G 232 15.49 2.21 -12.74
CA GLN G 232 16.94 1.97 -12.88
C GLN G 232 17.55 2.94 -13.89
N ALA G 233 18.72 3.51 -13.54
CA ALA G 233 19.56 4.39 -14.39
C ALA G 233 20.86 3.68 -14.75
N THR G 234 21.54 4.16 -15.79
CA THR G 234 22.93 3.74 -16.15
C THR G 234 23.86 4.94 -15.89
N LYS G 235 24.74 4.82 -14.90
CA LYS G 235 25.85 5.76 -14.61
C LYS G 235 27.11 5.26 -15.33
N TYR G 236 27.78 6.09 -16.13
CA TYR G 236 29.09 5.75 -16.76
C TYR G 236 30.05 6.95 -16.73
N LEU G 237 31.34 6.62 -16.74
CA LEU G 237 32.46 7.59 -16.68
C LEU G 237 32.69 8.20 -18.06
N VAL G 238 32.73 9.53 -18.14
CA VAL G 238 32.95 10.28 -19.40
C VAL G 238 34.43 10.70 -19.48
N GLN G 239 34.91 11.37 -18.44
CA GLN G 239 36.32 11.84 -18.38
C GLN G 239 36.86 11.66 -16.96
N GLN G 240 38.15 11.39 -16.84
CA GLN G 240 38.85 11.16 -15.54
C GLN G 240 40.26 11.76 -15.65
N GLU G 241 40.60 12.67 -14.74
CA GLU G 241 41.97 13.20 -14.58
C GLU G 241 42.37 13.03 -13.10
N SER G 242 43.20 12.02 -12.83
CA SER G 242 43.79 11.76 -11.51
C SER G 242 44.96 10.80 -11.67
N PRO G 243 45.93 10.81 -10.73
CA PRO G 243 47.02 9.84 -10.75
C PRO G 243 46.59 8.41 -10.38
N PHE G 244 45.41 8.24 -9.79
CA PHE G 244 44.86 6.94 -9.35
C PHE G 244 43.34 7.06 -9.16
N VAL G 245 42.62 5.93 -9.22
CA VAL G 245 41.20 5.84 -8.76
C VAL G 245 41.09 4.70 -7.74
N MET G 246 40.17 4.85 -6.78
CA MET G 246 39.77 3.83 -5.79
C MET G 246 38.34 3.40 -6.13
N MET G 247 38.17 2.10 -6.42
CA MET G 247 36.87 1.47 -6.72
C MET G 247 36.53 0.53 -5.56
N SER G 248 35.48 0.86 -4.81
CA SER G 248 35.02 0.13 -3.59
C SER G 248 33.66 -0.48 -3.87
N ALA G 249 33.30 -1.52 -3.11
CA ALA G 249 32.02 -2.25 -3.21
C ALA G 249 31.91 -3.19 -2.02
N PRO G 250 30.68 -3.58 -1.58
CA PRO G 250 30.51 -4.58 -0.54
C PRO G 250 31.28 -5.85 -0.89
N PRO G 251 32.00 -6.46 0.08
CA PRO G 251 32.83 -7.62 -0.19
C PRO G 251 32.12 -8.63 -1.10
N ALA G 252 32.78 -9.06 -2.16
CA ALA G 252 32.21 -9.93 -3.22
C ALA G 252 33.32 -10.81 -3.79
N GLN G 253 33.01 -12.06 -4.11
CA GLN G 253 33.97 -12.95 -4.83
C GLN G 253 34.29 -12.27 -6.15
N TYR G 254 35.55 -11.91 -6.36
CA TYR G 254 36.06 -11.14 -7.53
C TYR G 254 37.38 -11.75 -8.00
N GLU G 255 37.59 -11.83 -9.31
CA GLU G 255 38.83 -12.37 -9.93
C GLU G 255 39.75 -11.20 -10.29
N LEU G 256 40.86 -11.08 -9.58
CA LEU G 256 41.96 -10.11 -9.88
C LEU G 256 42.90 -10.78 -10.88
N LYS G 257 43.00 -10.22 -12.08
CA LYS G 257 43.93 -10.68 -13.15
C LYS G 257 45.20 -9.82 -13.09
N HIS G 258 46.36 -10.46 -13.14
CA HIS G 258 47.70 -9.81 -13.11
C HIS G 258 47.76 -8.67 -14.14
N GLY G 259 48.17 -7.48 -13.71
CA GLY G 259 48.48 -6.31 -14.56
C GLY G 259 47.27 -5.51 -15.01
N THR G 260 46.09 -5.75 -14.43
CA THR G 260 44.82 -5.03 -14.76
C THR G 260 44.47 -4.03 -13.65
N PHE G 261 45.31 -3.92 -12.62
CA PHE G 261 45.10 -3.08 -11.41
C PHE G 261 46.43 -2.88 -10.66
N THR G 262 46.49 -1.87 -9.79
CA THR G 262 47.66 -1.55 -8.93
C THR G 262 47.66 -2.46 -7.68
N CYS G 263 46.62 -2.39 -6.85
CA CYS G 263 46.49 -3.19 -5.61
C CYS G 263 45.03 -3.25 -5.16
N ALA G 264 44.71 -4.14 -4.21
CA ALA G 264 43.33 -4.45 -3.77
C ALA G 264 43.29 -4.92 -2.32
N SER G 265 42.16 -4.63 -1.65
CA SER G 265 41.83 -5.02 -0.25
C SER G 265 40.90 -6.24 -0.28
N GLU G 266 41.32 -7.36 0.32
CA GLU G 266 40.48 -8.56 0.57
C GLU G 266 39.92 -8.46 1.99
N TYR G 267 38.60 -8.58 2.14
CA TYR G 267 37.90 -8.62 3.44
C TYR G 267 37.23 -9.99 3.60
N THR G 268 37.56 -10.69 4.70
CA THR G 268 37.00 -12.01 5.04
C THR G 268 36.35 -11.91 6.42
N GLY G 269 35.04 -12.14 6.48
CA GLY G 269 34.20 -11.98 7.69
C GLY G 269 32.92 -11.24 7.38
N ASN G 270 32.46 -10.41 8.32
CA ASN G 270 31.11 -9.79 8.31
C ASN G 270 31.20 -8.41 8.95
N TYR G 271 30.06 -7.75 9.18
CA TYR G 271 29.96 -6.37 9.74
C TYR G 271 30.02 -6.41 11.27
N GLN G 272 30.80 -7.33 11.85
CA GLN G 272 30.96 -7.51 13.32
C GLN G 272 32.44 -7.77 13.62
N CYS G 273 33.01 -8.81 13.00
CA CYS G 273 34.46 -9.13 12.97
C CYS G 273 34.84 -9.60 11.56
N GLY G 274 36.06 -9.26 11.12
CA GLY G 274 36.64 -9.70 9.84
C GLY G 274 38.13 -9.45 9.80
N HIS G 275 38.79 -9.94 8.74
CA HIS G 275 40.26 -9.80 8.52
C HIS G 275 40.49 -9.25 7.11
N TYR G 276 41.29 -8.20 6.99
CA TYR G 276 41.79 -7.66 5.69
C TYR G 276 43.06 -8.46 5.28
N LYS G 277 43.26 -8.58 3.97
CA LYS G 277 44.54 -8.95 3.34
C LYS G 277 44.76 -7.96 2.18
N HIS G 278 46.00 -7.84 1.69
CA HIS G 278 46.37 -6.88 0.62
C HIS G 278 46.98 -7.64 -0.57
N ILE G 279 46.35 -7.54 -1.74
CA ILE G 279 46.86 -8.11 -3.01
C ILE G 279 47.47 -6.97 -3.84
N THR G 280 48.64 -7.21 -4.43
CA THR G 280 49.39 -6.22 -5.24
C THR G 280 49.92 -6.91 -6.50
N SER G 281 49.87 -6.22 -7.64
CA SER G 281 50.30 -6.73 -8.98
C SER G 281 51.70 -6.20 -9.30
N LYS G 282 52.67 -7.11 -9.41
CA LYS G 282 54.04 -6.86 -9.90
C LYS G 282 54.28 -7.77 -11.12
N GLU G 283 55.30 -8.62 -11.11
CA GLU G 283 55.53 -9.68 -12.15
C GLU G 283 54.43 -10.74 -12.05
N THR G 284 54.01 -11.08 -10.83
CA THR G 284 52.87 -12.00 -10.54
C THR G 284 51.95 -11.28 -9.53
N LEU G 285 51.02 -12.00 -8.89
CA LEU G 285 50.09 -11.46 -7.85
C LEU G 285 50.60 -11.86 -6.46
N TYR G 286 50.88 -10.88 -5.60
CA TYR G 286 51.36 -11.06 -4.20
C TYR G 286 50.18 -10.85 -3.25
N CYS G 287 50.00 -11.75 -2.28
CA CYS G 287 48.96 -11.70 -1.23
C CYS G 287 49.64 -11.49 0.12
N ILE G 288 49.65 -10.24 0.60
CA ILE G 288 50.32 -9.82 1.87
C ILE G 288 49.29 -9.85 3.01
N ASP G 289 49.38 -10.86 3.88
CA ASP G 289 48.64 -10.96 5.16
C ASP G 289 49.59 -10.56 6.29
N GLY G 290 49.84 -9.26 6.44
CA GLY G 290 50.79 -8.70 7.42
C GLY G 290 52.22 -9.17 7.17
N ALA G 291 52.70 -10.11 7.99
CA ALA G 291 54.05 -10.71 7.91
C ALA G 291 54.08 -11.84 6.87
N LEU G 292 52.92 -12.47 6.61
CA LEU G 292 52.81 -13.69 5.76
C LEU G 292 52.59 -13.28 4.29
N LEU G 293 53.15 -14.05 3.36
CA LEU G 293 53.16 -13.75 1.90
C LEU G 293 52.93 -15.05 1.11
N THR G 294 52.06 -15.00 0.09
CA THR G 294 51.84 -16.09 -0.91
C THR G 294 51.70 -15.46 -2.30
N LYS G 295 52.00 -16.24 -3.35
CA LYS G 295 52.05 -15.77 -4.77
C LYS G 295 51.25 -16.73 -5.65
N SER G 296 50.71 -16.21 -6.77
CA SER G 296 49.98 -16.98 -7.80
C SER G 296 49.82 -16.12 -9.06
N SER G 297 49.60 -16.76 -10.22
CA SER G 297 49.28 -16.06 -11.49
C SER G 297 47.84 -15.54 -11.41
N GLU G 298 46.93 -16.35 -10.84
CA GLU G 298 45.48 -16.04 -10.68
C GLU G 298 45.17 -15.81 -9.19
N TYR G 299 44.17 -14.96 -8.91
CA TYR G 299 43.59 -14.76 -7.55
C TYR G 299 42.08 -14.57 -7.64
N LYS G 300 41.34 -15.36 -6.86
CA LYS G 300 39.86 -15.26 -6.68
C LYS G 300 39.61 -15.23 -5.17
N GLY G 301 38.80 -14.27 -4.68
CA GLY G 301 38.50 -14.10 -3.25
C GLY G 301 37.58 -12.91 -2.98
N PRO G 302 37.16 -12.69 -1.72
CA PRO G 302 36.25 -11.58 -1.39
C PRO G 302 36.94 -10.21 -1.35
N ILE G 303 36.64 -9.33 -2.30
CA ILE G 303 37.35 -8.03 -2.52
C ILE G 303 36.37 -6.87 -2.30
N THR G 304 36.78 -5.88 -1.49
CA THR G 304 35.97 -4.69 -1.12
C THR G 304 36.53 -3.42 -1.80
N ASP G 305 37.85 -3.30 -1.94
CA ASP G 305 38.54 -2.10 -2.51
C ASP G 305 39.52 -2.55 -3.60
N VAL G 306 39.59 -1.85 -4.73
CA VAL G 306 40.62 -2.05 -5.80
C VAL G 306 41.12 -0.68 -6.27
N PHE G 307 42.44 -0.53 -6.36
CA PHE G 307 43.14 0.71 -6.78
C PHE G 307 43.71 0.52 -8.18
N TYR G 308 43.51 1.52 -9.05
CA TYR G 308 43.91 1.53 -10.48
C TYR G 308 44.78 2.77 -10.72
N LYS G 309 45.86 2.62 -11.48
CA LYS G 309 46.68 3.75 -12.00
C LYS G 309 45.84 4.45 -13.08
N GLU G 310 45.86 5.79 -13.09
CA GLU G 310 45.24 6.64 -14.16
C GLU G 310 46.16 7.83 -14.41
N ASN G 311 46.04 8.43 -15.60
CA ASN G 311 46.71 9.71 -15.95
C ASN G 311 45.62 10.66 -16.46
N SER G 312 45.12 10.40 -17.68
CA SER G 312 44.01 11.15 -18.32
C SER G 312 43.25 10.21 -19.25
N TYR G 313 41.93 10.12 -19.08
CA TYR G 313 41.01 9.23 -19.82
C TYR G 313 39.81 10.05 -20.29
N THR G 314 39.50 9.97 -21.59
CA THR G 314 38.25 10.47 -22.20
C THR G 314 37.55 9.28 -22.85
N THR G 315 36.25 9.10 -22.60
CA THR G 315 35.43 7.98 -23.12
C THR G 315 35.33 8.09 -24.64
N THR G 316 35.25 6.94 -25.32
CA THR G 316 34.95 6.82 -26.77
C THR G 316 33.46 6.47 -26.90
N ILE G 317 32.58 7.39 -26.50
CA ILE G 317 31.10 7.31 -26.58
C ILE G 317 30.56 8.65 -27.09
N ALA H 3 57.88 32.12 11.66
CA ALA H 3 56.91 32.21 12.81
C ALA H 3 55.49 32.48 12.26
N GLY H 4 54.65 33.14 13.07
CA GLY H 4 53.26 33.50 12.74
C GLY H 4 53.04 35.01 12.78
N TRP H 5 51.78 35.43 12.92
CA TRP H 5 51.34 36.84 12.71
C TRP H 5 49.96 37.06 13.34
N ASP H 6 49.72 38.27 13.87
CA ASP H 6 48.44 38.66 14.51
C ASP H 6 47.55 39.36 13.48
N LEU H 7 46.24 39.27 13.68
CA LEU H 7 45.16 39.82 12.81
C LEU H 7 44.08 40.41 13.71
N THR H 8 43.53 41.57 13.33
CA THR H 8 42.44 42.25 14.09
C THR H 8 41.10 41.73 13.56
N VAL H 9 40.31 41.08 14.43
CA VAL H 9 38.89 40.73 14.16
C VAL H 9 38.03 41.86 14.70
N LYS H 10 37.22 42.47 13.84
CA LYS H 10 36.27 43.55 14.21
C LYS H 10 34.85 43.00 14.04
N MET H 11 33.95 43.34 14.98
CA MET H 11 32.54 42.88 15.01
C MET H 11 31.60 44.04 14.70
N LEU H 12 30.42 43.74 14.14
CA LEU H 12 29.34 44.74 13.89
C LEU H 12 28.95 45.44 15.19
N ALA H 13 28.98 44.71 16.32
CA ALA H 13 28.73 45.23 17.69
C ALA H 13 29.75 46.33 18.04
N GLY H 14 30.68 46.66 17.12
CA GLY H 14 31.60 47.80 17.21
C GLY H 14 32.99 47.38 17.68
N ASN H 15 33.04 46.67 18.83
CA ASN H 15 34.26 46.30 19.60
C ASN H 15 35.20 45.41 18.77
N GLU H 16 36.50 45.46 19.06
CA GLU H 16 37.60 44.75 18.34
C GLU H 16 38.28 43.75 19.29
N PHE H 17 39.09 42.85 18.73
CA PHE H 17 40.04 41.97 19.48
C PHE H 17 41.09 41.42 18.50
N GLN H 18 42.10 40.73 19.05
CA GLN H 18 43.29 40.19 18.32
C GLN H 18 43.22 38.66 18.27
N VAL H 19 43.72 38.04 17.19
CA VAL H 19 43.88 36.56 17.09
C VAL H 19 45.28 36.26 16.54
N SER H 20 45.85 35.13 16.93
CA SER H 20 47.19 34.64 16.53
C SER H 20 47.04 33.55 15.47
N LEU H 21 47.71 33.73 14.34
CA LEU H 21 47.69 32.78 13.18
C LEU H 21 49.12 32.44 12.77
N SER H 22 49.26 31.48 11.83
CA SER H 22 50.52 31.07 11.17
C SER H 22 50.28 30.99 9.65
N SER H 23 51.34 31.09 8.86
CA SER H 23 51.28 31.35 7.39
C SER H 23 50.37 30.33 6.67
N SER H 24 50.40 29.05 7.07
CA SER H 24 49.63 27.93 6.44
C SER H 24 48.13 28.03 6.75
N MET H 25 47.70 28.85 7.72
CA MET H 25 46.31 28.82 8.25
C MET H 25 45.33 29.39 7.21
N SER H 26 44.19 28.71 7.07
CA SER H 26 43.04 29.07 6.20
C SER H 26 41.90 29.63 7.06
N VAL H 27 40.80 30.03 6.43
CA VAL H 27 39.61 30.64 7.09
C VAL H 27 39.02 29.65 8.11
N SER H 28 39.13 28.35 7.87
CA SER H 28 38.69 27.28 8.80
C SER H 28 39.33 27.49 10.18
N GLU H 29 40.62 27.83 10.22
CA GLU H 29 41.43 27.89 11.46
C GLU H 29 41.28 29.27 12.11
N LEU H 30 40.98 30.30 11.32
CA LEU H 30 40.66 31.67 11.80
C LEU H 30 39.36 31.60 12.60
N LYS H 31 38.30 31.08 11.97
CA LYS H 31 36.96 30.87 12.58
C LYS H 31 37.11 30.09 13.89
N ALA H 32 37.98 29.08 13.89
CA ALA H 32 38.26 28.20 15.06
C ALA H 32 38.85 29.03 16.21
N GLN H 33 39.76 29.95 15.91
CA GLN H 33 40.39 30.85 16.90
C GLN H 33 39.37 31.90 17.37
N ILE H 34 38.41 32.26 16.51
CA ILE H 34 37.28 33.17 16.85
C ILE H 34 36.33 32.43 17.81
N THR H 35 36.05 31.14 17.53
CA THR H 35 35.23 30.26 18.39
C THR H 35 35.84 30.22 19.80
N GLN H 36 37.16 30.02 19.88
CA GLN H 36 37.95 30.07 21.14
C GLN H 36 37.51 31.27 22.00
N LYS H 37 37.41 32.45 21.38
CA LYS H 37 37.45 33.78 22.06
C LYS H 37 36.05 34.33 22.33
N ILE H 38 35.02 33.96 21.57
CA ILE H 38 33.62 34.45 21.81
C ILE H 38 32.61 33.30 21.79
N GLY H 39 33.02 32.06 21.49
CA GLY H 39 32.20 30.85 21.63
C GLY H 39 31.06 30.77 20.61
N VAL H 40 31.27 31.28 19.39
CA VAL H 40 30.29 31.20 18.26
C VAL H 40 30.75 30.07 17.32
N HIS H 41 29.81 29.35 16.71
CA HIS H 41 30.11 28.24 15.76
C HIS H 41 30.67 28.81 14.45
N ALA H 42 31.73 28.17 13.91
CA ALA H 42 32.42 28.57 12.66
C ALA H 42 31.41 28.85 11.54
N PHE H 43 30.39 28.01 11.41
CA PHE H 43 29.36 28.10 10.34
C PHE H 43 28.38 29.24 10.60
N GLN H 44 28.42 29.86 11.80
CA GLN H 44 27.59 31.03 12.16
C GLN H 44 28.40 32.33 12.10
N GLN H 45 29.59 32.30 11.48
CA GLN H 45 30.49 33.47 11.30
C GLN H 45 30.58 33.81 9.81
N ARG H 46 30.21 35.04 9.42
CA ARG H 46 30.47 35.59 8.07
C ARG H 46 31.70 36.51 8.19
N LEU H 47 32.72 36.28 7.35
CA LEU H 47 34.03 36.99 7.40
C LEU H 47 34.31 37.66 6.05
N ALA H 48 34.52 38.98 6.08
CA ALA H 48 35.03 39.77 4.93
C ALA H 48 36.25 40.58 5.40
N VAL H 49 37.20 40.81 4.49
CA VAL H 49 38.38 41.70 4.68
C VAL H 49 37.87 43.11 4.99
N HIS H 50 38.59 43.87 5.83
CA HIS H 50 38.21 45.24 6.24
C HIS H 50 39.33 46.22 5.88
N PRO H 51 39.05 47.33 5.16
CA PRO H 51 37.69 47.70 4.74
C PRO H 51 37.25 47.29 3.32
N SER H 52 38.05 46.50 2.60
CA SER H 52 37.81 46.11 1.18
C SER H 52 36.46 45.36 1.04
N GLY H 53 36.12 44.49 1.98
CA GLY H 53 34.83 43.76 2.04
C GLY H 53 34.71 42.66 0.99
N VAL H 54 35.85 42.17 0.47
CA VAL H 54 35.92 41.01 -0.48
C VAL H 54 35.87 39.72 0.34
N ALA H 55 35.11 38.71 -0.14
CA ALA H 55 34.91 37.41 0.52
C ALA H 55 36.23 36.64 0.62
N LEU H 56 36.39 35.81 1.65
CA LEU H 56 37.60 34.97 1.90
C LEU H 56 37.42 33.62 1.21
N GLN H 57 38.47 33.12 0.53
CA GLN H 57 38.49 31.79 -0.15
C GLN H 57 38.76 30.70 0.90
N ASP H 58 38.04 29.58 0.80
CA ASP H 58 37.71 28.67 1.94
C ASP H 58 38.79 27.62 2.21
N ARG H 59 39.88 27.55 1.43
CA ARG H 59 40.97 26.58 1.70
C ARG H 59 42.35 27.19 1.44
N VAL H 60 42.52 27.97 0.36
CA VAL H 60 43.79 28.73 0.10
C VAL H 60 44.08 29.57 1.34
N PRO H 61 45.34 29.62 1.84
CA PRO H 61 45.63 30.25 3.14
C PRO H 61 45.62 31.79 3.09
N LEU H 62 45.52 32.41 4.27
CA LEU H 62 45.22 33.86 4.45
C LEU H 62 46.38 34.70 3.92
N ALA H 63 47.62 34.20 4.07
CA ALA H 63 48.87 34.84 3.59
C ALA H 63 48.85 35.01 2.07
N SER H 64 48.11 34.16 1.35
CA SER H 64 47.94 34.20 -0.13
C SER H 64 46.93 35.28 -0.55
N GLN H 65 45.84 35.46 0.22
CA GLN H 65 44.79 36.48 -0.05
C GLN H 65 45.31 37.85 0.41
N GLY H 66 44.41 38.81 0.66
CA GLY H 66 44.77 40.20 1.06
C GLY H 66 45.61 40.23 2.33
N LEU H 67 45.33 39.33 3.28
CA LEU H 67 45.73 39.43 4.72
C LEU H 67 47.21 39.07 4.92
N GLY H 68 47.94 39.95 5.59
CA GLY H 68 49.26 39.72 6.21
C GLY H 68 49.28 40.32 7.61
N PRO H 69 50.45 40.43 8.29
CA PRO H 69 50.51 41.11 9.58
C PRO H 69 50.01 42.56 9.45
N GLY H 70 49.17 43.01 10.38
CA GLY H 70 48.71 44.41 10.50
C GLY H 70 47.38 44.68 9.82
N SER H 71 46.85 43.73 9.05
CA SER H 71 45.54 43.85 8.37
C SER H 71 44.40 43.59 9.36
N THR H 72 43.15 43.83 8.93
CA THR H 72 41.91 43.68 9.73
C THR H 72 40.92 42.78 8.96
N VAL H 73 39.99 42.13 9.65
CA VAL H 73 38.89 41.34 9.03
C VAL H 73 37.60 41.63 9.80
N LEU H 74 36.45 41.60 9.12
CA LEU H 74 35.12 41.93 9.70
C LEU H 74 34.38 40.63 10.01
N LEU H 75 33.81 40.53 11.22
CA LEU H 75 33.04 39.35 11.70
C LEU H 75 31.56 39.72 11.88
N VAL H 76 30.69 39.17 11.03
CA VAL H 76 29.21 39.19 11.21
C VAL H 76 28.80 37.83 11.75
N VAL H 77 27.99 37.82 12.82
CA VAL H 77 27.49 36.60 13.52
C VAL H 77 26.03 36.37 13.10
N ASP H 78 25.72 35.19 12.55
CA ASP H 78 24.36 34.78 12.11
C ASP H 78 23.95 33.52 12.89
N LYS H 79 23.17 33.69 13.96
CA LYS H 79 22.74 32.60 14.88
C LYS H 79 21.47 31.93 14.36
N CYS H 80 20.94 32.37 13.21
CA CYS H 80 19.74 31.78 12.56
C CYS H 80 19.87 30.26 12.55
N ASP H 81 18.77 29.55 12.83
CA ASP H 81 18.79 28.08 13.04
C ASP H 81 17.47 27.47 12.57
N GLU H 82 16.83 28.08 11.57
CA GLU H 82 15.54 27.61 10.98
C GLU H 82 15.66 26.12 10.67
N PRO H 83 14.62 25.31 10.92
CA PRO H 83 14.64 23.89 10.51
C PRO H 83 14.66 23.79 8.98
N LEU H 84 15.31 22.74 8.46
CA LEU H 84 15.39 22.40 7.02
C LEU H 84 15.33 20.89 6.85
N SER H 85 14.85 20.41 5.71
CA SER H 85 14.82 18.97 5.34
C SER H 85 16.15 18.60 4.65
N ILE H 86 16.78 17.49 5.05
CA ILE H 86 17.93 16.87 4.30
C ILE H 86 17.57 15.43 3.98
N LEU H 87 18.30 14.81 3.05
CA LEU H 87 18.14 13.40 2.62
C LEU H 87 19.35 12.60 3.14
N VAL H 88 19.13 11.33 3.51
CA VAL H 88 20.22 10.36 3.85
C VAL H 88 19.98 9.06 3.07
N ARG H 89 20.68 8.91 1.95
CA ARG H 89 20.68 7.69 1.09
C ARG H 89 21.39 6.56 1.83
N ASN H 90 20.78 5.37 1.88
CA ASN H 90 21.40 4.15 2.49
C ASN H 90 22.09 3.35 1.38
N ASN H 91 22.65 2.19 1.75
CA ASN H 91 23.43 1.28 0.85
C ASN H 91 22.51 0.54 -0.14
N LYS H 92 21.20 0.49 0.12
CA LYS H 92 20.19 -0.09 -0.81
C LYS H 92 19.81 0.95 -1.88
N GLY H 93 20.24 2.21 -1.72
CA GLY H 93 20.10 3.29 -2.70
C GLY H 93 18.93 4.23 -2.41
N ARG H 94 18.17 3.97 -1.35
CA ARG H 94 16.89 4.68 -1.02
C ARG H 94 17.17 5.86 -0.08
N SER H 95 17.12 7.09 -0.62
CA SER H 95 17.08 8.36 0.15
C SER H 95 15.80 8.42 0.99
N SER H 96 15.89 8.89 2.24
CA SER H 96 14.76 9.13 3.17
C SER H 96 14.96 10.51 3.81
N THR H 97 13.87 11.24 4.10
CA THR H 97 13.89 12.67 4.52
C THR H 97 13.98 12.76 6.06
N TYR H 98 14.79 13.70 6.58
CA TYR H 98 14.97 13.99 8.02
C TYR H 98 14.88 15.51 8.22
N GLU H 99 14.10 15.95 9.20
CA GLU H 99 14.04 17.36 9.67
C GLU H 99 15.20 17.57 10.65
N VAL H 100 16.06 18.57 10.41
CA VAL H 100 17.23 18.89 11.27
C VAL H 100 17.35 20.42 11.41
N ARG H 101 18.05 20.86 12.45
CA ARG H 101 18.60 22.24 12.60
C ARG H 101 20.13 22.14 12.47
N LEU H 102 20.79 23.17 11.95
CA LEU H 102 22.25 23.10 11.65
C LEU H 102 23.06 22.99 12.96
N THR H 103 22.47 23.38 14.10
CA THR H 103 23.15 23.39 15.42
C THR H 103 23.24 21.98 16.02
N GLN H 104 22.21 21.15 15.83
CA GLN H 104 22.21 19.77 16.39
C GLN H 104 23.32 18.96 15.69
N THR H 105 23.93 18.05 16.43
CA THR H 105 25.20 17.36 16.11
C THR H 105 24.97 16.21 15.12
N VAL H 106 26.06 15.81 14.44
CA VAL H 106 26.12 14.63 13.53
C VAL H 106 25.61 13.40 14.29
N ALA H 107 25.97 13.28 15.57
CA ALA H 107 25.53 12.19 16.48
C ALA H 107 24.00 12.17 16.53
N HIS H 108 23.38 13.33 16.72
CA HIS H 108 21.90 13.50 16.78
C HIS H 108 21.26 12.93 15.51
N LEU H 109 21.80 13.28 14.34
CA LEU H 109 21.32 12.78 13.02
C LEU H 109 21.55 11.27 12.93
N LYS H 110 22.73 10.80 13.35
CA LYS H 110 23.11 9.37 13.30
C LYS H 110 22.05 8.56 14.05
N GLN H 111 21.53 9.10 15.16
CA GLN H 111 20.46 8.50 16.00
C GLN H 111 19.16 8.39 15.20
N GLN H 112 18.75 9.47 14.54
CA GLN H 112 17.52 9.50 13.70
C GLN H 112 17.63 8.44 12.59
N VAL H 113 18.82 8.26 12.01
CA VAL H 113 19.08 7.34 10.85
C VAL H 113 19.13 5.90 11.36
N SER H 114 19.70 5.69 12.55
CA SER H 114 19.74 4.38 13.25
C SER H 114 18.31 3.83 13.38
N GLY H 115 17.40 4.63 13.97
CA GLY H 115 15.98 4.28 14.20
C GLY H 115 15.27 3.88 12.91
N LEU H 116 15.34 4.73 11.88
CA LEU H 116 14.52 4.63 10.65
C LEU H 116 15.00 3.46 9.77
N GLU H 117 16.32 3.33 9.58
CA GLU H 117 16.96 2.28 8.74
C GLU H 117 17.06 0.99 9.56
N GLY H 118 17.04 1.11 10.90
CA GLY H 118 17.15 -0.02 11.84
C GLY H 118 18.54 -0.63 11.83
N VAL H 119 19.56 0.18 12.13
CA VAL H 119 21.00 -0.22 12.15
C VAL H 119 21.68 0.50 13.32
N GLN H 120 22.53 -0.21 14.08
CA GLN H 120 23.21 0.35 15.28
C GLN H 120 24.15 1.46 14.83
N ASP H 121 24.15 2.59 15.55
CA ASP H 121 24.74 3.88 15.10
C ASP H 121 26.27 3.74 14.94
N ASP H 122 26.90 2.77 15.62
CA ASP H 122 28.38 2.54 15.54
C ASP H 122 28.67 1.35 14.60
N LEU H 123 27.81 1.12 13.60
CA LEU H 123 28.06 0.19 12.47
C LEU H 123 27.92 0.92 11.14
N PHE H 124 27.90 2.25 11.14
CA PHE H 124 27.87 3.08 9.91
C PHE H 124 28.44 4.48 10.18
N TRP H 125 28.93 5.11 9.11
CA TRP H 125 29.44 6.50 9.08
C TRP H 125 28.75 7.24 7.93
N LEU H 126 28.50 8.54 8.12
CA LEU H 126 27.90 9.44 7.10
C LEU H 126 29.04 10.16 6.37
N THR H 127 28.83 10.47 5.09
CA THR H 127 29.68 11.36 4.28
C THR H 127 28.78 12.39 3.61
N PHE H 128 29.32 13.59 3.37
CA PHE H 128 28.70 14.65 2.53
C PHE H 128 29.80 15.21 1.64
N GLU H 129 29.66 15.07 0.32
CA GLU H 129 30.71 15.51 -0.63
C GLU H 129 32.02 14.76 -0.31
N GLY H 130 31.93 13.44 -0.10
CA GLY H 130 33.08 12.54 0.09
C GLY H 130 33.82 12.73 1.41
N LYS H 131 33.45 13.76 2.19
CA LYS H 131 34.07 14.12 3.50
C LYS H 131 33.29 13.44 4.63
N PRO H 132 33.93 12.66 5.52
CA PRO H 132 33.23 12.02 6.62
C PRO H 132 32.78 13.00 7.71
N LEU H 133 31.55 12.85 8.21
CA LEU H 133 30.94 13.68 9.30
C LEU H 133 31.37 13.11 10.65
N GLU H 134 31.82 13.96 11.58
CA GLU H 134 32.35 13.53 12.90
C GLU H 134 31.28 13.79 13.96
N ASP H 135 31.10 12.84 14.87
CA ASP H 135 29.87 12.66 15.71
C ASP H 135 29.55 13.94 16.49
N GLN H 136 30.53 14.48 17.23
CA GLN H 136 30.28 15.52 18.26
C GLN H 136 30.22 16.92 17.63
N LEU H 137 30.44 17.05 16.31
CA LEU H 137 30.44 18.36 15.60
C LEU H 137 29.06 18.64 15.00
N PRO H 138 28.63 19.92 14.90
CA PRO H 138 27.32 20.28 14.36
C PRO H 138 27.19 20.16 12.84
N LEU H 139 25.97 19.86 12.36
CA LEU H 139 25.68 19.64 10.92
C LEU H 139 26.10 20.88 10.10
N GLY H 140 25.99 22.07 10.68
CA GLY H 140 26.29 23.35 10.00
C GLY H 140 27.73 23.45 9.52
N GLU H 141 28.66 22.78 10.19
CA GLU H 141 30.13 22.85 9.90
C GLU H 141 30.44 22.13 8.59
N TYR H 142 29.43 21.50 7.95
CA TYR H 142 29.55 20.71 6.70
C TYR H 142 28.74 21.38 5.58
N GLY H 143 28.18 22.56 5.84
CA GLY H 143 27.53 23.45 4.85
C GLY H 143 26.31 22.84 4.18
N LEU H 144 25.52 22.06 4.92
CA LEU H 144 24.31 21.36 4.40
C LEU H 144 23.24 22.41 4.03
N LYS H 145 22.58 22.22 2.88
CA LYS H 145 21.48 23.09 2.38
C LYS H 145 20.18 22.29 2.41
N PRO H 146 19.00 22.94 2.34
CA PRO H 146 17.76 22.24 2.05
C PRO H 146 17.95 21.24 0.91
N LEU H 147 17.57 19.97 1.14
CA LEU H 147 17.60 18.86 0.16
C LEU H 147 19.05 18.46 -0.19
N SER H 148 20.03 18.83 0.62
CA SER H 148 21.36 18.18 0.62
C SER H 148 21.16 16.67 0.85
N THR H 149 21.87 15.83 0.09
CA THR H 149 21.87 14.35 0.24
C THR H 149 23.15 13.93 0.97
N VAL H 150 22.99 13.24 2.11
CA VAL H 150 24.09 12.68 2.95
C VAL H 150 24.15 11.17 2.68
N PHE H 151 25.30 10.66 2.27
CA PHE H 151 25.49 9.21 2.01
C PHE H 151 25.73 8.51 3.35
N MET H 152 25.01 7.41 3.58
CA MET H 152 25.19 6.51 4.74
C MET H 152 26.02 5.31 4.27
N ASN H 153 27.06 4.95 5.02
CA ASN H 153 28.06 3.92 4.62
C ASN H 153 28.16 2.86 5.71
N LEU H 154 27.98 1.59 5.34
CA LEU H 154 28.22 0.44 6.24
C LEU H 154 29.73 0.39 6.55
N ARG H 155 30.07 0.10 7.80
CA ARG H 155 31.46 0.04 8.31
C ARG H 155 31.88 -1.43 8.43
N LEU H 156 32.88 -1.84 7.66
CA LEU H 156 33.60 -3.11 7.88
C LEU H 156 34.40 -3.00 9.19
N ARG H 157 34.62 -4.13 9.86
CA ARG H 157 35.27 -4.23 11.18
C ARG H 157 36.45 -5.19 11.08
N GLY H 158 37.57 -4.71 10.54
CA GLY H 158 38.77 -5.50 10.23
C GLY H 158 39.78 -5.46 11.37
N GLY H 159 40.50 -6.55 11.58
CA GLY H 159 41.51 -6.71 12.64
C GLY H 159 42.08 -8.10 12.63
N VAL I 5 9.82 -49.56 69.83
CA VAL I 5 10.51 -48.71 68.81
C VAL I 5 11.13 -49.62 67.74
N ARG I 6 10.34 -50.04 66.75
CA ARG I 6 10.78 -50.91 65.63
C ARG I 6 11.39 -50.03 64.53
N THR I 7 12.65 -50.28 64.17
CA THR I 7 13.40 -49.53 63.12
C THR I 7 13.93 -50.51 62.08
N ILE I 8 14.29 -50.00 60.89
CA ILE I 8 14.99 -50.74 59.80
C ILE I 8 16.06 -49.83 59.21
N LYS I 9 17.16 -50.42 58.70
CA LYS I 9 18.25 -49.70 57.99
C LYS I 9 17.84 -49.55 56.53
N VAL I 10 17.89 -48.32 56.03
CA VAL I 10 17.69 -47.96 54.58
C VAL I 10 18.87 -47.10 54.15
N PHE I 11 19.09 -47.01 52.84
CA PHE I 11 20.00 -46.02 52.20
C PHE I 11 19.14 -44.92 51.58
N THR I 12 19.50 -43.65 51.82
CA THR I 12 19.00 -42.47 51.07
C THR I 12 20.13 -41.95 50.16
N THR I 13 19.79 -41.35 49.02
CA THR I 13 20.75 -40.83 48.03
C THR I 13 20.09 -39.72 47.20
N VAL I 14 20.86 -39.11 46.29
CA VAL I 14 20.36 -38.20 45.22
C VAL I 14 20.92 -38.65 43.86
N ASP I 15 22.14 -39.18 43.83
CA ASP I 15 22.85 -39.62 42.59
C ASP I 15 22.80 -41.15 42.45
N ASN I 16 22.57 -41.89 43.54
CA ASN I 16 22.56 -43.38 43.58
C ASN I 16 23.97 -43.91 43.34
N ILE I 17 24.98 -43.09 43.60
CA ILE I 17 26.42 -43.51 43.68
C ILE I 17 26.85 -43.36 45.14
N ASN I 18 26.55 -42.20 45.76
CA ASN I 18 26.74 -41.93 47.20
C ASN I 18 25.46 -42.31 47.95
N LEU I 19 25.51 -43.43 48.69
CA LEU I 19 24.41 -43.96 49.53
C LEU I 19 24.69 -43.55 50.98
N HIS I 20 23.67 -43.07 51.69
CA HIS I 20 23.78 -42.58 53.10
C HIS I 20 22.98 -43.50 54.01
N THR I 21 23.67 -44.31 54.83
CA THR I 21 23.06 -45.20 55.85
C THR I 21 22.13 -44.36 56.71
N GLN I 22 20.86 -44.78 56.81
CA GLN I 22 19.83 -44.12 57.66
C GLN I 22 19.17 -45.20 58.50
N VAL I 23 18.61 -44.80 59.65
CA VAL I 23 17.83 -45.69 60.55
C VAL I 23 16.45 -45.04 60.72
N VAL I 24 15.40 -45.67 60.19
CA VAL I 24 14.03 -45.10 60.13
C VAL I 24 13.15 -45.79 61.18
N ASP I 25 12.45 -44.98 61.98
CA ASP I 25 11.36 -45.40 62.89
C ASP I 25 10.13 -45.73 62.03
N MET I 26 9.53 -46.91 62.22
CA MET I 26 8.52 -47.49 61.29
C MET I 26 7.12 -47.02 61.65
N SER I 27 6.96 -46.30 62.77
CA SER I 27 5.68 -45.69 63.24
C SER I 27 5.50 -44.28 62.63
N MET I 28 6.52 -43.74 61.97
CA MET I 28 6.51 -42.41 61.29
C MET I 28 6.66 -42.62 59.78
N THR I 29 6.06 -41.75 58.97
CA THR I 29 6.15 -41.76 57.49
C THR I 29 7.54 -41.27 57.08
N TYR I 30 8.04 -41.73 55.92
CA TYR I 30 9.34 -41.32 55.33
C TYR I 30 9.42 -39.79 55.25
N GLY I 31 8.33 -39.15 54.81
CA GLY I 31 8.19 -37.68 54.76
C GLY I 31 8.48 -37.03 56.10
N GLN I 32 8.10 -37.67 57.21
CA GLN I 32 8.25 -37.13 58.58
C GLN I 32 9.71 -37.22 59.06
N GLN I 33 10.55 -37.96 58.32
CA GLN I 33 11.93 -38.28 58.74
C GLN I 33 12.94 -37.69 57.73
N PHE I 34 12.62 -37.73 56.44
CA PHE I 34 13.51 -37.31 55.33
C PHE I 34 12.94 -36.14 54.53
N GLY I 35 11.63 -35.89 54.62
CA GLY I 35 10.90 -35.03 53.65
C GLY I 35 10.61 -35.81 52.37
N PRO I 36 10.25 -35.15 51.25
CA PRO I 36 9.87 -35.85 50.02
C PRO I 36 10.86 -36.98 49.68
N THR I 37 10.35 -38.21 49.61
CA THR I 37 11.12 -39.48 49.46
C THR I 37 10.48 -40.34 48.36
N TYR I 38 11.32 -40.96 47.54
CA TYR I 38 10.91 -41.76 46.34
C TYR I 38 11.62 -43.11 46.39
N LEU I 39 11.00 -44.13 45.78
CA LEU I 39 11.57 -45.50 45.59
C LEU I 39 11.27 -45.96 44.17
N ASP I 40 12.30 -46.07 43.32
CA ASP I 40 12.19 -46.52 41.90
C ASP I 40 11.26 -45.57 41.12
N GLY I 41 11.00 -44.37 41.64
CA GLY I 41 10.17 -43.33 40.98
C GLY I 41 8.82 -43.14 41.67
N ALA I 42 8.39 -44.11 42.48
CA ALA I 42 7.11 -44.09 43.23
C ALA I 42 7.28 -43.24 44.50
N ASP I 43 6.36 -42.26 44.70
CA ASP I 43 6.37 -41.30 45.83
C ASP I 43 5.89 -42.01 47.10
N VAL I 44 6.81 -42.31 48.02
CA VAL I 44 6.56 -43.07 49.28
C VAL I 44 6.56 -42.10 50.47
N THR I 45 6.36 -40.81 50.23
CA THR I 45 6.48 -39.72 51.22
C THR I 45 5.52 -39.95 52.39
N LYS I 46 4.27 -40.30 52.09
CA LYS I 46 3.16 -40.39 53.10
C LYS I 46 2.93 -41.86 53.43
N ILE I 47 3.93 -42.72 53.19
CA ILE I 47 3.93 -44.19 53.45
C ILE I 47 4.89 -44.48 54.60
N LYS I 48 4.48 -45.33 55.55
CA LYS I 48 5.35 -45.83 56.65
C LYS I 48 6.23 -46.95 56.10
N PRO I 49 7.45 -47.15 56.64
CA PRO I 49 8.33 -48.21 56.14
C PRO I 49 7.73 -49.61 56.38
N HIS I 50 7.57 -50.39 55.31
CA HIS I 50 7.28 -51.85 55.33
C HIS I 50 8.59 -52.58 55.65
N ASN I 51 8.51 -53.83 56.14
CA ASN I 51 9.67 -54.67 56.51
C ASN I 51 10.46 -55.07 55.26
N SER I 52 9.82 -55.00 54.07
CA SER I 52 10.38 -55.39 52.74
C SER I 52 11.24 -54.27 52.15
N HIS I 53 11.40 -53.15 52.87
CA HIS I 53 12.20 -51.97 52.45
C HIS I 53 13.64 -52.08 52.95
N GLU I 54 13.89 -52.81 54.04
CA GLU I 54 15.23 -52.92 54.68
C GLU I 54 16.26 -53.26 53.60
N GLY I 55 17.24 -52.37 53.41
CA GLY I 55 18.36 -52.55 52.45
C GLY I 55 18.19 -51.67 51.22
N LYS I 56 16.95 -51.31 50.84
CA LYS I 56 16.65 -50.64 49.55
C LYS I 56 17.14 -49.19 49.57
N THR I 57 17.48 -48.65 48.40
CA THR I 57 17.90 -47.25 48.17
C THR I 57 16.65 -46.40 47.92
N PHE I 58 16.62 -45.18 48.46
CA PHE I 58 15.54 -44.18 48.32
C PHE I 58 16.12 -42.84 47.86
N TYR I 59 15.60 -42.25 46.80
CA TYR I 59 15.92 -40.87 46.36
C TYR I 59 15.20 -39.88 47.29
N VAL I 60 15.87 -38.79 47.65
CA VAL I 60 15.33 -37.73 48.54
C VAL I 60 15.66 -36.36 47.94
N LEU I 61 14.86 -35.35 48.28
CA LEU I 61 15.14 -33.93 47.97
C LEU I 61 16.43 -33.53 48.68
N PRO I 62 17.39 -32.87 48.00
CA PRO I 62 18.56 -32.31 48.69
C PRO I 62 18.16 -31.26 49.75
N ASN I 63 18.21 -31.66 51.03
CA ASN I 63 17.81 -30.83 52.20
C ASN I 63 19.02 -30.65 53.13
N ASP I 64 20.24 -30.72 52.61
CA ASP I 64 21.50 -30.48 53.37
C ASP I 64 22.65 -30.26 52.37
N ASP I 65 23.69 -29.55 52.81
CA ASP I 65 24.80 -29.03 51.95
C ASP I 65 25.56 -30.20 51.30
N THR I 66 25.59 -31.38 51.92
CA THR I 66 26.25 -32.60 51.36
C THR I 66 25.47 -33.06 50.14
N LEU I 67 24.14 -33.17 50.26
CA LEU I 67 23.22 -33.68 49.21
C LEU I 67 23.15 -32.68 48.04
N ARG I 68 23.03 -31.38 48.33
CA ARG I 68 23.08 -30.31 47.30
C ARG I 68 24.32 -30.50 46.43
N VAL I 69 25.49 -30.72 47.04
CA VAL I 69 26.79 -30.89 46.32
C VAL I 69 26.70 -32.14 45.44
N GLU I 70 26.31 -33.28 46.01
CA GLU I 70 26.20 -34.59 45.29
C GLU I 70 25.21 -34.46 44.13
N ALA I 71 24.11 -33.74 44.34
CA ALA I 71 23.00 -33.55 43.37
C ALA I 71 23.50 -32.72 42.20
N PHE I 72 24.08 -31.55 42.46
CA PHE I 72 24.53 -30.63 41.40
C PHE I 72 25.63 -31.29 40.58
N GLU I 73 26.59 -31.95 41.23
CA GLU I 73 27.77 -32.55 40.54
C GLU I 73 27.31 -33.66 39.59
N TYR I 74 26.13 -34.23 39.83
CA TYR I 74 25.57 -35.37 39.07
C TYR I 74 24.60 -34.91 37.98
N TYR I 75 23.76 -33.90 38.26
CA TYR I 75 22.66 -33.43 37.36
C TYR I 75 23.01 -32.09 36.70
N HIS I 76 23.96 -31.31 37.25
CA HIS I 76 24.38 -29.98 36.74
C HIS I 76 23.20 -29.00 36.74
N THR I 77 22.36 -29.03 37.78
CA THR I 77 21.23 -28.10 37.98
C THR I 77 20.92 -27.95 39.47
N THR I 78 20.52 -26.76 39.88
CA THR I 78 20.09 -26.42 41.27
C THR I 78 18.56 -26.52 41.36
N ASP I 79 17.87 -26.56 40.22
CA ASP I 79 16.39 -26.54 40.08
C ASP I 79 15.79 -27.53 41.06
N PRO I 80 15.16 -27.05 42.15
CA PRO I 80 14.67 -27.93 43.23
C PRO I 80 13.49 -28.83 42.82
N SER I 81 12.77 -28.47 41.75
CA SER I 81 11.65 -29.27 41.18
C SER I 81 12.17 -30.47 40.38
N PHE I 82 13.47 -30.50 40.02
CA PHE I 82 14.05 -31.49 39.09
C PHE I 82 13.78 -32.92 39.56
N LEU I 83 14.14 -33.25 40.81
CA LEU I 83 14.03 -34.62 41.36
C LEU I 83 12.58 -35.11 41.20
N GLY I 84 11.62 -34.32 41.70
CA GLY I 84 10.18 -34.59 41.58
C GLY I 84 9.79 -34.96 40.16
N ARG I 85 10.17 -34.12 39.18
CA ARG I 85 9.82 -34.25 37.73
C ARG I 85 10.52 -35.48 37.14
N TYR I 86 11.77 -35.73 37.51
CA TYR I 86 12.58 -36.89 37.07
C TYR I 86 11.96 -38.18 37.61
N MET I 87 11.74 -38.24 38.92
CA MET I 87 11.11 -39.40 39.60
C MET I 87 9.72 -39.63 39.01
N SER I 88 8.89 -38.59 38.95
CA SER I 88 7.49 -38.62 38.48
C SER I 88 7.44 -39.24 37.07
N ALA I 89 8.38 -38.87 36.21
CA ALA I 89 8.54 -39.42 34.84
C ALA I 89 8.98 -40.90 34.90
N LEU I 90 10.04 -41.20 35.65
CA LEU I 90 10.63 -42.56 35.79
C LEU I 90 9.55 -43.56 36.21
N ASN I 91 8.59 -43.12 37.02
CA ASN I 91 7.50 -44.00 37.54
C ASN I 91 6.69 -44.55 36.36
N HIS I 92 6.57 -43.76 35.28
CA HIS I 92 5.84 -44.14 34.04
C HIS I 92 6.76 -44.87 33.08
N THR I 93 8.00 -44.38 32.89
CA THR I 93 8.93 -44.86 31.83
C THR I 93 9.51 -46.22 32.19
N LYS I 94 9.50 -46.61 33.47
CA LYS I 94 10.00 -47.95 33.91
C LYS I 94 9.02 -49.04 33.45
N LYS I 95 7.73 -48.70 33.32
CA LYS I 95 6.63 -49.61 32.94
C LYS I 95 6.43 -49.64 31.41
N TRP I 96 7.25 -48.91 30.64
CA TRP I 96 7.33 -49.04 29.16
C TRP I 96 8.12 -50.31 28.81
N LYS I 97 8.07 -50.74 27.55
CA LYS I 97 8.89 -51.87 27.02
C LYS I 97 9.85 -51.31 25.97
N TYR I 98 11.10 -51.82 25.93
CA TYR I 98 12.22 -51.29 25.13
C TYR I 98 12.78 -52.39 24.23
N PRO I 99 12.11 -52.69 23.09
CA PRO I 99 12.58 -53.75 22.19
C PRO I 99 13.82 -53.32 21.40
N GLN I 100 14.64 -54.28 20.95
CA GLN I 100 15.93 -54.05 20.27
C GLN I 100 15.87 -54.51 18.81
N VAL I 101 16.62 -53.85 17.93
CA VAL I 101 16.86 -54.24 16.50
C VAL I 101 18.38 -54.25 16.27
N ASN I 102 19.06 -55.28 16.81
CA ASN I 102 20.54 -55.41 16.87
C ASN I 102 21.11 -54.27 17.73
N GLY I 103 20.91 -54.36 19.05
CA GLY I 103 21.44 -53.37 20.03
C GLY I 103 20.74 -52.02 19.96
N LEU I 104 20.08 -51.71 18.84
CA LEU I 104 19.34 -50.43 18.63
C LEU I 104 18.02 -50.49 19.40
N THR I 105 17.94 -49.78 20.53
CA THR I 105 16.82 -49.82 21.51
C THR I 105 15.75 -48.80 21.09
N SER I 106 14.51 -49.26 20.89
CA SER I 106 13.31 -48.43 20.64
C SER I 106 12.43 -48.41 21.90
N ILE I 107 11.21 -47.90 21.79
CA ILE I 107 10.16 -47.92 22.85
C ILE I 107 8.83 -48.29 22.19
N LYS I 108 8.15 -49.31 22.69
CA LYS I 108 6.79 -49.70 22.25
C LYS I 108 5.86 -48.51 22.52
N TRP I 109 4.96 -48.20 21.59
CA TRP I 109 4.08 -47.00 21.67
C TRP I 109 3.34 -47.03 23.01
N ALA I 110 3.22 -45.87 23.66
CA ALA I 110 2.55 -45.67 24.96
C ALA I 110 2.73 -44.21 25.41
N ASP I 111 1.64 -43.58 25.87
CA ASP I 111 1.65 -42.25 26.53
C ASP I 111 2.21 -41.18 25.56
N ASN I 112 1.95 -41.35 24.25
CA ASN I 112 2.30 -40.36 23.19
C ASN I 112 3.82 -40.21 23.06
N ASN I 113 4.56 -41.32 23.14
CA ASN I 113 6.05 -41.32 23.32
C ASN I 113 6.78 -41.48 21.97
N SER I 114 6.12 -41.27 20.83
CA SER I 114 6.75 -41.46 19.50
C SER I 114 7.97 -40.55 19.39
N TYR I 115 7.84 -39.26 19.75
CA TYR I 115 8.92 -38.24 19.64
C TYR I 115 10.10 -38.68 20.50
N LEU I 116 9.85 -39.18 21.72
CA LEU I 116 10.88 -39.69 22.65
C LEU I 116 11.64 -40.86 22.01
N ALA I 117 10.91 -41.84 21.47
CA ALA I 117 11.44 -43.06 20.82
C ALA I 117 12.37 -42.65 19.68
N THR I 118 11.97 -41.67 18.88
CA THR I 118 12.71 -41.16 17.69
C THR I 118 14.03 -40.50 18.15
N ALA I 119 14.00 -39.74 19.25
CA ALA I 119 15.18 -39.08 19.84
C ALA I 119 16.12 -40.14 20.42
N LEU I 120 15.56 -41.09 21.18
CA LEU I 120 16.31 -42.24 21.76
C LEU I 120 17.03 -43.02 20.66
N LEU I 121 16.34 -43.33 19.56
CA LEU I 121 16.91 -44.08 18.42
C LEU I 121 18.03 -43.24 17.80
N THR I 122 17.76 -41.96 17.56
CA THR I 122 18.71 -40.97 16.96
C THR I 122 19.97 -40.90 17.82
N LEU I 123 19.82 -40.77 19.14
CA LEU I 123 20.94 -40.55 20.11
C LEU I 123 21.88 -41.76 20.13
N GLN I 124 21.40 -42.94 19.74
CA GLN I 124 22.21 -44.18 19.71
C GLN I 124 23.06 -44.26 18.45
N GLN I 125 22.85 -43.38 17.46
CA GLN I 125 23.45 -43.49 16.11
C GLN I 125 24.35 -42.28 15.81
N ILE I 126 24.46 -41.32 16.72
CA ILE I 126 25.33 -40.11 16.55
C ILE I 126 26.29 -40.03 17.76
N GLU I 127 27.52 -39.61 17.49
CA GLU I 127 28.61 -39.47 18.49
C GLU I 127 28.41 -38.16 19.25
N LEU I 128 28.23 -38.25 20.57
CA LEU I 128 27.75 -37.13 21.43
C LEU I 128 28.10 -37.42 22.88
N LYS I 129 28.86 -36.55 23.55
CA LYS I 129 29.23 -36.66 24.98
C LYS I 129 28.42 -35.65 25.80
N PHE I 130 27.76 -36.11 26.87
CA PHE I 130 26.97 -35.25 27.80
C PHE I 130 27.88 -34.81 28.95
N ASN I 131 27.69 -33.58 29.43
CA ASN I 131 28.46 -32.98 30.55
C ASN I 131 27.97 -33.53 31.89
N PRO I 132 26.65 -33.54 32.19
CA PRO I 132 26.16 -34.08 33.47
C PRO I 132 26.35 -35.58 33.56
N PRO I 133 27.11 -36.11 34.57
CA PRO I 133 27.34 -37.55 34.67
C PRO I 133 26.02 -38.36 34.66
N ALA I 134 24.91 -37.77 35.11
CA ALA I 134 23.57 -38.41 35.14
C ALA I 134 23.14 -38.82 33.73
N LEU I 135 23.33 -37.93 32.75
CA LEU I 135 22.96 -38.18 31.33
C LEU I 135 23.98 -39.14 30.71
N GLN I 136 25.27 -38.91 30.92
CA GLN I 136 26.35 -39.78 30.39
C GLN I 136 26.16 -41.21 30.93
N ASP I 137 25.73 -41.37 32.19
CA ASP I 137 25.51 -42.70 32.83
C ASP I 137 24.35 -43.41 32.13
N ALA I 138 23.20 -42.74 31.98
CA ALA I 138 21.95 -43.34 31.47
C ALA I 138 22.04 -43.56 29.95
N TYR I 139 22.87 -42.78 29.26
CA TYR I 139 23.10 -42.82 27.79
C TYR I 139 23.98 -44.01 27.42
N TYR I 140 24.54 -44.68 28.44
CA TYR I 140 25.40 -45.89 28.31
C TYR I 140 24.56 -47.14 28.63
N ARG I 141 23.82 -47.05 29.72
CA ARG I 141 22.76 -48.01 30.12
C ARG I 141 21.67 -48.07 29.02
N ALA I 142 21.43 -46.96 28.33
CA ALA I 142 20.47 -46.86 27.20
C ALA I 142 20.95 -47.70 26.02
N ARG I 143 22.18 -47.46 25.53
CA ARG I 143 22.77 -48.18 24.36
C ARG I 143 22.78 -49.68 24.65
N ALA I 144 22.87 -50.09 25.92
CA ALA I 144 22.90 -51.49 26.38
C ALA I 144 21.48 -52.05 26.61
N GLY I 145 20.45 -51.20 26.62
CA GLY I 145 19.04 -51.63 26.53
C GLY I 145 18.21 -51.31 27.77
N GLU I 146 18.82 -50.82 28.86
CA GLU I 146 18.11 -50.34 30.08
C GLU I 146 17.94 -48.82 29.95
N ALA I 147 16.91 -48.40 29.21
CA ALA I 147 16.69 -46.99 28.78
C ALA I 147 15.53 -46.36 29.56
N ALA I 148 14.97 -47.07 30.54
CA ALA I 148 13.91 -46.55 31.44
C ALA I 148 14.38 -45.21 32.03
N ASN I 149 15.60 -45.17 32.54
CA ASN I 149 16.21 -43.99 33.21
C ASN I 149 16.39 -42.85 32.23
N PHE I 150 17.08 -43.11 31.11
CA PHE I 150 17.48 -42.11 30.10
C PHE I 150 16.27 -41.30 29.63
N CYS I 151 15.21 -42.00 29.21
CA CYS I 151 13.94 -41.39 28.74
C CYS I 151 13.36 -40.47 29.81
N ALA I 152 13.41 -40.89 31.08
CA ALA I 152 12.89 -40.14 32.25
C ALA I 152 13.75 -38.89 32.47
N LEU I 153 15.07 -39.01 32.35
CA LEU I 153 16.01 -37.86 32.49
C LEU I 153 15.72 -36.84 31.38
N ILE I 154 15.53 -37.32 30.14
CA ILE I 154 15.30 -36.46 28.94
C ILE I 154 14.02 -35.63 29.16
N LEU I 155 12.95 -36.27 29.63
CA LEU I 155 11.65 -35.63 29.98
C LEU I 155 11.88 -34.55 31.04
N ALA I 156 12.69 -34.84 32.06
CA ALA I 156 13.01 -33.90 33.16
C ALA I 156 13.80 -32.70 32.62
N TYR I 157 14.90 -32.94 31.90
CA TYR I 157 15.77 -31.88 31.33
C TYR I 157 15.01 -31.02 30.32
N CYS I 158 14.14 -31.63 29.51
CA CYS I 158 13.35 -30.93 28.46
C CYS I 158 12.11 -30.25 29.06
N ASN I 159 11.79 -30.58 30.31
CA ASN I 159 10.67 -29.96 31.08
C ASN I 159 9.34 -30.38 30.46
N LYS I 160 9.22 -31.66 30.11
CA LYS I 160 8.01 -32.27 29.52
C LYS I 160 7.53 -33.43 30.42
N THR I 161 6.22 -33.61 30.54
CA THR I 161 5.56 -34.65 31.35
C THR I 161 5.14 -35.82 30.45
N VAL I 162 5.43 -37.05 30.87
CA VAL I 162 4.90 -38.29 30.22
C VAL I 162 3.43 -38.04 29.86
N GLY I 163 3.05 -38.27 28.59
CA GLY I 163 1.69 -38.03 28.08
C GLY I 163 1.63 -36.87 27.11
N GLU I 164 2.40 -35.80 27.35
CA GLU I 164 2.46 -34.60 26.45
C GLU I 164 2.94 -35.02 25.06
N LEU I 165 2.41 -34.38 24.02
CA LEU I 165 2.96 -34.45 22.63
C LEU I 165 4.27 -33.65 22.58
N GLY I 166 5.18 -34.03 21.69
CA GLY I 166 6.54 -33.45 21.64
C GLY I 166 7.04 -33.26 20.21
N ASP I 167 8.09 -32.44 20.07
CA ASP I 167 8.82 -32.15 18.81
C ASP I 167 10.22 -32.76 18.95
N VAL I 168 10.61 -33.64 18.02
CA VAL I 168 11.94 -34.32 18.07
C VAL I 168 13.05 -33.27 18.02
N ARG I 169 12.85 -32.21 17.22
CA ARG I 169 13.86 -31.13 17.03
C ARG I 169 13.99 -30.28 18.31
N GLU I 170 12.87 -29.86 18.90
CA GLU I 170 12.88 -29.10 20.17
C GLU I 170 13.63 -29.93 21.21
N THR I 171 13.29 -31.22 21.34
CA THR I 171 13.88 -32.17 22.32
C THR I 171 15.42 -32.18 22.22
N MET I 172 15.97 -32.32 21.01
CA MET I 172 17.44 -32.28 20.79
C MET I 172 17.95 -30.89 21.20
N SER I 173 17.25 -29.83 20.77
CA SER I 173 17.61 -28.42 21.03
C SER I 173 17.86 -28.22 22.53
N TYR I 174 17.02 -28.83 23.38
CA TYR I 174 17.15 -28.82 24.86
C TYR I 174 18.37 -29.65 25.27
N LEU I 175 18.43 -30.91 24.81
CA LEU I 175 19.45 -31.91 25.25
C LEU I 175 20.85 -31.40 24.89
N PHE I 176 21.02 -30.94 23.65
CA PHE I 176 22.31 -30.42 23.12
C PHE I 176 22.91 -29.39 24.07
N GLN I 177 22.08 -28.59 24.75
CA GLN I 177 22.54 -27.62 25.78
C GLN I 177 23.44 -28.35 26.79
N HIS I 178 23.08 -29.59 27.16
CA HIS I 178 23.79 -30.40 28.20
C HIS I 178 24.88 -31.28 27.54
N ALA I 179 25.17 -31.08 26.26
CA ALA I 179 26.19 -31.82 25.49
C ALA I 179 27.46 -30.96 25.38
N ASN I 180 28.60 -31.60 25.15
CA ASN I 180 29.88 -30.92 24.84
C ASN I 180 30.00 -30.77 23.32
N LEU I 181 29.78 -29.56 22.81
CA LEU I 181 29.86 -29.21 21.37
C LEU I 181 30.89 -28.07 21.19
N ASP I 182 31.76 -27.87 22.18
CA ASP I 182 32.77 -26.77 22.19
C ASP I 182 33.64 -26.85 20.92
N SER I 183 34.08 -28.05 20.57
CA SER I 183 34.98 -28.34 19.42
C SER I 183 34.16 -28.65 18.15
N CYS I 184 32.93 -28.14 18.06
CA CYS I 184 32.09 -28.15 16.84
C CYS I 184 32.07 -26.73 16.24
N LYS I 185 32.53 -26.60 15.00
CA LYS I 185 32.72 -25.29 14.32
C LYS I 185 32.05 -25.37 12.94
N ARG I 186 31.41 -24.28 12.51
CA ARG I 186 30.76 -24.19 11.18
C ARG I 186 30.96 -22.78 10.63
N VAL I 187 31.48 -22.69 9.41
CA VAL I 187 31.72 -21.41 8.69
C VAL I 187 30.71 -21.34 7.54
N LEU I 188 29.90 -20.29 7.50
CA LEU I 188 28.87 -20.05 6.46
C LEU I 188 29.25 -18.80 5.68
N ASN I 189 29.03 -18.80 4.36
CA ASN I 189 28.99 -17.57 3.53
C ASN I 189 27.53 -17.30 3.17
N VAL I 190 27.07 -16.06 3.39
CA VAL I 190 25.75 -15.55 2.95
C VAL I 190 26.03 -14.49 1.88
N VAL I 191 25.43 -14.61 0.70
CA VAL I 191 25.73 -13.76 -0.49
C VAL I 191 24.44 -13.10 -0.99
N CYS I 192 24.21 -11.84 -0.59
CA CYS I 192 23.15 -10.93 -1.12
C CYS I 192 23.68 -10.26 -2.40
N LYS I 193 23.02 -9.19 -2.86
CA LYS I 193 23.54 -8.33 -3.98
C LYS I 193 23.82 -6.91 -3.48
N THR I 194 23.26 -6.53 -2.32
CA THR I 194 23.39 -5.18 -1.71
C THR I 194 24.21 -5.28 -0.42
N CYS I 195 23.88 -6.23 0.47
CA CYS I 195 24.64 -6.54 1.71
C CYS I 195 26.08 -6.98 1.37
N GLY I 196 26.26 -7.64 0.22
CA GLY I 196 27.56 -8.14 -0.28
C GLY I 196 27.74 -9.62 -0.01
N GLN I 197 28.89 -10.02 0.51
CA GLN I 197 29.19 -11.40 0.96
C GLN I 197 29.73 -11.34 2.39
N GLN I 198 28.97 -11.86 3.35
CA GLN I 198 29.37 -11.98 4.78
C GLN I 198 29.65 -13.45 5.11
N GLN I 199 30.78 -13.71 5.76
CA GLN I 199 31.18 -15.04 6.28
C GLN I 199 31.08 -15.03 7.80
N THR I 200 30.45 -16.05 8.39
CA THR I 200 30.21 -16.16 9.86
C THR I 200 30.73 -17.51 10.36
N THR I 201 31.35 -17.50 11.54
CA THR I 201 31.90 -18.69 12.24
C THR I 201 31.01 -18.97 13.45
N LEU I 202 30.29 -20.10 13.44
CA LEU I 202 29.41 -20.55 14.55
C LEU I 202 30.10 -21.69 15.29
N LYS I 203 29.80 -21.83 16.59
CA LYS I 203 30.34 -22.92 17.46
C LYS I 203 29.20 -23.47 18.33
N GLY I 204 29.42 -24.65 18.91
CA GLY I 204 28.44 -25.35 19.76
C GLY I 204 27.21 -25.71 18.96
N VAL I 205 26.03 -25.51 19.56
CA VAL I 205 24.71 -26.00 19.05
C VAL I 205 24.47 -25.48 17.63
N GLU I 206 24.73 -24.19 17.38
CA GLU I 206 24.42 -23.49 16.11
C GLU I 206 25.22 -24.09 14.95
N ALA I 207 26.27 -24.88 15.23
CA ALA I 207 27.21 -25.41 14.22
C ALA I 207 26.80 -26.81 13.75
N VAL I 208 25.86 -27.47 14.44
CA VAL I 208 25.40 -28.85 14.10
C VAL I 208 23.93 -28.84 13.63
N MET I 209 23.10 -27.94 14.17
CA MET I 209 21.67 -27.81 13.79
C MET I 209 21.54 -26.75 12.67
N TYR I 210 20.75 -27.08 11.65
CA TYR I 210 20.20 -26.11 10.66
C TYR I 210 18.73 -26.42 10.42
N MET I 211 17.93 -25.40 10.11
CA MET I 211 16.48 -25.49 9.78
C MET I 211 16.23 -24.73 8.49
N GLY I 212 15.71 -25.40 7.45
CA GLY I 212 15.45 -24.80 6.13
C GLY I 212 15.57 -25.79 4.98
N THR I 213 16.25 -26.91 5.17
CA THR I 213 16.47 -27.96 4.12
C THR I 213 16.93 -29.26 4.79
N LEU I 214 16.51 -30.41 4.26
CA LEU I 214 16.89 -31.75 4.80
C LEU I 214 18.23 -32.19 4.19
N SER I 215 18.60 -31.63 3.05
CA SER I 215 19.76 -32.06 2.23
C SER I 215 21.04 -31.39 2.74
N TYR I 216 22.02 -32.18 3.19
CA TYR I 216 23.39 -31.73 3.51
C TYR I 216 24.09 -31.36 2.20
N GLU I 217 23.78 -32.10 1.13
CA GLU I 217 24.28 -31.82 -0.25
C GLU I 217 23.85 -30.42 -0.68
N GLN I 218 22.56 -30.11 -0.59
CA GLN I 218 21.96 -28.82 -1.03
C GLN I 218 22.57 -27.67 -0.21
N PHE I 219 22.90 -27.93 1.05
CA PHE I 219 23.50 -26.94 2.00
C PHE I 219 24.91 -26.58 1.51
N LYS I 220 25.69 -27.60 1.11
CA LYS I 220 27.07 -27.43 0.58
C LYS I 220 27.03 -26.68 -0.76
N LYS I 221 26.01 -26.92 -1.58
CA LYS I 221 25.88 -26.33 -2.94
C LYS I 221 25.31 -24.91 -2.84
N GLY I 222 24.42 -24.65 -1.88
CA GLY I 222 23.83 -23.32 -1.65
C GLY I 222 22.32 -23.41 -1.60
N VAL I 223 21.71 -22.75 -0.61
CA VAL I 223 20.22 -22.69 -0.44
C VAL I 223 19.80 -21.23 -0.57
N GLN I 224 18.54 -21.00 -0.91
CA GLN I 224 17.90 -19.66 -0.98
C GLN I 224 17.29 -19.34 0.38
N ILE I 225 17.52 -18.12 0.90
CA ILE I 225 16.88 -17.60 2.13
C ILE I 225 16.44 -16.16 1.88
N PRO I 226 15.30 -15.72 2.45
CA PRO I 226 14.90 -14.31 2.36
C PRO I 226 15.81 -13.47 3.28
N CYS I 227 16.33 -12.35 2.78
CA CYS I 227 17.32 -11.47 3.47
C CYS I 227 16.61 -10.21 3.99
N THR I 228 17.31 -9.42 4.81
CA THR I 228 16.84 -8.15 5.44
C THR I 228 16.61 -7.08 4.37
N CYS I 229 17.36 -7.12 3.27
CA CYS I 229 17.31 -6.14 2.14
C CYS I 229 16.05 -6.35 1.28
N GLY I 230 15.32 -7.46 1.48
CA GLY I 230 14.05 -7.77 0.79
C GLY I 230 14.23 -8.67 -0.42
N LYS I 231 15.48 -8.82 -0.91
CA LYS I 231 15.85 -9.72 -2.05
C LYS I 231 16.20 -11.10 -1.50
N GLN I 232 16.39 -12.07 -2.40
CA GLN I 232 16.73 -13.48 -2.06
C GLN I 232 18.25 -13.65 -2.09
N ALA I 233 18.85 -13.94 -0.93
CA ALA I 233 20.29 -14.22 -0.74
C ALA I 233 20.56 -15.72 -0.89
N THR I 234 21.84 -16.12 -0.81
CA THR I 234 22.30 -17.54 -0.95
C THR I 234 23.26 -17.87 0.21
N LYS I 235 22.88 -18.84 1.05
CA LYS I 235 23.70 -19.37 2.16
C LYS I 235 24.37 -20.67 1.69
N TYR I 236 25.66 -20.85 1.95
CA TYR I 236 26.37 -22.12 1.65
C TYR I 236 27.46 -22.40 2.70
N LEU I 237 27.66 -23.69 2.95
CA LEU I 237 28.60 -24.25 3.96
C LEU I 237 30.02 -24.20 3.41
N VAL I 238 30.89 -23.44 4.08
CA VAL I 238 32.31 -23.22 3.70
C VAL I 238 33.19 -24.23 4.45
N GLN I 239 32.96 -24.43 5.74
CA GLN I 239 33.71 -25.40 6.56
C GLN I 239 32.82 -25.93 7.69
N GLN I 240 33.03 -27.19 8.06
CA GLN I 240 32.28 -27.93 9.10
C GLN I 240 33.25 -28.85 9.85
N GLU I 241 33.30 -28.73 11.18
CA GLU I 241 34.08 -29.64 12.07
C GLU I 241 33.17 -30.10 13.19
N SER I 242 32.59 -31.29 13.04
CA SER I 242 31.68 -31.93 14.01
C SER I 242 31.55 -33.42 13.69
N PRO I 243 31.30 -34.27 14.71
CA PRO I 243 31.08 -35.70 14.48
C PRO I 243 29.77 -36.00 13.72
N PHE I 244 28.82 -35.06 13.70
CA PHE I 244 27.53 -35.19 12.99
C PHE I 244 26.97 -33.80 12.65
N VAL I 245 25.94 -33.78 11.80
CA VAL I 245 25.07 -32.60 11.52
C VAL I 245 23.62 -33.05 11.52
N MET I 246 22.72 -32.14 11.88
CA MET I 246 21.26 -32.34 11.90
C MET I 246 20.62 -31.33 10.95
N MET I 247 20.03 -31.82 9.85
CA MET I 247 19.34 -30.98 8.84
C MET I 247 17.83 -31.16 9.03
N SER I 248 17.14 -30.08 9.41
CA SER I 248 15.69 -30.05 9.71
C SER I 248 14.98 -29.16 8.68
N ALA I 249 13.68 -29.41 8.46
CA ALA I 249 12.79 -28.59 7.61
C ALA I 249 11.34 -28.93 7.94
N PRO I 250 10.36 -28.07 7.59
CA PRO I 250 8.95 -28.40 7.74
C PRO I 250 8.63 -29.69 7.01
N PRO I 251 7.91 -30.64 7.63
CA PRO I 251 7.67 -31.96 7.01
C PRO I 251 7.27 -31.78 5.54
N ALA I 252 7.94 -32.50 4.64
CA ALA I 252 7.63 -32.52 3.19
C ALA I 252 8.06 -33.88 2.61
N GLN I 253 7.40 -34.35 1.55
CA GLN I 253 7.73 -35.62 0.88
C GLN I 253 9.20 -35.56 0.45
N TYR I 254 10.00 -36.54 0.86
CA TYR I 254 11.47 -36.58 0.64
C TYR I 254 11.92 -38.04 0.44
N GLU I 255 12.81 -38.25 -0.53
CA GLU I 255 13.41 -39.56 -0.89
C GLU I 255 14.73 -39.72 -0.11
N LEU I 256 14.85 -40.81 0.65
CA LEU I 256 16.07 -41.19 1.43
C LEU I 256 16.77 -42.36 0.72
N LYS I 257 18.05 -42.18 0.36
CA LYS I 257 18.86 -43.18 -0.38
C LYS I 257 19.78 -43.92 0.60
N HIS I 258 19.77 -45.26 0.57
CA HIS I 258 20.60 -46.17 1.40
C HIS I 258 22.07 -45.72 1.37
N GLY I 259 22.59 -45.30 2.53
CA GLY I 259 24.03 -45.04 2.76
C GLY I 259 24.46 -43.62 2.37
N THR I 260 23.51 -42.70 2.18
CA THR I 260 23.75 -41.25 1.92
C THR I 260 23.45 -40.42 3.18
N PHE I 261 23.03 -41.07 4.28
CA PHE I 261 22.61 -40.45 5.56
C PHE I 261 22.70 -41.50 6.68
N THR I 262 22.77 -41.06 7.95
CA THR I 262 22.78 -41.96 9.14
C THR I 262 21.35 -42.39 9.46
N CYS I 263 20.49 -41.43 9.82
CA CYS I 263 19.08 -41.68 10.23
C CYS I 263 18.24 -40.41 10.05
N ALA I 264 16.91 -40.56 10.08
CA ALA I 264 15.93 -39.51 9.76
C ALA I 264 14.68 -39.65 10.63
N SER I 265 14.02 -38.53 10.91
CA SER I 265 12.74 -38.46 11.65
C SER I 265 11.61 -38.15 10.66
N GLU I 266 10.67 -39.09 10.48
CA GLU I 266 9.45 -38.92 9.65
C GLU I 266 8.30 -38.44 10.54
N TYR I 267 7.53 -37.46 10.05
CA TYR I 267 6.37 -36.87 10.74
C TYR I 267 5.14 -36.92 9.80
N THR I 268 4.04 -37.50 10.29
CA THR I 268 2.74 -37.62 9.56
C THR I 268 1.64 -37.01 10.41
N GLY I 269 1.14 -35.83 10.02
CA GLY I 269 0.03 -35.13 10.70
C GLY I 269 0.08 -33.63 10.46
N ASN I 270 -0.20 -32.83 11.49
CA ASN I 270 -0.27 -31.34 11.40
C ASN I 270 0.22 -30.74 12.72
N TYR I 271 -0.01 -29.44 12.92
CA TYR I 271 0.43 -28.68 14.12
C TYR I 271 -0.63 -28.77 15.23
N GLN I 272 -1.48 -29.80 15.22
CA GLN I 272 -2.40 -30.15 16.33
C GLN I 272 -2.00 -31.54 16.84
N CYS I 273 -2.09 -32.56 15.97
CA CYS I 273 -1.72 -33.97 16.24
C CYS I 273 -0.88 -34.50 15.09
N GLY I 274 -0.02 -35.48 15.36
CA GLY I 274 0.89 -36.11 14.40
C GLY I 274 1.66 -37.24 15.05
N HIS I 275 2.33 -38.07 14.26
CA HIS I 275 3.05 -39.28 14.74
C HIS I 275 4.44 -39.33 14.10
N TYR I 276 5.45 -39.66 14.92
CA TYR I 276 6.88 -39.80 14.51
C TYR I 276 7.18 -41.27 14.25
N LYS I 277 7.83 -41.53 13.11
CA LYS I 277 8.54 -42.80 12.79
C LYS I 277 10.01 -42.46 12.57
N HIS I 278 10.89 -43.44 12.77
CA HIS I 278 12.36 -43.30 12.62
C HIS I 278 12.81 -44.15 11.42
N ILE I 279 13.63 -43.57 10.54
CA ILE I 279 14.26 -44.27 9.38
C ILE I 279 15.77 -44.30 9.65
N THR I 280 16.46 -45.40 9.32
CA THR I 280 17.93 -45.54 9.49
C THR I 280 18.51 -46.36 8.33
N SER I 281 19.77 -46.09 8.00
CA SER I 281 20.56 -46.80 6.95
C SER I 281 21.52 -47.79 7.63
N LYS I 282 21.20 -49.08 7.56
CA LYS I 282 22.06 -50.22 7.97
C LYS I 282 22.48 -50.94 6.67
N GLU I 283 22.30 -52.27 6.57
CA GLU I 283 22.56 -53.04 5.33
C GLU I 283 21.50 -52.71 4.27
N THR I 284 20.26 -52.41 4.71
CA THR I 284 19.17 -51.81 3.90
C THR I 284 18.53 -50.69 4.73
N LEU I 285 17.43 -50.10 4.23
CA LEU I 285 16.66 -49.04 4.95
C LEU I 285 15.67 -49.70 5.92
N TYR I 286 15.81 -49.42 7.22
CA TYR I 286 14.86 -49.82 8.29
C TYR I 286 13.87 -48.66 8.52
N CYS I 287 12.61 -48.99 8.80
CA CYS I 287 11.55 -48.06 9.30
C CYS I 287 11.06 -48.57 10.65
N ILE I 288 11.53 -47.93 11.74
CA ILE I 288 11.15 -48.29 13.15
C ILE I 288 10.00 -47.37 13.59
N ASP I 289 8.87 -47.96 13.99
CA ASP I 289 7.67 -47.25 14.50
C ASP I 289 7.27 -47.93 15.82
N GLY I 290 7.88 -47.50 16.93
CA GLY I 290 7.72 -48.15 18.24
C GLY I 290 8.30 -49.55 18.23
N ALA I 291 7.45 -50.58 18.36
CA ALA I 291 7.85 -52.01 18.33
C ALA I 291 7.98 -52.51 16.88
N LEU I 292 7.16 -52.00 15.96
CA LEU I 292 7.03 -52.51 14.57
C LEU I 292 8.26 -52.09 13.76
N LEU I 293 8.82 -53.03 13.00
CA LEU I 293 9.97 -52.77 12.08
C LEU I 293 9.56 -53.21 10.67
N THR I 294 9.93 -52.46 9.64
CA THR I 294 9.72 -52.83 8.21
C THR I 294 10.98 -52.43 7.42
N LYS I 295 11.40 -53.27 6.47
CA LYS I 295 12.60 -53.04 5.62
C LYS I 295 12.14 -52.59 4.23
N SER I 296 13.10 -52.15 3.40
CA SER I 296 12.93 -51.77 1.98
C SER I 296 14.26 -51.22 1.46
N SER I 297 14.55 -51.41 0.17
CA SER I 297 15.79 -50.92 -0.48
C SER I 297 15.68 -49.40 -0.74
N GLU I 298 14.45 -48.87 -0.87
CA GLU I 298 14.17 -47.43 -1.14
C GLU I 298 13.14 -46.94 -0.12
N TYR I 299 12.94 -45.61 -0.01
CA TYR I 299 11.95 -45.00 0.92
C TYR I 299 11.65 -43.54 0.57
N LYS I 300 10.37 -43.22 0.34
CA LYS I 300 9.83 -41.86 0.17
C LYS I 300 8.74 -41.64 1.23
N GLY I 301 8.80 -40.51 1.96
CA GLY I 301 7.81 -40.17 2.99
C GLY I 301 8.00 -38.74 3.50
N PRO I 302 7.09 -38.21 4.35
CA PRO I 302 7.21 -36.84 4.86
C PRO I 302 8.28 -36.71 5.95
N ILE I 303 9.52 -36.42 5.54
CA ILE I 303 10.69 -36.31 6.46
C ILE I 303 10.77 -34.86 6.95
N THR I 304 11.21 -34.68 8.20
CA THR I 304 11.35 -33.35 8.87
C THR I 304 12.78 -33.16 9.43
N ASP I 305 13.47 -34.24 9.83
CA ASP I 305 14.85 -34.22 10.38
C ASP I 305 15.69 -35.30 9.71
N VAL I 306 16.95 -35.01 9.35
CA VAL I 306 17.92 -35.99 8.78
C VAL I 306 19.28 -35.79 9.46
N PHE I 307 19.88 -36.87 9.95
CA PHE I 307 21.22 -36.89 10.61
C PHE I 307 22.25 -37.53 9.68
N TYR I 308 23.34 -36.80 9.38
CA TYR I 308 24.47 -37.27 8.55
C TYR I 308 25.72 -37.38 9.45
N LYS I 309 26.57 -38.38 9.18
CA LYS I 309 27.88 -38.55 9.85
C LYS I 309 28.88 -37.59 9.18
N GLU I 310 29.67 -36.85 9.95
CA GLU I 310 30.72 -35.93 9.43
C GLU I 310 31.97 -36.07 10.31
N ASN I 311 33.12 -35.72 9.74
CA ASN I 311 34.40 -35.56 10.48
C ASN I 311 34.84 -34.08 10.31
N SER I 312 35.51 -33.78 9.21
CA SER I 312 35.96 -32.43 8.80
C SER I 312 35.76 -32.25 7.28
N TYR I 313 35.01 -31.23 6.88
CA TYR I 313 34.72 -30.88 5.45
C TYR I 313 35.08 -29.42 5.19
N THR I 314 35.73 -29.15 4.06
CA THR I 314 36.03 -27.78 3.52
C THR I 314 35.52 -27.74 2.07
N THR I 315 34.97 -26.60 1.64
CA THR I 315 34.31 -26.45 0.31
C THR I 315 35.40 -26.36 -0.78
N THR I 316 35.00 -26.45 -2.06
CA THR I 316 35.86 -26.24 -3.25
C THR I 316 35.28 -25.10 -4.10
N ILE I 317 35.16 -23.90 -3.52
CA ILE I 317 34.60 -22.67 -4.14
C ILE I 317 35.49 -21.48 -3.75
N ALA J 3 34.57 -32.21 47.09
CA ALA J 3 33.39 -31.85 47.91
C ALA J 3 32.89 -30.45 47.50
N GLY J 4 32.34 -29.68 48.44
CA GLY J 4 31.87 -28.30 48.24
C GLY J 4 32.80 -27.29 48.89
N TRP J 5 32.49 -26.00 48.77
CA TRP J 5 33.33 -24.88 49.27
C TRP J 5 32.52 -23.57 49.24
N ASP J 6 32.97 -22.57 50.00
CA ASP J 6 32.27 -21.27 50.17
C ASP J 6 33.12 -20.12 49.60
N LEU J 7 32.45 -19.07 49.15
CA LEU J 7 33.04 -17.90 48.46
C LEU J 7 32.45 -16.63 49.09
N THR J 8 33.28 -15.63 49.39
CA THR J 8 32.81 -14.33 49.95
C THR J 8 32.42 -13.43 48.79
N VAL J 9 31.26 -12.79 48.89
CA VAL J 9 30.73 -11.84 47.88
C VAL J 9 30.66 -10.46 48.53
N LYS J 10 31.57 -9.58 48.16
CA LYS J 10 31.60 -8.16 48.63
C LYS J 10 30.78 -7.33 47.64
N MET J 11 29.79 -6.58 48.13
CA MET J 11 29.03 -5.60 47.30
C MET J 11 29.81 -4.27 47.30
N LEU J 12 29.46 -3.36 46.37
CA LEU J 12 30.03 -1.99 46.29
C LEU J 12 29.58 -1.18 47.50
N ALA J 13 28.34 -1.40 47.97
CA ALA J 13 27.75 -0.82 49.20
C ALA J 13 28.66 -1.06 50.43
N GLY J 14 29.64 -1.97 50.30
CA GLY J 14 30.64 -2.31 51.33
C GLY J 14 30.33 -3.63 52.02
N ASN J 15 29.04 -3.93 52.18
CA ASN J 15 28.47 -5.06 52.99
C ASN J 15 28.67 -6.40 52.26
N GLU J 16 29.25 -7.37 52.98
CA GLU J 16 29.64 -8.71 52.46
C GLU J 16 28.56 -9.74 52.83
N PHE J 17 28.63 -10.92 52.22
CA PHE J 17 27.87 -12.15 52.58
C PHE J 17 28.57 -13.36 51.96
N GLN J 18 28.10 -14.57 52.29
CA GLN J 18 28.72 -15.86 51.87
C GLN J 18 27.78 -16.60 50.91
N VAL J 19 28.34 -17.47 50.06
CA VAL J 19 27.58 -18.41 49.18
C VAL J 19 28.33 -19.74 49.15
N SER J 20 27.58 -20.84 49.07
CA SER J 20 28.09 -22.23 48.98
C SER J 20 28.08 -22.68 47.52
N LEU J 21 29.17 -23.32 47.08
CA LEU J 21 29.34 -23.84 45.70
C LEU J 21 29.81 -25.29 45.76
N SER J 22 29.95 -25.93 44.61
CA SER J 22 30.64 -27.24 44.42
C SER J 22 31.62 -27.10 43.25
N SER J 23 32.57 -28.03 43.13
CA SER J 23 33.74 -27.92 42.21
C SER J 23 33.29 -27.48 40.81
N SER J 24 32.29 -28.17 40.22
CA SER J 24 31.88 -28.04 38.80
C SER J 24 31.05 -26.77 38.54
N MET J 25 30.65 -26.02 39.58
CA MET J 25 29.76 -24.84 39.44
C MET J 25 30.48 -23.72 38.69
N SER J 26 29.81 -23.17 37.67
CA SER J 26 30.25 -22.00 36.87
C SER J 26 29.59 -20.73 37.42
N VAL J 27 29.81 -19.60 36.76
CA VAL J 27 29.26 -18.27 37.14
C VAL J 27 27.72 -18.34 37.13
N SER J 28 27.13 -18.99 36.12
CA SER J 28 25.66 -19.15 35.99
C SER J 28 25.07 -19.56 37.35
N GLU J 29 25.69 -20.52 38.01
CA GLU J 29 25.23 -21.10 39.31
C GLU J 29 25.53 -20.11 40.43
N LEU J 30 26.70 -19.46 40.41
CA LEU J 30 27.14 -18.48 41.43
C LEU J 30 26.11 -17.33 41.50
N LYS J 31 25.74 -16.75 40.37
CA LYS J 31 24.75 -15.64 40.29
C LYS J 31 23.39 -16.12 40.82
N ALA J 32 23.00 -17.36 40.51
CA ALA J 32 21.74 -18.00 40.96
C ALA J 32 21.70 -18.06 42.50
N GLN J 33 22.85 -18.24 43.14
CA GLN J 33 22.99 -18.32 44.62
C GLN J 33 22.91 -16.90 45.20
N ILE J 34 23.42 -15.91 44.44
CA ILE J 34 23.33 -14.46 44.78
C ILE J 34 21.85 -14.04 44.63
N THR J 35 21.22 -14.44 43.52
CA THR J 35 19.75 -14.27 43.26
C THR J 35 18.97 -14.82 44.48
N GLN J 36 19.29 -16.05 44.90
CA GLN J 36 18.78 -16.68 46.13
C GLN J 36 18.91 -15.71 47.33
N LYS J 37 20.11 -15.20 47.59
CA LYS J 37 20.48 -14.54 48.88
C LYS J 37 20.01 -13.08 48.92
N ILE J 38 19.94 -12.37 47.78
CA ILE J 38 19.59 -10.90 47.76
C ILE J 38 18.44 -10.61 46.79
N GLY J 39 18.01 -11.56 45.95
CA GLY J 39 16.86 -11.41 45.04
C GLY J 39 17.12 -10.44 43.90
N VAL J 40 18.17 -10.68 43.11
CA VAL J 40 18.55 -9.83 41.94
C VAL J 40 18.83 -10.75 40.75
N HIS J 41 18.25 -10.44 39.58
CA HIS J 41 18.42 -11.20 38.32
C HIS J 41 19.91 -11.41 38.02
N ALA J 42 20.27 -12.59 37.52
CA ALA J 42 21.65 -12.98 37.14
C ALA J 42 22.23 -11.99 36.13
N PHE J 43 21.41 -11.49 35.20
CA PHE J 43 21.86 -10.62 34.08
C PHE J 43 22.12 -9.19 34.59
N GLN J 44 21.65 -8.86 35.80
CA GLN J 44 21.82 -7.52 36.44
C GLN J 44 22.97 -7.55 37.48
N GLN J 45 23.98 -8.39 37.28
CA GLN J 45 25.12 -8.60 38.23
C GLN J 45 26.44 -8.58 37.46
N ARG J 46 27.31 -7.61 37.71
CA ARG J 46 28.71 -7.60 37.23
C ARG J 46 29.57 -8.21 38.34
N LEU J 47 30.43 -9.18 38.01
CA LEU J 47 31.28 -9.90 39.01
C LEU J 47 32.75 -9.83 38.59
N ALA J 48 33.62 -9.56 39.56
CA ALA J 48 35.09 -9.54 39.38
C ALA J 48 35.75 -10.17 40.62
N VAL J 49 36.90 -10.82 40.44
CA VAL J 49 37.74 -11.34 41.55
C VAL J 49 38.20 -10.14 42.38
N HIS J 50 38.25 -10.28 43.71
CA HIS J 50 38.63 -9.19 44.64
C HIS J 50 39.86 -9.62 45.43
N PRO J 51 40.95 -8.81 45.48
CA PRO J 51 40.97 -7.45 44.92
C PRO J 51 41.59 -7.29 43.53
N SER J 52 42.02 -8.37 42.87
CA SER J 52 42.70 -8.36 41.56
C SER J 52 41.85 -7.64 40.50
N GLY J 53 40.52 -7.78 40.57
CA GLY J 53 39.57 -7.03 39.73
C GLY J 53 39.51 -7.53 38.29
N VAL J 54 39.81 -8.82 38.05
CA VAL J 54 39.70 -9.47 36.71
C VAL J 54 38.35 -10.19 36.63
N ALA J 55 37.69 -10.10 35.47
CA ALA J 55 36.33 -10.64 35.20
C ALA J 55 36.39 -12.18 35.17
N LEU J 56 35.22 -12.82 35.31
CA LEU J 56 35.08 -14.29 35.42
C LEU J 56 34.75 -14.89 34.05
N GLN J 57 35.45 -15.97 33.66
CA GLN J 57 35.18 -16.76 32.44
C GLN J 57 33.85 -17.50 32.59
N ASP J 58 33.03 -17.48 31.53
CA ASP J 58 31.55 -17.56 31.63
C ASP J 58 31.07 -19.01 31.78
N ARG J 59 31.71 -19.99 31.15
CA ARG J 59 31.22 -21.40 31.17
C ARG J 59 32.18 -22.29 31.97
N VAL J 60 33.46 -21.94 32.07
CA VAL J 60 34.48 -22.74 32.82
C VAL J 60 34.17 -22.63 34.30
N PRO J 61 34.27 -23.74 35.09
CA PRO J 61 34.03 -23.71 36.53
C PRO J 61 34.94 -22.72 37.28
N LEU J 62 34.45 -22.18 38.40
CA LEU J 62 35.13 -21.14 39.21
C LEU J 62 36.45 -21.72 39.76
N ALA J 63 36.44 -23.00 40.12
CA ALA J 63 37.59 -23.76 40.69
C ALA J 63 38.72 -23.89 39.65
N SER J 64 38.38 -23.89 38.35
CA SER J 64 39.33 -23.96 37.21
C SER J 64 40.12 -22.65 37.08
N GLN J 65 39.47 -21.52 37.39
CA GLN J 65 40.07 -20.16 37.38
C GLN J 65 40.82 -19.95 38.70
N GLY J 66 41.08 -18.69 39.08
CA GLY J 66 41.76 -18.36 40.35
C GLY J 66 40.98 -18.86 41.56
N LEU J 67 39.64 -18.76 41.51
CA LEU J 67 38.73 -18.94 42.67
C LEU J 67 38.83 -20.35 43.25
N GLY J 68 39.18 -20.44 44.54
CA GLY J 68 39.07 -21.65 45.38
C GLY J 68 38.44 -21.28 46.73
N PRO J 69 38.56 -22.12 47.77
CA PRO J 69 38.00 -21.77 49.09
C PRO J 69 38.74 -20.61 49.75
N GLY J 70 37.99 -19.65 50.31
CA GLY J 70 38.51 -18.51 51.10
C GLY J 70 38.76 -17.27 50.27
N SER J 71 38.69 -17.36 48.94
CA SER J 71 38.83 -16.21 48.00
C SER J 71 37.52 -15.41 47.98
N THR J 72 37.55 -14.22 47.38
CA THR J 72 36.45 -13.21 47.43
C THR J 72 36.15 -12.67 46.02
N VAL J 73 34.88 -12.42 45.75
CA VAL J 73 34.37 -11.85 44.47
C VAL J 73 33.66 -10.53 44.79
N LEU J 74 33.82 -9.52 43.92
CA LEU J 74 33.12 -8.22 44.01
C LEU J 74 31.84 -8.30 43.16
N LEU J 75 30.73 -7.74 43.69
CA LEU J 75 29.40 -7.70 43.03
C LEU J 75 28.94 -6.25 42.88
N VAL J 76 28.72 -5.81 41.64
CA VAL J 76 28.05 -4.53 41.29
C VAL J 76 26.68 -4.86 40.67
N VAL J 77 25.64 -4.13 41.08
CA VAL J 77 24.22 -4.34 40.66
C VAL J 77 23.81 -3.19 39.74
N ASP J 78 23.66 -3.47 38.44
CA ASP J 78 23.16 -2.49 37.42
C ASP J 78 21.69 -2.82 37.11
N LYS J 79 20.75 -2.07 37.71
CA LYS J 79 19.29 -2.28 37.56
C LYS J 79 18.75 -1.54 36.33
N CYS J 80 19.60 -0.76 35.64
CA CYS J 80 19.23 0.01 34.42
C CYS J 80 18.45 -0.90 33.47
N ASP J 81 17.21 -0.53 33.15
CA ASP J 81 16.22 -1.40 32.45
C ASP J 81 15.44 -0.54 31.45
N GLU J 82 16.16 0.18 30.58
CA GLU J 82 15.56 1.06 29.55
C GLU J 82 15.04 0.18 28.42
N PRO J 83 13.96 0.58 27.72
CA PRO J 83 13.45 -0.20 26.59
C PRO J 83 14.48 -0.28 25.46
N LEU J 84 14.45 -1.38 24.69
CA LEU J 84 15.22 -1.58 23.43
C LEU J 84 14.31 -2.25 22.41
N SER J 85 14.63 -2.14 21.12
CA SER J 85 13.96 -2.86 20.00
C SER J 85 14.69 -4.18 19.75
N ILE J 86 13.96 -5.29 19.66
CA ILE J 86 14.49 -6.60 19.20
C ILE J 86 13.64 -7.09 18.03
N LEU J 87 14.21 -7.97 17.20
CA LEU J 87 13.52 -8.64 16.07
C LEU J 87 13.17 -10.08 16.49
N VAL J 88 12.04 -10.59 15.99
CA VAL J 88 11.64 -12.02 16.10
C VAL J 88 11.20 -12.50 14.70
N ARG J 89 12.01 -13.38 14.12
CA ARG J 89 11.91 -13.90 12.73
C ARG J 89 10.94 -15.08 12.72
N ASN J 90 9.96 -15.09 11.80
CA ASN J 90 8.96 -16.19 11.69
C ASN J 90 9.46 -17.21 10.65
N ASN J 91 8.75 -18.33 10.55
CA ASN J 91 9.01 -19.47 9.61
C ASN J 91 9.15 -18.97 8.16
N LYS J 92 8.34 -17.97 7.75
CA LYS J 92 8.32 -17.40 6.37
C LYS J 92 9.58 -16.57 6.11
N GLY J 93 10.18 -15.97 7.15
CA GLY J 93 11.45 -15.20 7.07
C GLY J 93 11.30 -13.71 7.42
N ARG J 94 10.07 -13.25 7.72
CA ARG J 94 9.77 -11.83 8.07
C ARG J 94 10.13 -11.57 9.54
N SER J 95 11.29 -10.96 9.78
CA SER J 95 11.69 -10.38 11.09
C SER J 95 10.78 -9.19 11.39
N SER J 96 10.00 -9.25 12.48
CA SER J 96 9.09 -8.17 12.96
C SER J 96 9.67 -7.56 14.25
N THR J 97 9.44 -6.26 14.48
CA THR J 97 10.09 -5.45 15.55
C THR J 97 9.17 -5.30 16.77
N TYR J 98 9.71 -5.53 17.96
CA TYR J 98 9.00 -5.45 19.27
C TYR J 98 9.84 -4.63 20.27
N GLU J 99 9.23 -3.61 20.87
CA GLU J 99 9.85 -2.82 21.97
C GLU J 99 9.68 -3.64 23.26
N VAL J 100 10.79 -3.94 23.95
CA VAL J 100 10.83 -4.82 25.15
C VAL J 100 11.79 -4.24 26.20
N ARG J 101 11.75 -4.82 27.39
CA ARG J 101 12.68 -4.56 28.54
C ARG J 101 13.24 -5.90 29.00
N LEU J 102 14.50 -5.94 29.43
CA LEU J 102 15.21 -7.19 29.80
C LEU J 102 14.61 -7.77 31.09
N THR J 103 13.71 -7.07 31.77
CA THR J 103 13.02 -7.56 33.01
C THR J 103 11.73 -8.32 32.66
N GLN J 104 11.14 -8.03 31.51
CA GLN J 104 9.95 -8.73 30.96
C GLN J 104 10.29 -10.21 30.75
N THR J 105 9.32 -11.10 31.03
CA THR J 105 9.44 -12.57 30.85
C THR J 105 9.39 -12.93 29.37
N VAL J 106 10.01 -14.06 29.01
CA VAL J 106 9.90 -14.73 27.68
C VAL J 106 8.42 -14.92 27.35
N ALA J 107 7.59 -15.24 28.35
CA ALA J 107 6.12 -15.40 28.22
C ALA J 107 5.50 -14.11 27.68
N HIS J 108 5.94 -12.94 28.17
CA HIS J 108 5.39 -11.62 27.78
C HIS J 108 5.71 -11.32 26.32
N LEU J 109 6.96 -11.59 25.90
CA LEU J 109 7.41 -11.45 24.49
C LEU J 109 6.56 -12.38 23.61
N LYS J 110 6.40 -13.64 24.02
CA LYS J 110 5.63 -14.68 23.29
C LYS J 110 4.24 -14.13 22.97
N GLN J 111 3.52 -13.62 23.97
CA GLN J 111 2.15 -13.04 23.82
C GLN J 111 2.19 -11.97 22.72
N GLN J 112 3.16 -11.05 22.78
CA GLN J 112 3.36 -10.00 21.74
C GLN J 112 3.47 -10.69 20.38
N VAL J 113 4.35 -11.68 20.24
CA VAL J 113 4.59 -12.41 18.97
C VAL J 113 3.28 -13.08 18.55
N SER J 114 2.66 -13.83 19.47
CA SER J 114 1.37 -14.53 19.24
C SER J 114 0.37 -13.54 18.61
N GLY J 115 0.15 -12.40 19.25
CA GLY J 115 -0.75 -11.33 18.79
C GLY J 115 -0.46 -10.91 17.35
N LEU J 116 0.81 -10.67 17.02
CA LEU J 116 1.23 -10.04 15.74
C LEU J 116 1.17 -11.04 14.59
N GLU J 117 1.56 -12.30 14.83
CA GLU J 117 1.73 -13.36 13.80
C GLU J 117 0.45 -14.22 13.67
N GLY J 118 -0.46 -14.14 14.66
CA GLY J 118 -1.74 -14.87 14.67
C GLY J 118 -1.56 -16.36 14.89
N VAL J 119 -0.88 -16.74 16.00
CA VAL J 119 -0.51 -18.15 16.36
C VAL J 119 -0.59 -18.30 17.89
N GLN J 120 -1.32 -19.31 18.39
CA GLN J 120 -1.44 -19.60 19.85
C GLN J 120 -0.04 -19.77 20.45
N ASP J 121 0.16 -19.29 21.67
CA ASP J 121 1.52 -19.09 22.27
C ASP J 121 2.19 -20.45 22.55
N ASP J 122 1.45 -21.56 22.55
CA ASP J 122 1.98 -22.92 22.88
C ASP J 122 2.04 -23.79 21.61
N LEU J 123 2.01 -23.17 20.42
CA LEU J 123 2.21 -23.87 19.13
C LEU J 123 3.55 -23.44 18.51
N PHE J 124 4.38 -22.73 19.27
CA PHE J 124 5.73 -22.30 18.83
C PHE J 124 6.65 -22.13 20.05
N TRP J 125 7.96 -22.18 19.77
CA TRP J 125 9.06 -21.97 20.76
C TRP J 125 10.09 -21.01 20.17
N LEU J 126 10.75 -20.24 21.02
CA LEU J 126 11.71 -19.18 20.61
C LEU J 126 13.14 -19.68 20.86
N THR J 127 14.04 -19.44 19.92
CA THR J 127 15.50 -19.64 20.10
C THR J 127 16.21 -18.29 19.94
N PHE J 128 17.17 -18.01 20.82
CA PHE J 128 18.24 -17.02 20.59
C PHE J 128 19.59 -17.77 20.61
N GLU J 129 20.35 -17.66 19.52
CA GLU J 129 21.71 -18.26 19.38
C GLU J 129 21.66 -19.76 19.70
N GLY J 130 20.72 -20.50 19.11
CA GLY J 130 20.62 -21.98 19.26
C GLY J 130 20.03 -22.39 20.60
N LYS J 131 19.94 -21.45 21.56
CA LYS J 131 19.44 -21.70 22.94
C LYS J 131 17.94 -21.41 22.99
N PRO J 132 17.09 -22.35 23.47
CA PRO J 132 15.66 -22.12 23.55
C PRO J 132 15.31 -21.24 24.76
N LEU J 133 14.37 -20.31 24.60
CA LEU J 133 13.92 -19.36 25.66
C LEU J 133 12.83 -20.04 26.49
N GLU J 134 13.02 -20.12 27.81
CA GLU J 134 12.04 -20.68 28.77
C GLU J 134 11.07 -19.57 29.19
N ASP J 135 9.77 -19.85 29.16
CA ASP J 135 8.63 -18.88 29.26
C ASP J 135 8.79 -17.96 30.48
N GLN J 136 9.26 -18.49 31.61
CA GLN J 136 9.15 -17.84 32.95
C GLN J 136 10.41 -17.02 33.27
N LEU J 137 11.54 -17.24 32.59
CA LEU J 137 12.80 -16.48 32.81
C LEU J 137 12.71 -15.11 32.14
N PRO J 138 13.50 -14.11 32.59
CA PRO J 138 13.56 -12.80 31.92
C PRO J 138 14.43 -12.75 30.64
N LEU J 139 14.05 -11.89 29.69
CA LEU J 139 14.75 -11.69 28.39
C LEU J 139 16.24 -11.42 28.61
N GLY J 140 16.58 -10.69 29.67
CA GLY J 140 17.97 -10.30 29.99
C GLY J 140 18.86 -11.51 30.21
N GLU J 141 18.28 -12.61 30.70
CA GLU J 141 19.00 -13.87 31.04
C GLU J 141 19.69 -14.44 29.80
N TYR J 142 19.19 -14.15 28.61
CA TYR J 142 19.68 -14.69 27.32
C TYR J 142 20.58 -13.67 26.62
N GLY J 143 20.86 -12.54 27.28
CA GLY J 143 21.83 -11.53 26.84
C GLY J 143 21.47 -10.89 25.51
N LEU J 144 20.22 -10.47 25.36
CA LEU J 144 19.74 -9.77 24.14
C LEU J 144 20.27 -8.33 24.15
N LYS J 145 20.68 -7.84 22.97
CA LYS J 145 21.15 -6.45 22.74
C LYS J 145 20.19 -5.76 21.76
N PRO J 146 20.18 -4.41 21.71
CA PRO J 146 19.43 -3.70 20.67
C PRO J 146 19.63 -4.28 19.27
N LEU J 147 18.52 -4.62 18.61
CA LEU J 147 18.42 -5.20 17.25
C LEU J 147 18.94 -6.65 17.22
N SER J 148 18.91 -7.35 18.36
CA SER J 148 19.07 -8.84 18.42
C SER J 148 17.89 -9.50 17.70
N THR J 149 18.16 -10.58 16.95
CA THR J 149 17.17 -11.39 16.19
C THR J 149 16.92 -12.71 16.92
N VAL J 150 15.72 -12.87 17.47
CA VAL J 150 15.19 -14.13 18.07
C VAL J 150 14.44 -14.90 16.96
N PHE J 151 14.45 -16.23 17.01
CA PHE J 151 13.84 -17.13 16.00
C PHE J 151 12.54 -17.73 16.54
N MET J 152 11.44 -17.52 15.84
CA MET J 152 10.15 -18.22 16.03
C MET J 152 10.26 -19.60 15.34
N ASN J 153 10.05 -20.68 16.09
CA ASN J 153 10.01 -22.07 15.58
C ASN J 153 8.60 -22.63 15.77
N LEU J 154 7.94 -23.08 14.70
CA LEU J 154 6.66 -23.82 14.82
C LEU J 154 6.93 -25.14 15.54
N ARG J 155 5.99 -25.57 16.39
CA ARG J 155 6.13 -26.76 17.26
C ARG J 155 5.35 -27.92 16.64
N LEU J 156 6.05 -28.96 16.21
CA LEU J 156 5.44 -30.26 15.81
C LEU J 156 4.88 -30.92 17.07
N ARG J 157 3.71 -31.56 16.93
CA ARG J 157 2.89 -32.09 18.05
C ARG J 157 2.77 -33.60 17.88
N GLY J 158 3.83 -34.34 18.22
CA GLY J 158 3.97 -35.78 17.94
C GLY J 158 3.56 -36.64 19.13
N GLY J 159 2.75 -37.66 18.89
CA GLY J 159 2.37 -38.68 19.88
C GLY J 159 2.71 -40.07 19.37
ZN ZN K . 0.89 -22.48 4.00
ZN ZN L . -17.10 -11.47 -9.39
ZN ZN M . -7.95 8.26 -19.44
ZN ZN N . 15.55 8.86 -12.92
ZN ZN O . 20.75 -8.71 2.23
#